data_5HT0
#
_entry.id   5HT0
#
_cell.length_a   107.016
_cell.length_b   159.501
_cell.length_c   146.225
_cell.angle_alpha   90.00
_cell.angle_beta   94.74
_cell.angle_gamma   90.00
#
_symmetry.space_group_name_H-M   'C 1 2 1'
#
loop_
_entity.id
_entity.type
_entity.pdbx_description
1 polymer 'Aminoglycoside acetyltransferase HMB0005'
2 non-polymer 'COENZYME A'
3 non-polymer 'SULFATE ION'
4 water water
#
_entity_poly.entity_id   1
_entity_poly.type   'polypeptide(L)'
_entity_poly.pdbx_seq_one_letter_code
;MSSRVSTRSSLAEDLRAIGLADGDAVLVHAALRKVGKIVGGPDDILDAMRDVIGPAGTVLGYADWQLEDEIRDDPAMREH
IPAFDPLRSRSIRDNGFWPELIRTTPGALRSASPGASMAAIGGEAEWFTADHALDYGYGPRSPLGKLVEAKGKVLMLGAP
LDTMTLLHHAEHLADFPNKRILRYEAPILVDGEKVWRWFEEFDTSDPPDGLADDYFAGIVEEFLATGRGKRGKIGEASSV
LVPADEIVAFAVDWLERWGRTAR
;
_entity_poly.pdbx_strand_id   A,B,C,D,E,F
#
# COMPACT_ATOMS: atom_id res chain seq x y z
N ARG A 4 -46.63 -10.05 3.60
CA ARG A 4 -46.93 -9.07 2.56
C ARG A 4 -45.84 -8.01 2.47
N VAL A 5 -45.36 -7.80 1.25
CA VAL A 5 -44.27 -6.88 1.00
C VAL A 5 -44.75 -5.50 0.60
N SER A 6 -43.97 -4.50 0.96
CA SER A 6 -44.26 -3.13 0.61
C SER A 6 -43.23 -2.64 -0.39
N THR A 7 -43.58 -1.61 -1.14
CA THR A 7 -42.68 -1.04 -2.11
C THR A 7 -42.72 0.47 -2.03
N ARG A 8 -41.85 1.13 -2.77
CA ARG A 8 -41.86 2.57 -2.85
C ARG A 8 -43.23 3.07 -3.35
N SER A 9 -43.79 2.34 -4.30
CA SER A 9 -45.12 2.65 -4.82
C SER A 9 -46.20 2.38 -3.79
N SER A 10 -46.15 1.19 -3.21
CA SER A 10 -47.11 0.77 -2.20
C SER A 10 -47.12 1.71 -1.00
N LEU A 11 -45.93 1.99 -0.46
CA LEU A 11 -45.83 2.88 0.68
C LEU A 11 -46.36 4.27 0.33
N ALA A 12 -46.19 4.67 -0.93
CA ALA A 12 -46.69 5.97 -1.37
C ALA A 12 -48.21 6.06 -1.22
N GLU A 13 -48.91 5.02 -1.64
CA GLU A 13 -50.37 5.02 -1.60
C GLU A 13 -50.91 4.94 -0.16
N ASP A 14 -50.16 4.29 0.72
CA ASP A 14 -50.56 4.25 2.12
C ASP A 14 -50.37 5.62 2.75
N LEU A 15 -49.29 6.28 2.36
CA LEU A 15 -48.98 7.62 2.84
C LEU A 15 -49.96 8.64 2.29
N ARG A 16 -50.44 8.41 1.07
CA ARG A 16 -51.49 9.26 0.52
C ARG A 16 -52.83 8.96 1.17
N ALA A 17 -53.04 7.71 1.57
CA ALA A 17 -54.29 7.34 2.20
C ALA A 17 -54.44 7.98 3.58
N ILE A 18 -53.33 8.09 4.30
CA ILE A 18 -53.37 8.63 5.66
C ILE A 18 -53.49 10.16 5.63
N GLY A 19 -52.93 10.83 4.63
CA GLY A 19 -53.20 12.23 4.42
C GLY A 19 -52.05 13.19 4.14
N LEU A 20 -50.91 12.70 3.68
CA LEU A 20 -49.83 13.58 3.26
C LEU A 20 -50.13 14.14 1.88
N ALA A 21 -49.67 15.35 1.61
CA ALA A 21 -49.94 15.98 0.33
C ALA A 21 -48.77 16.85 -0.10
N ASP A 22 -48.90 17.42 -1.29
CA ASP A 22 -47.88 18.31 -1.84
C ASP A 22 -47.59 19.47 -0.89
N GLY A 23 -46.31 19.60 -0.49
CA GLY A 23 -45.87 20.75 0.27
C GLY A 23 -45.79 20.59 1.78
N ASP A 24 -46.25 19.46 2.30
CA ASP A 24 -46.32 19.26 3.75
C ASP A 24 -44.97 19.15 4.44
N ALA A 25 -44.89 19.73 5.64
CA ALA A 25 -43.82 19.42 6.56
C ALA A 25 -44.31 18.33 7.51
N VAL A 26 -43.51 17.29 7.71
CA VAL A 26 -43.94 16.23 8.61
C VAL A 26 -42.80 15.72 9.50
N LEU A 27 -43.01 15.82 10.80
CA LEU A 27 -42.12 15.21 11.78
C LEU A 27 -42.57 13.78 11.98
N VAL A 28 -41.69 12.82 11.72
CA VAL A 28 -42.06 11.42 11.81
C VAL A 28 -41.37 10.71 12.98
N HIS A 29 -42.17 10.03 13.80
CA HIS A 29 -41.64 9.12 14.80
C HIS A 29 -41.98 7.70 14.35
N ALA A 30 -41.02 6.78 14.45
CA ALA A 30 -41.23 5.48 13.83
C ALA A 30 -40.73 4.29 14.63
N ALA A 31 -41.45 3.18 14.50
CA ALA A 31 -40.98 1.87 14.94
C ALA A 31 -40.87 1.03 13.67
N LEU A 32 -39.75 1.16 12.97
CA LEU A 32 -39.59 0.65 11.61
C LEU A 32 -39.89 -0.85 11.47
N ARG A 33 -39.68 -1.59 12.53
CA ARG A 33 -39.77 -3.04 12.49
C ARG A 33 -41.18 -3.55 12.22
N LYS A 34 -42.20 -2.79 12.61
CA LYS A 34 -43.57 -3.27 12.45
C LYS A 34 -44.22 -2.81 11.14
N VAL A 35 -43.48 -2.05 10.35
CA VAL A 35 -43.86 -1.79 8.97
C VAL A 35 -43.80 -3.10 8.18
N GLY A 36 -43.07 -4.07 8.73
CA GLY A 36 -42.92 -5.35 8.08
C GLY A 36 -41.89 -5.29 6.99
N LYS A 37 -41.95 -6.25 6.07
CA LYS A 37 -40.94 -6.39 5.02
C LYS A 37 -41.07 -5.38 3.90
N ILE A 38 -39.98 -4.67 3.66
CA ILE A 38 -39.89 -3.70 2.57
C ILE A 38 -38.81 -4.15 1.57
N VAL A 39 -39.10 -4.00 0.29
CA VAL A 39 -38.21 -4.51 -0.76
C VAL A 39 -36.83 -3.82 -0.79
N GLY A 40 -36.81 -2.49 -0.75
CA GLY A 40 -35.55 -1.76 -0.80
C GLY A 40 -35.12 -1.20 0.55
N GLY A 41 -35.61 -1.79 1.63
CA GLY A 41 -35.28 -1.34 2.96
C GLY A 41 -36.12 -0.15 3.37
N PRO A 42 -35.92 0.35 4.60
CA PRO A 42 -36.66 1.51 5.11
C PRO A 42 -36.43 2.79 4.28
N ASP A 43 -35.34 2.86 3.52
CA ASP A 43 -35.11 4.00 2.64
C ASP A 43 -36.27 4.20 1.66
N ASP A 44 -37.00 3.12 1.41
CA ASP A 44 -38.21 3.18 0.58
C ASP A 44 -39.31 4.02 1.22
N ILE A 45 -39.34 4.06 2.55
CA ILE A 45 -40.31 4.89 3.24
C ILE A 45 -39.99 6.37 3.02
N LEU A 46 -38.74 6.74 3.22
CA LEU A 46 -38.33 8.12 3.01
C LEU A 46 -38.49 8.49 1.54
N ASP A 47 -38.17 7.55 0.65
CA ASP A 47 -38.29 7.81 -0.78
C ASP A 47 -39.77 7.94 -1.17
N ALA A 48 -40.64 7.16 -0.54
CA ALA A 48 -42.06 7.24 -0.85
C ALA A 48 -42.67 8.52 -0.31
N MET A 49 -42.28 8.89 0.91
CA MET A 49 -42.71 10.15 1.50
C MET A 49 -42.43 11.33 0.60
N ARG A 50 -41.16 11.46 0.23
CA ARG A 50 -40.71 12.57 -0.61
C ARG A 50 -41.44 12.63 -1.94
N ASP A 51 -41.76 11.47 -2.52
CA ASP A 51 -42.57 11.44 -3.73
C ASP A 51 -43.91 12.11 -3.49
N VAL A 52 -44.54 11.76 -2.38
CA VAL A 52 -45.87 12.24 -2.04
C VAL A 52 -45.90 13.74 -1.70
N ILE A 53 -44.94 14.19 -0.90
CA ILE A 53 -44.94 15.60 -0.48
C ILE A 53 -44.19 16.48 -1.46
N GLY A 54 -43.36 15.86 -2.31
CA GLY A 54 -42.64 16.60 -3.32
C GLY A 54 -41.33 17.18 -2.81
N PRO A 55 -40.53 17.76 -3.73
CA PRO A 55 -39.24 18.35 -3.37
C PRO A 55 -39.38 19.57 -2.46
N ALA A 56 -40.57 20.15 -2.42
CA ALA A 56 -40.82 21.32 -1.60
C ALA A 56 -41.28 20.97 -0.19
N GLY A 57 -41.84 19.77 -0.02
CA GLY A 57 -42.17 19.27 1.30
C GLY A 57 -40.91 18.91 2.07
N THR A 58 -41.04 18.75 3.38
CA THR A 58 -39.91 18.45 4.24
C THR A 58 -40.24 17.31 5.21
N VAL A 59 -39.31 16.37 5.39
CA VAL A 59 -39.47 15.30 6.37
C VAL A 59 -38.50 15.48 7.52
N LEU A 60 -38.98 15.33 8.74
CA LEU A 60 -38.13 15.49 9.91
C LEU A 60 -38.00 14.22 10.75
N GLY A 61 -36.98 14.19 11.59
CA GLY A 61 -36.79 13.14 12.57
C GLY A 61 -36.15 13.72 13.81
N TYR A 62 -36.43 13.13 14.96
CA TYR A 62 -35.87 13.60 16.22
C TYR A 62 -34.53 12.94 16.49
N ALA A 63 -33.44 13.70 16.30
CA ALA A 63 -32.10 13.15 16.38
C ALA A 63 -31.58 13.09 17.81
N ASP A 64 -31.61 14.21 18.52
CA ASP A 64 -31.05 14.29 19.87
C ASP A 64 -29.59 13.89 19.72
N TRP A 65 -28.95 13.33 20.73
CA TRP A 65 -27.57 12.86 20.60
C TRP A 65 -27.15 11.85 21.65
N GLN A 66 -26.02 11.19 21.40
CA GLN A 66 -25.50 10.19 22.34
C GLN A 66 -24.57 10.65 23.47
N LEU A 67 -25.09 11.40 24.44
CA LEU A 67 -24.26 11.79 25.61
C LEU A 67 -24.24 10.93 26.91
N GLU A 68 -25.43 10.46 27.31
CA GLU A 68 -25.73 9.72 28.54
C GLU A 68 -25.30 10.31 29.91
N ASP A 69 -25.05 11.61 29.95
CA ASP A 69 -24.67 12.26 31.18
C ASP A 69 -23.35 11.63 31.58
N GLU A 70 -22.65 11.10 30.58
CA GLU A 70 -21.38 10.48 30.82
C GLU A 70 -20.61 11.58 31.52
N ILE A 71 -20.93 12.79 31.13
CA ILE A 71 -20.26 13.94 31.65
C ILE A 71 -20.41 13.84 33.13
N ARG A 72 -21.59 13.47 33.48
CA ARG A 72 -22.04 13.34 34.83
C ARG A 72 -21.96 11.89 35.24
N ASP A 73 -21.80 11.00 34.27
CA ASP A 73 -21.64 9.60 34.56
C ASP A 73 -20.32 9.36 35.27
N ASP A 74 -19.29 10.08 34.85
CA ASP A 74 -18.03 10.05 35.53
C ASP A 74 -17.07 11.12 35.10
N PRO A 75 -17.10 12.31 35.80
CA PRO A 75 -16.08 13.31 35.37
C PRO A 75 -14.74 12.65 35.61
N ALA A 76 -13.71 13.01 34.99
CA ALA A 76 -12.50 12.18 34.83
C ALA A 76 -12.57 11.24 33.63
N MET A 77 -13.58 11.50 32.83
CA MET A 77 -13.85 11.24 31.42
C MET A 77 -14.31 12.50 30.74
N ARG A 78 -14.59 13.53 31.54
CA ARG A 78 -15.07 14.82 31.04
C ARG A 78 -14.41 15.19 29.72
N GLU A 79 -13.09 15.08 29.73
CA GLU A 79 -12.23 15.50 28.64
C GLU A 79 -12.18 14.59 27.42
N HIS A 80 -12.66 13.36 27.55
CA HIS A 80 -12.58 12.42 26.43
C HIS A 80 -13.91 12.40 25.68
N ILE A 81 -14.76 13.33 26.07
CA ILE A 81 -16.08 13.49 25.48
C ILE A 81 -16.00 14.50 24.33
N PRO A 82 -16.17 14.01 23.10
CA PRO A 82 -16.14 14.88 21.92
C PRO A 82 -17.30 15.86 21.98
N ALA A 83 -17.10 17.08 21.48
CA ALA A 83 -18.17 18.06 21.48
C ALA A 83 -19.28 17.64 20.52
N PHE A 84 -20.47 18.23 20.69
CA PHE A 84 -21.55 17.98 19.75
C PHE A 84 -21.22 18.65 18.42
N ASP A 85 -21.17 17.86 17.37
CA ASP A 85 -20.99 18.39 16.02
C ASP A 85 -22.21 17.98 15.20
N PRO A 86 -22.98 18.97 14.73
CA PRO A 86 -24.21 18.71 13.99
C PRO A 86 -24.00 17.94 12.70
N LEU A 87 -22.75 17.82 12.28
CA LEU A 87 -22.46 17.10 11.06
C LEU A 87 -21.90 15.70 11.35
N ARG A 88 -21.43 15.47 12.57
CA ARG A 88 -20.76 14.21 12.88
C ARG A 88 -21.41 13.39 13.99
N SER A 89 -22.09 14.04 14.91
CA SER A 89 -22.69 13.34 16.06
C SER A 89 -23.87 12.46 15.65
N ARG A 90 -23.77 11.16 15.91
CA ARG A 90 -24.86 10.23 15.63
C ARG A 90 -26.06 10.55 16.51
N SER A 91 -27.25 10.24 16.02
CA SER A 91 -28.46 10.45 16.78
C SER A 91 -28.65 9.33 17.81
N ILE A 92 -29.44 9.63 18.84
CA ILE A 92 -29.60 8.74 19.97
C ILE A 92 -30.32 7.46 19.53
N ARG A 93 -29.80 6.31 19.98
CA ARG A 93 -30.29 5.03 19.47
C ARG A 93 -31.65 4.65 20.05
N ASP A 94 -32.08 5.38 21.08
CA ASP A 94 -33.39 5.16 21.68
C ASP A 94 -34.51 5.60 20.76
N ASN A 95 -34.22 6.52 19.86
CA ASN A 95 -35.21 7.01 18.90
C ASN A 95 -35.29 6.14 17.65
N GLY A 96 -34.57 5.02 17.66
CA GLY A 96 -34.59 4.10 16.53
C GLY A 96 -33.83 4.62 15.32
N PHE A 97 -33.77 3.79 14.29
CA PHE A 97 -32.99 4.07 13.09
C PHE A 97 -33.47 5.27 12.30
N TRP A 98 -34.76 5.59 12.39
CA TRP A 98 -35.37 6.58 11.50
C TRP A 98 -34.63 7.94 11.45
N PRO A 99 -34.34 8.57 12.60
CA PRO A 99 -33.57 9.82 12.51
C PRO A 99 -32.16 9.67 11.91
N GLU A 100 -31.46 8.58 12.19
CA GLU A 100 -30.14 8.36 11.57
C GLU A 100 -30.33 8.18 10.07
N LEU A 101 -31.39 7.46 9.70
CA LEU A 101 -31.72 7.23 8.31
C LEU A 101 -31.79 8.55 7.56
N ILE A 102 -32.55 9.49 8.12
CA ILE A 102 -32.67 10.81 7.52
C ILE A 102 -31.33 11.54 7.54
N ARG A 103 -30.70 11.60 8.70
CA ARG A 103 -29.45 12.33 8.90
C ARG A 103 -28.35 11.88 7.93
N THR A 104 -28.29 10.59 7.64
CA THR A 104 -27.21 10.05 6.79
C THR A 104 -27.61 9.95 5.33
N THR A 105 -28.76 10.52 4.99
CA THR A 105 -29.19 10.62 3.60
C THR A 105 -28.55 11.87 2.99
N PRO A 106 -27.94 11.75 1.80
CA PRO A 106 -27.27 12.96 1.30
C PRO A 106 -28.25 14.11 1.10
N GLY A 107 -27.84 15.31 1.50
CA GLY A 107 -28.69 16.49 1.38
C GLY A 107 -29.42 16.80 2.66
N ALA A 108 -29.31 15.91 3.64
CA ALA A 108 -29.97 16.12 4.92
C ALA A 108 -29.22 17.12 5.78
N LEU A 109 -29.92 17.68 6.76
CA LEU A 109 -29.36 18.72 7.61
C LEU A 109 -29.75 18.48 9.07
N ARG A 110 -29.01 19.10 9.99
CA ARG A 110 -29.24 18.93 11.42
C ARG A 110 -29.03 20.25 12.15
N SER A 111 -29.80 20.47 13.23
CA SER A 111 -29.75 21.74 13.95
C SER A 111 -28.73 21.73 15.09
N ALA A 112 -28.66 22.82 15.84
CA ALA A 112 -27.56 23.04 16.78
C ALA A 112 -27.83 22.59 18.21
N SER A 113 -29.06 22.75 18.68
CA SER A 113 -29.41 22.42 20.07
C SER A 113 -29.31 20.91 20.32
N PRO A 114 -28.22 20.48 20.99
CA PRO A 114 -27.82 19.06 21.05
C PRO A 114 -28.93 18.09 21.46
N GLY A 115 -29.54 18.29 22.62
CA GLY A 115 -30.59 17.40 23.09
C GLY A 115 -31.92 17.52 22.37
N ALA A 116 -32.15 18.65 21.72
CA ALA A 116 -33.40 18.88 21.00
C ALA A 116 -33.18 18.78 19.49
N SER A 117 -31.93 18.56 19.13
CA SER A 117 -31.47 18.37 17.74
C SER A 117 -32.46 17.64 16.83
N MET A 118 -32.76 18.23 15.68
CA MET A 118 -33.64 17.60 14.70
C MET A 118 -32.93 17.38 13.37
N ALA A 119 -33.22 16.25 12.73
CA ALA A 119 -32.74 15.96 11.39
C ALA A 119 -33.83 16.30 10.38
N ALA A 120 -33.45 16.90 9.25
CA ALA A 120 -34.43 17.27 8.24
C ALA A 120 -33.91 17.05 6.81
N ILE A 121 -34.85 16.89 5.88
CA ILE A 121 -34.51 16.70 4.47
C ILE A 121 -35.63 17.17 3.55
N GLY A 122 -35.27 17.96 2.54
CA GLY A 122 -36.25 18.48 1.62
C GLY A 122 -36.22 19.99 1.46
N GLY A 123 -37.30 20.53 0.90
CA GLY A 123 -37.33 21.90 0.42
C GLY A 123 -37.07 23.00 1.43
N GLU A 124 -37.44 22.76 2.68
CA GLU A 124 -37.27 23.79 3.72
C GLU A 124 -36.40 23.28 4.85
N ALA A 125 -35.61 22.25 4.59
CA ALA A 125 -34.78 21.65 5.64
C ALA A 125 -33.81 22.68 6.21
N GLU A 126 -33.31 23.57 5.35
CA GLU A 126 -32.48 24.69 5.80
C GLU A 126 -33.23 25.56 6.80
N TRP A 127 -34.48 25.89 6.48
CA TRP A 127 -35.29 26.74 7.33
C TRP A 127 -35.59 26.10 8.68
N PHE A 128 -35.95 24.82 8.68
CA PHE A 128 -36.31 24.14 9.92
C PHE A 128 -35.13 23.97 10.87
N THR A 129 -33.93 23.78 10.32
CA THR A 129 -32.79 23.47 11.17
C THR A 129 -32.05 24.72 11.61
N ALA A 130 -32.30 25.83 10.91
CA ALA A 130 -31.59 27.07 11.18
C ALA A 130 -32.00 27.74 12.49
N ASP A 131 -31.05 28.43 13.11
CA ASP A 131 -31.27 29.22 14.31
C ASP A 131 -32.05 28.50 15.40
N HIS A 132 -31.61 27.28 15.72
CA HIS A 132 -32.21 26.50 16.79
C HIS A 132 -31.60 26.95 18.12
N ALA A 133 -32.41 27.55 18.98
CA ALA A 133 -31.93 28.13 20.23
C ALA A 133 -31.28 27.08 21.13
N LEU A 134 -30.14 27.42 21.71
CA LEU A 134 -29.44 26.47 22.58
C LEU A 134 -30.19 26.29 23.90
N ASP A 135 -30.51 27.40 24.55
CA ASP A 135 -31.34 27.36 25.75
C ASP A 135 -32.82 27.33 25.34
N TYR A 136 -33.57 26.44 25.98
CA TYR A 136 -34.98 26.21 25.67
C TYR A 136 -35.16 25.82 24.19
N GLY A 137 -34.59 24.68 23.83
CA GLY A 137 -34.63 24.21 22.45
C GLY A 137 -35.95 23.58 22.03
N TYR A 138 -36.96 23.68 22.89
CA TYR A 138 -38.29 23.16 22.55
C TYR A 138 -39.31 24.30 22.51
N GLY A 139 -38.82 25.53 22.52
CA GLY A 139 -39.69 26.70 22.43
C GLY A 139 -39.91 27.13 20.99
N PRO A 140 -40.27 28.40 20.80
CA PRO A 140 -40.63 28.95 19.48
C PRO A 140 -39.48 29.06 18.46
N ARG A 141 -38.23 29.12 18.91
CA ARG A 141 -37.13 29.18 17.95
C ARG A 141 -36.44 27.82 17.83
N SER A 142 -37.25 26.84 17.48
CA SER A 142 -36.82 25.46 17.29
C SER A 142 -37.55 24.89 16.08
N PRO A 143 -37.11 23.73 15.57
CA PRO A 143 -37.86 23.14 14.45
C PRO A 143 -39.30 22.83 14.82
N LEU A 144 -39.55 22.50 16.10
CA LEU A 144 -40.91 22.20 16.55
C LEU A 144 -41.80 23.42 16.40
N GLY A 145 -41.28 24.57 16.81
CA GLY A 145 -42.04 25.81 16.72
C GLY A 145 -42.31 26.21 15.28
N LYS A 146 -41.37 25.89 14.40
CA LYS A 146 -41.53 26.23 13.00
C LYS A 146 -42.53 25.30 12.33
N LEU A 147 -42.58 24.05 12.79
CA LEU A 147 -43.56 23.08 12.33
C LEU A 147 -44.97 23.62 12.47
N VAL A 148 -45.25 24.26 13.62
CA VAL A 148 -46.54 24.86 13.87
C VAL A 148 -46.75 26.09 12.98
N GLU A 149 -45.72 26.94 12.85
CA GLU A 149 -45.80 28.12 12.00
C GLU A 149 -46.08 27.73 10.55
N ALA A 150 -45.65 26.54 10.17
CA ALA A 150 -45.80 26.08 8.79
C ALA A 150 -47.02 25.18 8.63
N LYS A 151 -47.79 25.04 9.70
CA LYS A 151 -48.94 24.13 9.73
C LYS A 151 -48.52 22.73 9.27
N GLY A 152 -47.45 22.23 9.85
CA GLY A 152 -46.92 20.93 9.50
C GLY A 152 -47.71 19.80 10.13
N LYS A 153 -47.14 18.61 10.10
CA LYS A 153 -47.83 17.43 10.61
C LYS A 153 -46.91 16.51 11.40
N VAL A 154 -47.51 15.62 12.17
CA VAL A 154 -46.76 14.59 12.88
C VAL A 154 -47.31 13.23 12.49
N LEU A 155 -46.43 12.35 12.06
CA LEU A 155 -46.82 11.00 11.72
C LEU A 155 -46.14 10.02 12.67
N MET A 156 -46.97 9.30 13.43
CA MET A 156 -46.47 8.23 14.26
C MET A 156 -46.48 6.94 13.44
N LEU A 157 -45.31 6.59 12.90
CA LEU A 157 -45.16 5.43 12.03
C LEU A 157 -44.92 4.17 12.84
N GLY A 158 -46.00 3.62 13.39
CA GLY A 158 -45.91 2.42 14.21
C GLY A 158 -45.40 2.72 15.61
N ALA A 159 -44.95 3.94 15.83
CA ALA A 159 -44.39 4.35 17.11
C ALA A 159 -45.46 4.41 18.19
N PRO A 160 -45.08 4.11 19.44
CA PRO A 160 -45.92 4.38 20.61
C PRO A 160 -46.21 5.88 20.73
N LEU A 161 -47.40 6.22 21.22
CA LEU A 161 -47.93 7.58 21.04
C LEU A 161 -47.35 8.64 22.00
N ASP A 162 -46.77 8.21 23.11
CA ASP A 162 -46.18 9.17 24.05
C ASP A 162 -44.79 9.63 23.62
N THR A 163 -44.41 9.30 22.40
CA THR A 163 -43.13 9.71 21.86
C THR A 163 -43.30 10.91 20.94
N MET A 164 -44.46 11.55 21.01
CA MET A 164 -44.74 12.73 20.19
C MET A 164 -44.03 13.93 20.80
N THR A 165 -42.76 14.09 20.42
CA THR A 165 -41.90 15.14 20.94
C THR A 165 -42.52 16.53 20.75
N LEU A 166 -43.35 16.68 19.73
CA LEU A 166 -44.01 17.95 19.47
C LEU A 166 -44.75 18.50 20.69
N LEU A 167 -45.20 17.62 21.58
CA LEU A 167 -45.98 18.05 22.74
C LEU A 167 -45.11 18.69 23.82
N HIS A 168 -43.80 18.41 23.80
CA HIS A 168 -42.87 19.09 24.70
C HIS A 168 -42.85 20.59 24.39
N HIS A 169 -43.14 20.91 23.14
CA HIS A 169 -43.28 22.30 22.71
C HIS A 169 -44.50 22.93 23.40
N ALA A 170 -45.53 22.13 23.60
CA ALA A 170 -46.73 22.60 24.28
C ALA A 170 -46.44 22.82 25.76
N GLU A 171 -45.68 21.91 26.36
CA GLU A 171 -45.25 22.08 27.74
C GLU A 171 -44.57 23.43 27.90
N HIS A 172 -43.69 23.74 26.94
CA HIS A 172 -43.00 25.01 26.92
C HIS A 172 -43.98 26.19 26.86
N LEU A 173 -44.90 26.16 25.90
CA LEU A 173 -45.84 27.28 25.71
C LEU A 173 -46.87 27.40 26.82
N ALA A 174 -47.33 26.26 27.34
CA ALA A 174 -48.45 26.26 28.27
C ALA A 174 -48.11 26.86 29.63
N ASP A 175 -48.97 27.76 30.10
CA ASP A 175 -48.82 28.35 31.41
C ASP A 175 -49.48 27.48 32.49
N PHE A 176 -48.66 26.79 33.27
CA PHE A 176 -49.12 26.11 34.48
C PHE A 176 -48.05 26.27 35.56
N PRO A 177 -48.41 26.05 36.83
CA PRO A 177 -47.43 26.34 37.89
C PRO A 177 -46.31 25.32 38.04
N ASN A 178 -45.19 25.78 38.58
CA ASN A 178 -44.08 24.93 38.99
C ASN A 178 -43.52 24.03 37.90
N LYS A 179 -43.18 24.63 36.76
CA LYS A 179 -42.49 23.87 35.72
C LYS A 179 -41.08 23.56 36.19
N ARG A 180 -40.68 22.31 36.05
CA ARG A 180 -39.35 21.92 36.45
C ARG A 180 -38.33 22.42 35.44
N ILE A 181 -37.51 23.38 35.86
CA ILE A 181 -36.44 23.89 35.03
C ILE A 181 -35.24 22.97 35.16
N LEU A 182 -34.50 22.80 34.08
CA LEU A 182 -33.39 21.85 34.06
C LEU A 182 -32.09 22.52 33.65
N ARG A 183 -31.07 22.39 34.48
CA ARG A 183 -29.75 22.91 34.14
C ARG A 183 -28.74 21.80 34.00
N TYR A 184 -28.04 21.82 32.88
CA TYR A 184 -27.01 20.84 32.61
C TYR A 184 -25.90 21.47 31.80
N GLU A 185 -24.74 20.82 31.83
CA GLU A 185 -23.52 21.31 31.19
C GLU A 185 -23.19 20.35 30.05
N ALA A 186 -22.78 20.87 28.89
CA ALA A 186 -22.52 19.99 27.75
C ALA A 186 -21.51 20.58 26.78
N PRO A 187 -20.63 19.73 26.23
CA PRO A 187 -19.60 20.15 25.28
C PRO A 187 -20.15 20.41 23.88
N ILE A 188 -20.01 21.64 23.41
CA ILE A 188 -20.37 22.00 22.04
C ILE A 188 -19.20 22.70 21.34
N LEU A 189 -19.37 22.99 20.06
CA LEU A 189 -18.34 23.70 19.32
C LEU A 189 -18.52 25.22 19.40
N VAL A 190 -17.53 25.89 19.97
CA VAL A 190 -17.42 27.35 19.87
C VAL A 190 -16.14 27.63 19.11
N ASP A 191 -16.21 28.47 18.08
CA ASP A 191 -15.06 28.76 17.23
C ASP A 191 -14.42 27.50 16.64
N GLY A 192 -15.25 26.48 16.37
CA GLY A 192 -14.73 25.23 15.83
C GLY A 192 -13.93 24.43 16.84
N GLU A 193 -13.99 24.87 18.10
CA GLU A 193 -13.26 24.26 19.21
C GLU A 193 -14.23 23.74 20.28
N LYS A 194 -13.93 22.57 20.87
CA LYS A 194 -14.73 22.05 21.98
C LYS A 194 -14.78 23.04 23.14
N VAL A 195 -15.98 23.38 23.60
CA VAL A 195 -16.16 24.24 24.77
C VAL A 195 -17.37 23.79 25.59
N TRP A 196 -17.17 23.54 26.88
CA TRP A 196 -18.28 23.15 27.75
C TRP A 196 -19.15 24.37 28.09
N ARG A 197 -20.44 24.14 28.19
CA ARG A 197 -21.41 25.24 28.29
C ARG A 197 -22.59 24.83 29.17
N TRP A 198 -23.08 25.76 29.99
CA TRP A 198 -24.27 25.48 30.79
C TRP A 198 -25.55 25.80 30.04
N PHE A 199 -26.44 24.80 29.96
CA PHE A 199 -27.72 24.95 29.28
C PHE A 199 -28.84 25.16 30.29
N GLU A 200 -29.99 25.60 29.80
CA GLU A 200 -31.21 25.48 30.59
C GLU A 200 -32.43 25.29 29.70
N GLU A 201 -33.24 24.30 30.07
CA GLU A 201 -34.47 23.95 29.38
C GLU A 201 -35.56 23.73 30.43
N PHE A 202 -36.82 23.74 30.01
CA PHE A 202 -37.82 23.06 30.82
C PHE A 202 -37.50 21.57 30.69
N ASP A 203 -37.83 20.78 31.71
CA ASP A 203 -37.50 19.36 31.68
C ASP A 203 -38.38 18.61 30.68
N THR A 204 -37.74 17.77 29.86
CA THR A 204 -38.45 16.91 28.92
C THR A 204 -38.22 15.44 29.25
N SER A 205 -37.44 15.19 30.29
CA SER A 205 -37.08 13.83 30.68
C SER A 205 -38.03 13.27 31.72
N ASP A 206 -38.69 14.16 32.44
CA ASP A 206 -39.72 13.78 33.41
C ASP A 206 -40.93 14.68 33.20
N PRO A 207 -42.14 14.14 33.45
CA PRO A 207 -43.37 14.92 33.33
C PRO A 207 -43.46 16.01 34.39
N PRO A 208 -44.44 16.92 34.25
CA PRO A 208 -44.77 17.82 35.36
C PRO A 208 -45.14 17.00 36.59
N ASP A 209 -44.74 17.43 37.78
CA ASP A 209 -45.11 16.71 38.99
C ASP A 209 -46.63 16.58 39.01
N GLY A 210 -47.08 15.33 39.00
CA GLY A 210 -48.47 15.00 38.74
C GLY A 210 -48.50 13.86 37.74
N LEU A 211 -48.68 14.21 36.47
CA LEU A 211 -48.89 13.25 35.38
C LEU A 211 -47.83 12.14 35.26
N ALA A 212 -48.27 11.00 34.72
CA ALA A 212 -47.40 9.85 34.44
C ALA A 212 -46.41 10.16 33.31
N ASP A 213 -45.42 9.29 33.13
CA ASP A 213 -44.37 9.54 32.14
C ASP A 213 -44.87 9.38 30.71
N ASP A 214 -46.05 8.80 30.56
CA ASP A 214 -46.59 8.51 29.24
C ASP A 214 -47.88 9.26 28.95
N TYR A 215 -48.14 10.32 29.70
CA TYR A 215 -49.39 11.04 29.59
C TYR A 215 -49.59 11.65 28.19
N PHE A 216 -48.48 11.89 27.48
CA PHE A 216 -48.56 12.30 26.09
C PHE A 216 -49.51 11.39 25.31
N ALA A 217 -49.48 10.10 25.62
CA ALA A 217 -50.33 9.12 24.96
C ALA A 217 -51.81 9.38 25.20
N GLY A 218 -52.16 9.70 26.44
CA GLY A 218 -53.52 10.07 26.78
C GLY A 218 -54.01 11.25 25.94
N ILE A 219 -53.20 12.29 25.87
CA ILE A 219 -53.56 13.49 25.13
C ILE A 219 -53.79 13.21 23.64
N VAL A 220 -52.88 12.48 23.02
CA VAL A 220 -53.00 12.21 21.58
C VAL A 220 -54.26 11.40 21.30
N GLU A 221 -54.57 10.45 22.17
CA GLU A 221 -55.75 9.61 22.01
C GLU A 221 -57.04 10.41 22.19
N GLU A 222 -56.98 11.42 23.05
CA GLU A 222 -58.14 12.28 23.22
C GLU A 222 -58.29 13.23 22.05
N PHE A 223 -57.18 13.69 21.49
CA PHE A 223 -57.24 14.53 20.29
C PHE A 223 -57.82 13.72 19.12
N LEU A 224 -57.48 12.45 19.04
CA LEU A 224 -58.01 11.59 17.99
C LEU A 224 -59.51 11.37 18.16
N ALA A 225 -59.97 11.34 19.42
CA ALA A 225 -61.38 11.15 19.71
C ALA A 225 -62.21 12.32 19.19
N THR A 226 -61.60 13.50 19.12
CA THR A 226 -62.28 14.69 18.62
C THR A 226 -62.63 14.54 17.14
N GLY A 227 -61.79 13.81 16.42
CA GLY A 227 -62.03 13.52 15.03
C GLY A 227 -61.24 14.36 14.03
N ARG A 228 -60.19 15.02 14.49
CA ARG A 228 -59.42 15.85 13.58
C ARG A 228 -58.11 15.17 13.20
N GLY A 229 -57.87 14.00 13.76
CA GLY A 229 -56.76 13.16 13.34
C GLY A 229 -57.17 12.19 12.27
N LYS A 230 -56.26 11.31 11.88
CA LYS A 230 -56.56 10.28 10.90
C LYS A 230 -55.71 9.05 11.18
N ARG A 231 -56.37 7.90 11.27
CA ARG A 231 -55.68 6.66 11.56
C ARG A 231 -55.56 5.83 10.30
N GLY A 232 -54.53 5.01 10.21
CA GLY A 232 -54.32 4.21 9.01
C GLY A 232 -53.05 3.38 9.01
N LYS A 233 -52.99 2.45 8.07
CA LYS A 233 -51.85 1.55 7.98
C LYS A 233 -50.82 1.99 6.95
N ILE A 234 -49.61 2.27 7.43
CA ILE A 234 -48.47 2.42 6.56
C ILE A 234 -47.72 1.09 6.60
N GLY A 235 -47.62 0.43 5.46
CA GLY A 235 -47.15 -0.95 5.43
C GLY A 235 -48.03 -1.79 6.34
N GLU A 236 -47.42 -2.42 7.34
CA GLU A 236 -48.15 -3.21 8.32
C GLU A 236 -48.21 -2.50 9.67
N ALA A 237 -47.78 -1.25 9.69
CA ALA A 237 -47.71 -0.49 10.94
C ALA A 237 -48.94 0.39 11.12
N SER A 238 -49.64 0.20 12.23
CA SER A 238 -50.71 1.10 12.62
C SER A 238 -50.12 2.48 12.81
N SER A 239 -50.75 3.49 12.22
CA SER A 239 -50.17 4.83 12.21
C SER A 239 -51.23 5.90 12.45
N VAL A 240 -50.79 7.04 12.97
CA VAL A 240 -51.66 8.21 13.06
C VAL A 240 -50.94 9.42 12.46
N LEU A 241 -51.72 10.30 11.84
CA LEU A 241 -51.18 11.54 11.30
C LEU A 241 -51.99 12.70 11.86
N VAL A 242 -51.32 13.65 12.48
CA VAL A 242 -52.00 14.80 13.09
C VAL A 242 -51.48 16.12 12.57
N PRO A 243 -52.33 17.15 12.61
CA PRO A 243 -51.85 18.50 12.34
C PRO A 243 -51.07 19.02 13.55
N ALA A 244 -49.88 19.53 13.30
CA ALA A 244 -49.02 20.06 14.36
C ALA A 244 -49.68 21.22 15.10
N ASP A 245 -50.23 22.16 14.34
CA ASP A 245 -50.82 23.36 14.90
C ASP A 245 -51.98 23.07 15.84
N GLU A 246 -52.76 22.06 15.49
CA GLU A 246 -53.99 21.73 16.21
C GLU A 246 -53.74 20.88 17.44
N ILE A 247 -52.74 20.02 17.38
CA ILE A 247 -52.43 19.14 18.49
C ILE A 247 -51.79 19.93 19.62
N VAL A 248 -50.97 20.93 19.26
CA VAL A 248 -50.30 21.74 20.26
C VAL A 248 -51.33 22.61 20.98
N ALA A 249 -52.14 23.30 20.19
CA ALA A 249 -53.24 24.12 20.72
C ALA A 249 -54.12 23.32 21.67
N PHE A 250 -54.55 22.15 21.22
CA PHE A 250 -55.26 21.18 22.04
C PHE A 250 -54.50 20.87 23.34
N ALA A 251 -53.24 20.48 23.21
CA ALA A 251 -52.43 20.05 24.36
C ALA A 251 -52.19 21.18 25.36
N VAL A 252 -51.98 22.38 24.85
CA VAL A 252 -51.76 23.55 25.70
C VAL A 252 -52.96 23.80 26.61
N ASP A 253 -54.16 23.73 26.05
CA ASP A 253 -55.39 23.95 26.81
C ASP A 253 -55.59 22.87 27.86
N TRP A 254 -55.35 21.62 27.46
CA TRP A 254 -55.43 20.48 28.36
C TRP A 254 -54.48 20.67 29.54
N LEU A 255 -53.28 21.13 29.24
CA LEU A 255 -52.26 21.40 30.26
C LEU A 255 -52.66 22.58 31.14
N GLU A 256 -53.00 23.70 30.51
CA GLU A 256 -53.36 24.90 31.27
C GLU A 256 -54.59 24.68 32.15
N ARG A 257 -55.55 23.90 31.66
CA ARG A 257 -56.75 23.60 32.44
C ARG A 257 -56.42 22.80 33.71
N TRP A 258 -55.48 21.88 33.58
CA TRP A 258 -55.11 21.01 34.69
C TRP A 258 -54.39 21.77 35.80
N GLY A 259 -53.55 22.73 35.44
CA GLY A 259 -52.88 23.57 36.41
C GLY A 259 -53.82 24.47 37.20
N ARG A 260 -54.96 24.83 36.59
CA ARG A 260 -55.92 25.71 37.26
C ARG A 260 -56.63 24.98 38.38
N THR A 261 -56.58 23.66 38.36
CA THR A 261 -56.94 22.87 39.52
C THR A 261 -55.85 23.12 40.56
N ALA A 262 -55.91 24.30 41.19
CA ALA A 262 -54.90 24.76 42.13
C ALA A 262 -55.32 24.45 43.56
N SER B 3 -13.64 -4.43 31.85
CA SER B 3 -14.46 -3.39 32.47
C SER B 3 -13.69 -2.08 32.49
N ARG B 4 -12.76 -1.96 31.55
CA ARG B 4 -12.04 -0.71 31.28
C ARG B 4 -12.72 0.02 30.15
N VAL B 5 -12.66 1.35 30.18
CA VAL B 5 -13.23 2.15 29.11
C VAL B 5 -12.13 2.66 28.18
N SER B 6 -12.43 2.73 26.89
CA SER B 6 -11.46 3.21 25.93
C SER B 6 -11.78 4.65 25.54
N THR B 7 -10.73 5.41 25.20
CA THR B 7 -10.89 6.78 24.73
C THR B 7 -10.27 6.92 23.34
N ARG B 8 -10.51 8.04 22.68
CA ARG B 8 -9.96 8.32 21.35
C ARG B 8 -8.45 8.23 21.42
N SER B 9 -7.99 8.64 22.58
CA SER B 9 -6.61 8.74 22.99
C SER B 9 -6.02 7.38 23.34
N SER B 10 -6.79 6.60 24.08
CA SER B 10 -6.38 5.26 24.49
C SER B 10 -6.29 4.36 23.26
N LEU B 11 -7.26 4.50 22.37
CA LEU B 11 -7.35 3.66 21.18
C LEU B 11 -6.18 3.92 20.22
N ALA B 12 -5.73 5.17 20.13
CA ALA B 12 -4.60 5.51 19.28
C ALA B 12 -3.34 4.78 19.72
N GLU B 13 -3.16 4.63 21.03
CA GLU B 13 -2.00 3.93 21.58
C GLU B 13 -2.02 2.45 21.26
N ASP B 14 -3.20 1.83 21.35
CA ASP B 14 -3.35 0.42 20.99
C ASP B 14 -3.01 0.21 19.52
N LEU B 15 -3.47 1.14 18.69
CA LEU B 15 -3.29 1.04 17.25
C LEU B 15 -1.83 1.25 16.86
N ARG B 16 -1.12 2.08 17.62
CA ARG B 16 0.30 2.24 17.38
C ARG B 16 1.07 1.01 17.83
N ALA B 17 0.59 0.38 18.90
CA ALA B 17 1.22 -0.82 19.44
C ALA B 17 1.05 -1.99 18.48
N ILE B 18 -0.14 -2.14 17.92
CA ILE B 18 -0.43 -3.24 16.99
C ILE B 18 0.40 -3.09 15.71
N GLY B 19 0.85 -1.87 15.42
CA GLY B 19 1.75 -1.65 14.30
C GLY B 19 1.28 -0.69 13.23
N LEU B 20 0.12 -0.08 13.45
CA LEU B 20 -0.39 0.96 12.54
C LEU B 20 0.46 2.22 12.68
N ALA B 21 0.87 2.82 11.56
CA ALA B 21 1.73 4.00 11.61
C ALA B 21 1.40 5.03 10.53
N ASP B 22 2.23 6.07 10.42
CA ASP B 22 1.90 7.23 9.58
C ASP B 22 1.81 6.93 8.08
N GLY B 23 0.66 7.25 7.51
CA GLY B 23 0.52 7.25 6.06
C GLY B 23 -0.07 6.02 5.39
N ASP B 24 -0.13 4.88 6.08
CA ASP B 24 -0.52 3.66 5.38
C ASP B 24 -2.05 3.45 5.30
N ALA B 25 -2.45 2.54 4.40
CA ALA B 25 -3.83 2.23 4.19
C ALA B 25 -4.19 0.95 4.91
N VAL B 26 -5.29 0.98 5.66
CA VAL B 26 -5.71 -0.18 6.42
C VAL B 26 -7.17 -0.53 6.11
N LEU B 27 -7.39 -1.76 5.66
CA LEU B 27 -8.75 -2.26 5.48
C LEU B 27 -9.17 -2.92 6.79
N VAL B 28 -10.27 -2.45 7.37
CA VAL B 28 -10.66 -2.92 8.68
C VAL B 28 -11.93 -3.79 8.68
N HIS B 29 -11.82 -4.94 9.35
CA HIS B 29 -12.95 -5.80 9.62
C HIS B 29 -13.15 -5.84 11.12
N ALA B 30 -14.39 -5.68 11.59
CA ALA B 30 -14.56 -5.50 13.02
C ALA B 30 -15.82 -6.11 13.61
N ALA B 31 -15.68 -6.59 14.83
CA ALA B 31 -16.80 -6.93 15.70
C ALA B 31 -16.79 -5.91 16.83
N LEU B 32 -17.51 -4.81 16.66
CA LEU B 32 -17.33 -3.65 17.54
C LEU B 32 -17.64 -3.88 19.02
N ARG B 33 -18.51 -4.84 19.33
CA ARG B 33 -18.83 -5.13 20.74
C ARG B 33 -17.61 -5.66 21.49
N LYS B 34 -16.68 -6.26 20.77
CA LYS B 34 -15.48 -6.82 21.36
C LYS B 34 -14.57 -5.75 21.95
N VAL B 35 -14.69 -4.52 21.44
CA VAL B 35 -13.87 -3.40 21.92
C VAL B 35 -14.27 -3.00 23.33
N GLY B 36 -15.47 -3.40 23.74
CA GLY B 36 -16.01 -3.00 25.02
C GLY B 36 -16.41 -1.54 24.99
N LYS B 37 -16.57 -0.94 26.16
CA LYS B 37 -17.03 0.44 26.29
C LYS B 37 -16.06 1.47 25.71
N ILE B 38 -16.62 2.45 25.01
CA ILE B 38 -15.86 3.57 24.47
C ILE B 38 -16.55 4.87 24.85
N VAL B 39 -15.80 5.86 25.32
CA VAL B 39 -16.40 7.11 25.78
C VAL B 39 -17.24 7.78 24.70
N GLY B 40 -16.72 7.87 23.48
CA GLY B 40 -17.44 8.52 22.40
C GLY B 40 -17.95 7.57 21.33
N GLY B 41 -18.18 6.32 21.70
CA GLY B 41 -18.70 5.34 20.76
C GLY B 41 -17.66 4.90 19.74
N PRO B 42 -18.08 4.14 18.73
CA PRO B 42 -17.13 3.58 17.78
C PRO B 42 -16.47 4.65 16.91
N ASP B 43 -17.10 5.81 16.80
CA ASP B 43 -16.50 6.93 16.06
C ASP B 43 -15.15 7.33 16.68
N ASP B 44 -14.98 7.05 17.96
CA ASP B 44 -13.69 7.28 18.62
C ASP B 44 -12.60 6.39 18.00
N ILE B 45 -12.99 5.24 17.46
CA ILE B 45 -12.02 4.35 16.83
C ILE B 45 -11.51 4.95 15.53
N LEU B 46 -12.43 5.36 14.67
CA LEU B 46 -12.08 5.92 13.37
C LEU B 46 -11.20 7.16 13.57
N ASP B 47 -11.56 7.97 14.56
CA ASP B 47 -10.79 9.18 14.85
C ASP B 47 -9.43 8.85 15.47
N ALA B 48 -9.34 7.75 16.21
CA ALA B 48 -8.07 7.30 16.75
C ALA B 48 -7.15 6.89 15.62
N MET B 49 -7.71 6.10 14.70
CA MET B 49 -6.97 5.62 13.54
C MET B 49 -6.42 6.75 12.72
N ARG B 50 -7.30 7.68 12.36
CA ARG B 50 -6.93 8.79 11.48
C ARG B 50 -5.84 9.66 12.11
N ASP B 51 -5.82 9.72 13.45
CA ASP B 51 -4.75 10.40 14.15
C ASP B 51 -3.42 9.70 13.95
N VAL B 52 -3.46 8.38 14.03
CA VAL B 52 -2.25 7.57 13.97
C VAL B 52 -1.66 7.57 12.56
N ILE B 53 -2.50 7.37 11.55
CA ILE B 53 -2.04 7.29 10.17
C ILE B 53 -1.87 8.66 9.52
N GLY B 54 -2.49 9.68 10.11
CA GLY B 54 -2.44 11.02 9.55
C GLY B 54 -3.34 11.17 8.33
N PRO B 55 -3.56 12.42 7.90
CA PRO B 55 -4.54 12.74 6.85
C PRO B 55 -4.22 12.15 5.48
N ALA B 56 -3.04 11.55 5.31
CA ALA B 56 -2.66 10.93 4.05
C ALA B 56 -2.98 9.43 4.04
N GLY B 57 -3.11 8.85 5.24
CA GLY B 57 -3.54 7.47 5.35
C GLY B 57 -5.00 7.30 4.96
N THR B 58 -5.41 6.06 4.75
CA THR B 58 -6.77 5.77 4.32
C THR B 58 -7.31 4.57 5.07
N VAL B 59 -8.54 4.69 5.60
CA VAL B 59 -9.19 3.58 6.29
C VAL B 59 -10.29 2.99 5.41
N LEU B 60 -10.27 1.67 5.26
CA LEU B 60 -11.25 1.01 4.40
C LEU B 60 -12.24 0.15 5.19
N GLY B 61 -13.42 -0.06 4.61
CA GLY B 61 -14.41 -0.96 5.15
C GLY B 61 -15.06 -1.74 4.03
N TYR B 62 -15.65 -2.90 4.36
CA TYR B 62 -16.32 -3.70 3.32
C TYR B 62 -17.84 -3.46 3.32
N ALA B 63 -18.28 -2.59 2.41
CA ALA B 63 -19.67 -2.15 2.38
C ALA B 63 -20.60 -3.22 1.81
N ASP B 64 -20.22 -3.78 0.66
CA ASP B 64 -21.07 -4.73 -0.06
C ASP B 64 -22.41 -4.05 -0.34
N TRP B 65 -23.46 -4.77 -0.71
CA TRP B 65 -24.75 -4.10 -0.73
C TRP B 65 -25.88 -4.99 -0.22
N GLN B 66 -27.08 -4.41 -0.10
CA GLN B 66 -28.10 -4.96 0.78
C GLN B 66 -29.13 -5.85 0.09
N LEU B 67 -29.03 -6.04 -1.22
CA LEU B 67 -30.10 -6.63 -2.05
C LEU B 67 -30.77 -7.92 -1.62
N GLU B 68 -30.03 -8.90 -1.17
CA GLU B 68 -30.65 -10.16 -0.71
C GLU B 68 -31.03 -11.14 -1.81
N ASP B 69 -30.36 -11.12 -2.96
CA ASP B 69 -30.77 -11.98 -4.08
C ASP B 69 -32.28 -11.92 -4.35
N GLU B 70 -32.89 -10.75 -4.19
CA GLU B 70 -34.35 -10.64 -4.24
C GLU B 70 -34.91 -11.00 -5.61
N ILE B 71 -34.17 -10.65 -6.65
CA ILE B 71 -34.53 -10.98 -8.03
C ILE B 71 -34.73 -12.46 -8.21
N ARG B 72 -33.72 -13.22 -7.79
CA ARG B 72 -33.82 -14.67 -7.83
C ARG B 72 -34.90 -15.13 -6.88
N ASP B 73 -35.00 -14.48 -5.73
CA ASP B 73 -36.02 -14.83 -4.76
C ASP B 73 -37.42 -14.54 -5.31
N ASP B 74 -37.54 -13.57 -6.21
CA ASP B 74 -38.85 -13.21 -6.76
C ASP B 74 -38.81 -12.31 -7.99
N PRO B 75 -38.87 -12.90 -9.20
CA PRO B 75 -39.18 -12.06 -10.36
C PRO B 75 -40.55 -11.41 -10.18
N ALA B 76 -40.88 -10.41 -10.98
CA ALA B 76 -42.09 -9.61 -10.77
C ALA B 76 -42.01 -8.83 -9.44
N MET B 77 -40.80 -8.78 -8.89
CA MET B 77 -40.46 -7.86 -7.80
C MET B 77 -39.35 -7.02 -8.37
N ARG B 78 -39.25 -7.10 -9.70
CA ARG B 78 -38.10 -6.62 -10.46
C ARG B 78 -38.07 -5.11 -10.66
N GLU B 79 -39.24 -4.52 -10.84
CA GLU B 79 -39.32 -3.09 -11.11
C GLU B 79 -39.34 -2.28 -9.82
N HIS B 80 -39.41 -2.98 -8.69
CA HIS B 80 -39.44 -2.32 -7.38
C HIS B 80 -38.10 -2.30 -6.67
N ILE B 81 -37.09 -2.95 -7.26
CA ILE B 81 -35.76 -2.97 -6.66
C ILE B 81 -34.94 -1.77 -7.09
N PRO B 82 -34.67 -0.84 -6.15
CA PRO B 82 -33.85 0.32 -6.49
C PRO B 82 -32.47 -0.13 -6.94
N ALA B 83 -31.91 0.53 -7.94
CA ALA B 83 -30.61 0.14 -8.42
C ALA B 83 -29.54 0.44 -7.37
N PHE B 84 -28.37 -0.15 -7.54
CA PHE B 84 -27.25 0.16 -6.67
C PHE B 84 -26.80 1.60 -6.90
N ASP B 85 -26.70 2.35 -5.81
CA ASP B 85 -26.28 3.74 -5.86
C ASP B 85 -25.19 3.94 -4.81
N PRO B 86 -23.93 4.12 -5.25
CA PRO B 86 -22.77 4.22 -4.36
C PRO B 86 -22.88 5.35 -3.34
N LEU B 87 -23.71 6.35 -3.63
CA LEU B 87 -23.93 7.43 -2.67
C LEU B 87 -25.09 7.13 -1.73
N ARG B 88 -25.97 6.22 -2.13
CA ARG B 88 -27.23 6.04 -1.40
C ARG B 88 -27.50 4.60 -0.93
N SER B 89 -26.92 3.62 -1.60
CA SER B 89 -27.14 2.21 -1.22
C SER B 89 -26.45 1.90 0.10
N ARG B 90 -27.21 1.45 1.09
CA ARG B 90 -26.63 1.22 2.42
C ARG B 90 -25.89 -0.11 2.48
N SER B 91 -24.94 -0.19 3.40
CA SER B 91 -24.04 -1.33 3.50
C SER B 91 -24.79 -2.58 3.92
N ILE B 92 -24.26 -3.74 3.55
CA ILE B 92 -24.89 -4.98 3.97
C ILE B 92 -24.71 -5.09 5.48
N ARG B 93 -25.73 -5.60 6.15
CA ARG B 93 -25.75 -5.61 7.60
C ARG B 93 -24.90 -6.73 8.18
N ASP B 94 -24.63 -7.74 7.35
CA ASP B 94 -23.84 -8.89 7.77
C ASP B 94 -22.40 -8.51 8.11
N ASN B 95 -21.95 -7.41 7.54
CA ASN B 95 -20.57 -6.94 7.77
C ASN B 95 -20.46 -6.08 9.03
N GLY B 96 -21.56 -5.96 9.77
CA GLY B 96 -21.59 -5.18 10.99
C GLY B 96 -21.68 -3.69 10.72
N PHE B 97 -21.57 -2.91 11.79
CA PHE B 97 -21.76 -1.48 11.70
C PHE B 97 -20.57 -0.75 11.06
N TRP B 98 -19.39 -1.36 11.14
CA TRP B 98 -18.17 -0.66 10.75
C TRP B 98 -18.15 -0.05 9.32
N PRO B 99 -18.49 -0.84 8.28
CA PRO B 99 -18.40 -0.20 6.96
C PRO B 99 -19.44 0.92 6.78
N GLU B 100 -20.54 0.84 7.52
CA GLU B 100 -21.56 1.88 7.47
C GLU B 100 -21.12 3.09 8.30
N LEU B 101 -20.37 2.84 9.37
CA LEU B 101 -19.76 3.90 10.15
C LEU B 101 -18.91 4.77 9.23
N ILE B 102 -18.05 4.13 8.45
CA ILE B 102 -17.17 4.86 7.55
C ILE B 102 -17.98 5.55 6.46
N ARG B 103 -18.81 4.77 5.76
CA ARG B 103 -19.54 5.29 4.60
C ARG B 103 -20.36 6.53 4.91
N THR B 104 -20.83 6.66 6.15
CA THR B 104 -21.66 7.80 6.52
C THR B 104 -20.85 8.94 7.17
N THR B 105 -19.58 8.68 7.45
CA THR B 105 -18.71 9.73 7.94
C THR B 105 -18.45 10.73 6.81
N PRO B 106 -18.61 12.03 7.09
CA PRO B 106 -18.37 13.04 6.04
C PRO B 106 -16.94 12.98 5.51
N GLY B 107 -16.79 13.08 4.19
CA GLY B 107 -15.50 12.96 3.55
C GLY B 107 -15.30 11.61 2.88
N ALA B 108 -16.08 10.62 3.31
CA ALA B 108 -15.96 9.25 2.79
C ALA B 108 -16.38 9.13 1.33
N LEU B 109 -15.96 8.03 0.70
CA LEU B 109 -16.30 7.72 -0.69
C LEU B 109 -16.62 6.23 -0.81
N ARG B 110 -17.28 5.84 -1.89
CA ARG B 110 -17.59 4.42 -2.04
C ARG B 110 -17.55 3.90 -3.47
N SER B 111 -16.77 2.84 -3.62
CA SER B 111 -16.53 2.11 -4.87
C SER B 111 -17.77 1.73 -5.69
N ALA B 112 -17.56 1.45 -6.97
CA ALA B 112 -18.65 1.27 -7.92
C ALA B 112 -19.22 -0.16 -8.04
N SER B 113 -18.38 -1.18 -7.90
CA SER B 113 -18.83 -2.56 -8.06
C SER B 113 -19.62 -3.05 -6.84
N PRO B 114 -20.93 -3.29 -7.02
CA PRO B 114 -21.96 -3.36 -5.98
C PRO B 114 -21.77 -4.39 -4.85
N GLY B 115 -21.43 -5.63 -5.17
CA GLY B 115 -21.29 -6.64 -4.13
C GLY B 115 -19.91 -6.58 -3.51
N ALA B 116 -18.95 -6.09 -4.29
CA ALA B 116 -17.57 -5.99 -3.85
C ALA B 116 -17.21 -4.57 -3.41
N SER B 117 -18.21 -3.70 -3.33
CA SER B 117 -17.96 -2.29 -3.05
C SER B 117 -17.35 -2.02 -1.69
N MET B 118 -16.35 -1.15 -1.68
CA MET B 118 -15.67 -0.73 -0.46
C MET B 118 -15.99 0.71 -0.13
N ALA B 119 -16.09 1.02 1.15
CA ALA B 119 -16.11 2.40 1.63
C ALA B 119 -14.71 2.76 2.10
N ALA B 120 -14.25 3.96 1.76
CA ALA B 120 -12.93 4.41 2.19
C ALA B 120 -12.98 5.83 2.72
N ILE B 121 -12.02 6.19 3.57
CA ILE B 121 -11.91 7.58 4.04
C ILE B 121 -10.47 8.01 4.35
N GLY B 122 -10.07 9.13 3.74
CA GLY B 122 -8.74 9.65 3.94
C GLY B 122 -8.08 10.11 2.66
N GLY B 123 -6.78 10.39 2.75
CA GLY B 123 -6.02 11.04 1.69
C GLY B 123 -6.05 10.39 0.32
N GLU B 124 -6.19 9.07 0.28
CA GLU B 124 -6.19 8.37 -1.01
C GLU B 124 -7.52 7.68 -1.26
N ALA B 125 -8.56 8.08 -0.52
CA ALA B 125 -9.88 7.46 -0.66
C ALA B 125 -10.35 7.45 -2.12
N GLU B 126 -10.12 8.54 -2.83
CA GLU B 126 -10.46 8.66 -4.25
C GLU B 126 -9.84 7.55 -5.09
N TRP B 127 -8.53 7.41 -4.96
CA TRP B 127 -7.76 6.42 -5.69
C TRP B 127 -8.31 5.01 -5.49
N PHE B 128 -8.54 4.64 -4.23
CA PHE B 128 -8.99 3.30 -3.87
C PHE B 128 -10.40 2.95 -4.36
N THR B 129 -11.27 3.95 -4.47
CA THR B 129 -12.66 3.68 -4.87
C THR B 129 -12.88 3.94 -6.36
N ALA B 130 -11.82 4.44 -7.00
CA ALA B 130 -11.89 4.72 -8.44
C ALA B 130 -11.61 3.48 -9.27
N ASP B 131 -12.36 3.33 -10.35
CA ASP B 131 -12.19 2.24 -11.31
C ASP B 131 -12.33 0.86 -10.70
N HIS B 132 -13.35 0.68 -9.88
CA HIS B 132 -13.67 -0.64 -9.39
C HIS B 132 -14.42 -1.36 -10.50
N ALA B 133 -13.82 -2.43 -11.03
CA ALA B 133 -14.40 -3.17 -12.13
C ALA B 133 -15.71 -3.82 -11.73
N LEU B 134 -16.68 -3.82 -12.63
CA LEU B 134 -17.98 -4.42 -12.35
C LEU B 134 -17.90 -5.95 -12.38
N ASP B 135 -17.12 -6.48 -13.32
CA ASP B 135 -16.93 -7.92 -13.42
C ASP B 135 -15.57 -8.33 -12.86
N TYR B 136 -15.58 -9.36 -12.02
CA TYR B 136 -14.41 -9.80 -11.26
C TYR B 136 -13.91 -8.69 -10.37
N GLY B 137 -14.83 -8.13 -9.58
CA GLY B 137 -14.51 -7.01 -8.71
C GLY B 137 -13.71 -7.38 -7.48
N TYR B 138 -13.07 -8.54 -7.52
CA TYR B 138 -12.18 -8.96 -6.44
C TYR B 138 -10.77 -9.12 -6.98
N GLY B 139 -10.59 -8.76 -8.24
CA GLY B 139 -9.30 -8.87 -8.90
C GLY B 139 -8.48 -7.59 -8.86
N PRO B 140 -7.53 -7.46 -9.80
CA PRO B 140 -6.51 -6.40 -9.88
C PRO B 140 -7.07 -4.98 -9.91
N ARG B 141 -8.24 -4.80 -10.52
CA ARG B 141 -8.88 -3.49 -10.61
C ARG B 141 -9.95 -3.33 -9.55
N SER B 142 -9.50 -3.17 -8.32
CA SER B 142 -10.38 -3.11 -7.18
C SER B 142 -9.57 -2.53 -6.02
N PRO B 143 -10.27 -2.03 -4.99
CA PRO B 143 -9.56 -1.55 -3.81
C PRO B 143 -8.64 -2.63 -3.20
N LEU B 144 -9.00 -3.89 -3.33
CA LEU B 144 -8.18 -4.97 -2.81
C LEU B 144 -6.85 -5.08 -3.56
N GLY B 145 -6.92 -5.12 -4.89
CA GLY B 145 -5.73 -5.11 -5.71
C GLY B 145 -4.87 -3.88 -5.49
N LYS B 146 -5.51 -2.76 -5.18
CA LYS B 146 -4.79 -1.52 -4.90
C LYS B 146 -4.12 -1.55 -3.52
N LEU B 147 -4.81 -2.16 -2.55
CA LEU B 147 -4.24 -2.33 -1.22
C LEU B 147 -2.92 -3.10 -1.29
N VAL B 148 -2.82 -4.05 -2.21
CA VAL B 148 -1.60 -4.82 -2.39
C VAL B 148 -0.49 -3.96 -3.01
N GLU B 149 -0.85 -3.16 -4.01
CA GLU B 149 0.12 -2.32 -4.70
C GLU B 149 0.70 -1.25 -3.80
N ALA B 150 -0.08 -0.79 -2.82
CA ALA B 150 0.37 0.27 -1.93
C ALA B 150 0.94 -0.29 -0.64
N LYS B 151 1.13 -1.60 -0.60
CA LYS B 151 1.62 -2.30 0.59
C LYS B 151 0.83 -1.86 1.82
N GLY B 152 -0.49 -1.86 1.68
CA GLY B 152 -1.36 -1.47 2.75
C GLY B 152 -1.43 -2.54 3.83
N LYS B 153 -2.44 -2.46 4.68
CA LYS B 153 -2.57 -3.39 5.78
C LYS B 153 -4.03 -3.82 5.99
N VAL B 154 -4.19 -5.00 6.59
CA VAL B 154 -5.51 -5.43 7.03
C VAL B 154 -5.51 -5.60 8.53
N LEU B 155 -6.53 -5.05 9.17
CA LEU B 155 -6.71 -5.17 10.60
C LEU B 155 -8.00 -5.90 10.91
N MET B 156 -7.88 -7.03 11.60
CA MET B 156 -9.03 -7.74 12.10
C MET B 156 -9.32 -7.22 13.50
N LEU B 157 -10.28 -6.31 13.59
CA LEU B 157 -10.59 -5.66 14.86
C LEU B 157 -11.64 -6.44 15.64
N GLY B 158 -11.24 -7.59 16.17
CA GLY B 158 -12.13 -8.43 16.95
C GLY B 158 -12.95 -9.40 16.10
N ALA B 159 -13.01 -9.13 14.80
CA ALA B 159 -13.79 -9.94 13.87
C ALA B 159 -13.19 -11.35 13.70
N PRO B 160 -14.06 -12.34 13.42
CA PRO B 160 -13.64 -13.71 13.07
C PRO B 160 -12.67 -13.73 11.88
N LEU B 161 -11.64 -14.56 11.96
CA LEU B 161 -10.54 -14.49 10.99
C LEU B 161 -10.89 -14.94 9.57
N ASP B 162 -11.99 -15.66 9.38
CA ASP B 162 -12.39 -16.06 8.03
C ASP B 162 -13.27 -15.01 7.38
N THR B 163 -13.18 -13.78 7.89
CA THR B 163 -13.86 -12.64 7.30
C THR B 163 -12.90 -11.72 6.58
N MET B 164 -11.66 -12.18 6.39
CA MET B 164 -10.65 -11.38 5.71
C MET B 164 -10.91 -11.36 4.20
N THR B 165 -11.63 -10.34 3.74
CA THR B 165 -12.08 -10.27 2.35
C THR B 165 -10.91 -10.30 1.37
N LEU B 166 -9.79 -9.70 1.77
CA LEU B 166 -8.59 -9.64 0.94
C LEU B 166 -8.23 -10.99 0.31
N LEU B 167 -8.51 -12.07 1.03
CA LEU B 167 -8.13 -13.40 0.55
C LEU B 167 -8.95 -13.84 -0.67
N HIS B 168 -10.06 -13.17 -0.93
CA HIS B 168 -10.81 -13.42 -2.16
C HIS B 168 -10.01 -12.95 -3.37
N HIS B 169 -9.20 -11.91 -3.16
CA HIS B 169 -8.28 -11.43 -4.18
C HIS B 169 -7.28 -12.53 -4.51
N ALA B 170 -6.87 -13.26 -3.49
CA ALA B 170 -5.93 -14.36 -3.66
C ALA B 170 -6.56 -15.49 -4.47
N GLU B 171 -7.83 -15.80 -4.17
CA GLU B 171 -8.57 -16.81 -4.92
C GLU B 171 -8.62 -16.46 -6.40
N HIS B 172 -8.87 -15.19 -6.69
CA HIS B 172 -8.90 -14.71 -8.05
C HIS B 172 -7.56 -14.93 -8.75
N LEU B 173 -6.47 -14.65 -8.03
CA LEU B 173 -5.12 -14.69 -8.61
C LEU B 173 -4.55 -16.10 -8.74
N ALA B 174 -4.92 -16.99 -7.81
CA ALA B 174 -4.26 -18.28 -7.70
C ALA B 174 -4.62 -19.23 -8.82
N ASP B 175 -3.61 -19.95 -9.30
CA ASP B 175 -3.77 -20.91 -10.39
C ASP B 175 -4.16 -22.28 -9.86
N PHE B 176 -5.46 -22.52 -9.70
CA PHE B 176 -5.90 -23.85 -9.28
C PHE B 176 -7.09 -24.32 -10.13
N PRO B 177 -7.41 -25.63 -10.09
CA PRO B 177 -8.38 -26.15 -11.07
C PRO B 177 -9.84 -26.01 -10.64
N ASN B 178 -10.70 -25.77 -11.62
CA ASN B 178 -12.15 -25.74 -11.43
C ASN B 178 -12.68 -24.59 -10.58
N LYS B 179 -12.23 -23.37 -10.86
CA LYS B 179 -12.77 -22.22 -10.14
C LYS B 179 -14.22 -22.01 -10.55
N ARG B 180 -15.10 -22.05 -9.55
CA ARG B 180 -16.52 -21.78 -9.74
C ARG B 180 -16.73 -20.36 -10.25
N ILE B 181 -17.64 -20.21 -11.22
CA ILE B 181 -17.97 -18.88 -11.73
C ILE B 181 -19.40 -18.50 -11.36
N LEU B 182 -19.55 -17.29 -10.84
CA LEU B 182 -20.87 -16.80 -10.45
C LEU B 182 -21.43 -15.92 -11.56
N ARG B 183 -22.68 -16.15 -11.93
CA ARG B 183 -23.35 -15.22 -12.84
C ARG B 183 -24.75 -14.87 -12.36
N TYR B 184 -25.02 -13.57 -12.40
CA TYR B 184 -26.21 -13.00 -11.80
C TYR B 184 -26.47 -11.65 -12.48
N GLU B 185 -27.70 -11.16 -12.40
CA GLU B 185 -27.98 -9.83 -12.94
C GLU B 185 -28.52 -8.89 -11.85
N ALA B 186 -27.99 -7.67 -11.81
CA ALA B 186 -28.34 -6.72 -10.76
C ALA B 186 -28.54 -5.32 -11.32
N PRO B 187 -29.47 -4.55 -10.74
CA PRO B 187 -29.75 -3.19 -11.20
C PRO B 187 -28.67 -2.20 -10.76
N ILE B 188 -28.17 -1.42 -11.72
CA ILE B 188 -27.20 -0.35 -11.43
C ILE B 188 -27.57 0.88 -12.25
N LEU B 189 -26.72 1.90 -12.21
CA LEU B 189 -27.00 3.16 -12.90
C LEU B 189 -26.13 3.34 -14.15
N VAL B 190 -26.77 3.56 -15.28
CA VAL B 190 -26.07 3.89 -16.52
C VAL B 190 -26.63 5.16 -17.10
N ASP B 191 -25.79 6.20 -17.19
CA ASP B 191 -26.21 7.49 -17.73
C ASP B 191 -27.39 8.01 -16.90
N GLY B 192 -27.21 7.99 -15.58
CA GLY B 192 -28.18 8.55 -14.64
C GLY B 192 -29.44 7.75 -14.42
N GLU B 193 -29.58 6.65 -15.16
CA GLU B 193 -30.80 5.85 -15.13
C GLU B 193 -30.59 4.40 -14.67
N LYS B 194 -31.67 3.76 -14.21
CA LYS B 194 -31.61 2.37 -13.74
C LYS B 194 -31.60 1.37 -14.89
N VAL B 195 -30.55 0.55 -14.93
CA VAL B 195 -30.44 -0.51 -15.93
C VAL B 195 -30.15 -1.84 -15.23
N TRP B 196 -30.69 -2.94 -15.76
CA TRP B 196 -30.33 -4.27 -15.30
C TRP B 196 -29.14 -4.80 -16.10
N ARG B 197 -28.17 -5.39 -15.41
CA ARG B 197 -26.93 -5.79 -16.04
C ARG B 197 -26.45 -7.15 -15.56
N TRP B 198 -25.92 -7.95 -16.48
CA TRP B 198 -25.36 -9.26 -16.14
C TRP B 198 -23.93 -9.18 -15.61
N PHE B 199 -23.72 -9.75 -14.42
CA PHE B 199 -22.41 -9.75 -13.80
C PHE B 199 -21.68 -11.10 -13.86
N GLU B 200 -20.36 -11.05 -13.90
CA GLU B 200 -19.54 -12.25 -13.94
C GLU B 200 -18.34 -12.13 -13.01
N GLU B 201 -18.15 -13.15 -12.18
CA GLU B 201 -17.08 -13.15 -11.19
C GLU B 201 -16.86 -14.56 -10.64
N PHE B 202 -15.70 -14.79 -10.05
CA PHE B 202 -15.49 -16.01 -9.28
C PHE B 202 -16.38 -15.95 -8.05
N ASP B 203 -16.91 -17.10 -7.62
CA ASP B 203 -17.79 -17.11 -6.46
C ASP B 203 -17.02 -16.93 -5.16
N THR B 204 -17.46 -15.97 -4.35
CA THR B 204 -16.82 -15.65 -3.08
C THR B 204 -17.74 -16.00 -1.91
N SER B 205 -18.98 -16.31 -2.27
CA SER B 205 -20.03 -16.63 -1.32
C SER B 205 -19.94 -18.07 -0.82
N ASP B 206 -19.13 -18.87 -1.50
CA ASP B 206 -19.00 -20.28 -1.17
C ASP B 206 -17.55 -20.72 -1.27
N PRO B 207 -17.13 -21.66 -0.47
CA PRO B 207 -15.79 -22.18 -0.48
C PRO B 207 -15.49 -23.11 -1.62
N PRO B 208 -14.31 -23.12 -2.23
CA PRO B 208 -14.17 -23.91 -3.45
C PRO B 208 -13.65 -25.32 -3.29
N ASP B 209 -14.33 -26.32 -3.86
CA ASP B 209 -13.90 -27.73 -3.89
C ASP B 209 -13.87 -28.43 -2.52
N GLY B 210 -14.81 -28.11 -1.64
CA GLY B 210 -14.93 -28.87 -0.41
C GLY B 210 -14.07 -28.39 0.74
N LEU B 211 -13.36 -27.30 0.54
CA LEU B 211 -12.73 -26.59 1.67
C LEU B 211 -13.86 -26.12 2.56
N ALA B 212 -13.61 -26.03 3.87
CA ALA B 212 -14.65 -25.58 4.78
C ALA B 212 -14.95 -24.11 4.52
N ASP B 213 -16.11 -23.66 4.97
CA ASP B 213 -16.52 -22.28 4.77
C ASP B 213 -15.61 -21.31 5.50
N ASP B 214 -14.89 -21.83 6.51
CA ASP B 214 -14.03 -20.99 7.32
C ASP B 214 -12.55 -21.20 7.02
N TYR B 215 -12.24 -21.67 5.81
CA TYR B 215 -10.86 -22.04 5.51
C TYR B 215 -9.95 -20.82 5.48
N PHE B 216 -10.53 -19.64 5.22
CA PHE B 216 -9.78 -18.37 5.32
C PHE B 216 -9.09 -18.24 6.67
N ALA B 217 -9.74 -18.74 7.72
CA ALA B 217 -9.24 -18.61 9.08
C ALA B 217 -7.95 -19.38 9.30
N GLY B 218 -7.88 -20.61 8.80
CA GLY B 218 -6.69 -21.42 8.95
C GLY B 218 -5.48 -20.78 8.29
N ILE B 219 -5.72 -20.14 7.16
CA ILE B 219 -4.66 -19.52 6.39
C ILE B 219 -4.07 -18.32 7.12
N VAL B 220 -4.94 -17.45 7.64
CA VAL B 220 -4.50 -16.33 8.46
C VAL B 220 -3.72 -16.83 9.67
N GLU B 221 -4.29 -17.84 10.32
CA GLU B 221 -3.62 -18.51 11.45
C GLU B 221 -2.23 -18.99 11.06
N GLU B 222 -2.14 -19.74 9.97
CA GLU B 222 -0.86 -20.23 9.47
C GLU B 222 0.11 -19.08 9.19
N PHE B 223 -0.38 -18.05 8.50
CA PHE B 223 0.46 -16.91 8.16
C PHE B 223 1.03 -16.21 9.41
N LEU B 224 0.22 -16.15 10.47
CA LEU B 224 0.64 -15.53 11.72
C LEU B 224 1.76 -16.33 12.39
N ALA B 225 1.74 -17.64 12.19
CA ALA B 225 2.76 -18.51 12.77
C ALA B 225 4.15 -18.22 12.20
N THR B 226 4.18 -17.64 11.00
CA THR B 226 5.45 -17.33 10.36
C THR B 226 6.10 -16.12 11.03
N GLY B 227 5.32 -15.46 11.87
CA GLY B 227 5.82 -14.35 12.68
C GLY B 227 5.90 -13.04 11.93
N ARG B 228 5.18 -12.93 10.82
CA ARG B 228 5.25 -11.72 10.01
C ARG B 228 3.94 -10.93 10.06
N GLY B 229 3.00 -11.38 10.87
CA GLY B 229 1.86 -10.57 11.24
C GLY B 229 2.12 -10.03 12.64
N LYS B 230 1.08 -9.54 13.29
CA LYS B 230 1.21 -9.08 14.67
C LYS B 230 -0.13 -9.11 15.40
N ARG B 231 -0.10 -9.49 16.68
CA ARG B 231 -1.33 -9.53 17.45
C ARG B 231 -1.32 -8.52 18.57
N GLY B 232 -2.52 -8.10 18.96
CA GLY B 232 -2.66 -7.08 19.99
C GLY B 232 -4.09 -6.76 20.31
N LYS B 233 -4.27 -6.14 21.46
CA LYS B 233 -5.60 -5.76 21.91
C LYS B 233 -5.91 -4.32 21.58
N ILE B 234 -7.00 -4.10 20.87
CA ILE B 234 -7.47 -2.75 20.66
C ILE B 234 -8.74 -2.59 21.47
N GLY B 235 -8.69 -1.68 22.44
CA GLY B 235 -9.70 -1.63 23.48
C GLY B 235 -9.68 -2.94 24.23
N GLU B 236 -10.80 -3.65 24.19
CA GLU B 236 -10.89 -4.96 24.84
C GLU B 236 -10.89 -6.08 23.80
N ALA B 237 -10.77 -5.71 22.54
CA ALA B 237 -10.88 -6.67 21.43
C ALA B 237 -9.53 -7.23 20.97
N SER B 238 -9.41 -8.56 20.99
CA SER B 238 -8.24 -9.24 20.46
C SER B 238 -8.15 -9.01 18.96
N SER B 239 -7.02 -8.51 18.49
CA SER B 239 -6.93 -8.11 17.08
C SER B 239 -5.74 -8.69 16.33
N VAL B 240 -5.77 -8.50 15.02
CA VAL B 240 -4.71 -8.96 14.13
C VAL B 240 -4.41 -7.91 13.05
N LEU B 241 -3.17 -7.44 12.98
CA LEU B 241 -2.75 -6.54 11.91
C LEU B 241 -1.79 -7.31 11.01
N VAL B 242 -2.01 -7.22 9.70
CA VAL B 242 -1.29 -8.04 8.72
C VAL B 242 -0.95 -7.26 7.46
N PRO B 243 0.27 -7.42 6.92
CA PRO B 243 0.63 -6.79 5.65
C PRO B 243 -0.16 -7.38 4.48
N ALA B 244 -0.90 -6.53 3.77
CA ALA B 244 -1.77 -6.96 2.69
C ALA B 244 -1.07 -7.82 1.64
N ASP B 245 0.02 -7.29 1.09
CA ASP B 245 0.73 -7.95 -0.01
C ASP B 245 1.42 -9.26 0.40
N GLU B 246 1.76 -9.37 1.68
CA GLU B 246 2.47 -10.55 2.16
C GLU B 246 1.52 -11.72 2.43
N ILE B 247 0.26 -11.42 2.71
CA ILE B 247 -0.68 -12.50 3.01
C ILE B 247 -1.41 -12.92 1.73
N VAL B 248 -1.51 -12.01 0.76
CA VAL B 248 -2.07 -12.37 -0.53
C VAL B 248 -1.13 -13.37 -1.19
N ALA B 249 0.13 -12.98 -1.33
CA ALA B 249 1.14 -13.83 -1.94
C ALA B 249 1.27 -15.16 -1.21
N PHE B 250 1.09 -15.12 0.10
CA PHE B 250 1.10 -16.31 0.94
C PHE B 250 -0.10 -17.20 0.67
N ALA B 251 -1.27 -16.58 0.53
CA ALA B 251 -2.51 -17.33 0.33
C ALA B 251 -2.62 -17.88 -1.08
N VAL B 252 -1.97 -17.20 -2.03
CA VAL B 252 -1.94 -17.68 -3.40
C VAL B 252 -1.14 -19.00 -3.47
N ASP B 253 -0.05 -19.07 -2.73
CA ASP B 253 0.76 -20.29 -2.70
C ASP B 253 0.06 -21.42 -1.95
N TRP B 254 -0.66 -21.08 -0.88
CA TRP B 254 -1.45 -22.05 -0.14
C TRP B 254 -2.46 -22.69 -1.08
N LEU B 255 -3.15 -21.86 -1.85
CA LEU B 255 -4.17 -22.33 -2.77
C LEU B 255 -3.57 -23.06 -3.96
N GLU B 256 -2.51 -22.50 -4.54
CA GLU B 256 -1.86 -23.10 -5.70
C GLU B 256 -1.33 -24.51 -5.38
N ARG B 257 -0.89 -24.71 -4.15
CA ARG B 257 -0.38 -26.02 -3.75
C ARG B 257 -1.52 -27.00 -3.47
N TRP B 258 -2.55 -26.50 -2.82
CA TRP B 258 -3.70 -27.32 -2.47
C TRP B 258 -4.36 -27.91 -3.71
N GLY B 259 -4.48 -27.09 -4.76
CA GLY B 259 -5.05 -27.54 -6.01
C GLY B 259 -4.25 -28.63 -6.69
N ARG B 260 -2.93 -28.44 -6.77
CA ARG B 260 -2.03 -29.46 -7.29
C ARG B 260 -2.16 -30.73 -6.50
N THR B 261 -1.93 -30.58 -5.19
CA THR B 261 -2.04 -31.64 -4.23
C THR B 261 -3.40 -32.33 -4.33
N ALA B 262 -4.38 -31.49 -4.65
CA ALA B 262 -5.75 -31.81 -5.04
C ALA B 262 -6.65 -32.16 -3.85
N SER C 3 21.20 -52.74 2.97
CA SER C 3 21.04 -53.22 1.59
C SER C 3 19.58 -53.54 1.30
N ARG C 4 19.31 -54.06 0.09
CA ARG C 4 17.95 -54.34 -0.38
C ARG C 4 17.11 -53.07 -0.31
N VAL C 5 17.64 -52.01 -0.89
CA VAL C 5 17.06 -50.68 -0.80
C VAL C 5 15.66 -50.58 -1.38
N SER C 6 14.83 -49.76 -0.73
CA SER C 6 13.48 -49.51 -1.20
C SER C 6 13.46 -48.16 -1.87
N THR C 7 12.50 -47.98 -2.77
CA THR C 7 12.36 -46.71 -3.46
C THR C 7 10.96 -46.20 -3.29
N ARG C 8 10.80 -44.92 -3.59
CA ARG C 8 9.49 -44.35 -3.79
C ARG C 8 8.64 -45.35 -4.53
N SER C 9 9.07 -45.63 -5.75
CA SER C 9 8.34 -46.52 -6.62
C SER C 9 8.25 -47.96 -6.10
N SER C 10 9.22 -48.44 -5.32
CA SER C 10 9.07 -49.80 -4.81
C SER C 10 8.03 -49.81 -3.67
N LEU C 11 8.27 -49.00 -2.64
CA LEU C 11 7.34 -48.88 -1.51
C LEU C 11 5.89 -48.69 -1.97
N ALA C 12 5.73 -48.00 -3.08
CA ALA C 12 4.43 -47.69 -3.65
C ALA C 12 3.53 -48.92 -3.75
N GLU C 13 4.01 -50.00 -4.34
CA GLU C 13 3.12 -51.14 -4.45
C GLU C 13 3.52 -52.30 -3.54
N ASP C 14 4.50 -52.07 -2.68
CA ASP C 14 4.56 -52.81 -1.43
C ASP C 14 3.27 -52.44 -0.69
N LEU C 15 2.90 -51.16 -0.80
CA LEU C 15 1.70 -50.61 -0.18
C LEU C 15 0.41 -50.97 -0.92
N ARG C 16 0.44 -50.92 -2.24
CA ARG C 16 -0.76 -51.24 -3.02
C ARG C 16 -1.07 -52.73 -2.87
N ALA C 17 -0.03 -53.53 -2.59
CA ALA C 17 -0.20 -54.96 -2.35
C ALA C 17 -0.94 -55.22 -1.04
N ILE C 18 -0.55 -54.51 0.01
CA ILE C 18 -1.10 -54.76 1.34
C ILE C 18 -2.54 -54.24 1.47
N GLY C 19 -2.99 -53.44 0.51
CA GLY C 19 -4.39 -53.03 0.47
C GLY C 19 -4.69 -51.55 0.36
N LEU C 20 -3.68 -50.71 0.46
CA LEU C 20 -3.87 -49.26 0.35
C LEU C 20 -4.39 -48.91 -1.05
N ALA C 21 -5.45 -48.11 -1.12
CA ALA C 21 -6.12 -47.85 -2.40
C ALA C 21 -6.51 -46.38 -2.59
N ASP C 22 -6.97 -46.07 -3.77
CA ASP C 22 -7.27 -44.72 -4.07
C ASP C 22 -8.12 -44.04 -3.07
N GLY C 23 -7.65 -42.88 -2.66
CA GLY C 23 -8.43 -42.01 -1.79
C GLY C 23 -8.78 -42.44 -0.38
N ASP C 24 -8.39 -43.64 0.06
CA ASP C 24 -8.72 -44.02 1.42
C ASP C 24 -7.82 -43.32 2.44
N ALA C 25 -8.37 -43.01 3.61
CA ALA C 25 -7.65 -42.29 4.65
C ALA C 25 -6.93 -43.27 5.56
N VAL C 26 -5.62 -43.10 5.72
CA VAL C 26 -4.83 -44.08 6.45
C VAL C 26 -4.00 -43.47 7.58
N LEU C 27 -4.28 -43.91 8.81
CA LEU C 27 -3.48 -43.53 9.97
C LEU C 27 -2.28 -44.45 10.09
N VAL C 28 -1.10 -43.89 10.30
CA VAL C 28 0.11 -44.71 10.31
C VAL C 28 0.92 -44.58 11.60
N HIS C 29 1.18 -45.72 12.23
CA HIS C 29 2.15 -45.83 13.30
C HIS C 29 3.39 -46.51 12.75
N ALA C 30 4.58 -45.94 12.97
CA ALA C 30 5.75 -46.43 12.25
C ALA C 30 7.02 -46.59 13.07
N ALA C 31 7.73 -47.68 12.80
CA ALA C 31 9.11 -47.87 13.23
C ALA C 31 10.02 -47.80 12.01
N LEU C 32 10.34 -46.58 11.59
CA LEU C 32 11.05 -46.33 10.32
C LEU C 32 12.38 -47.09 10.21
N ARG C 33 13.00 -47.36 11.35
CA ARG C 33 14.28 -48.06 11.40
C ARG C 33 14.22 -49.44 10.75
N LYS C 34 13.02 -49.99 10.64
CA LYS C 34 12.85 -51.36 10.18
C LYS C 34 12.39 -51.49 8.74
N VAL C 35 11.94 -50.39 8.15
CA VAL C 35 11.61 -50.39 6.72
C VAL C 35 12.88 -50.65 5.90
N GLY C 36 14.04 -50.49 6.53
CA GLY C 36 15.31 -50.69 5.85
C GLY C 36 15.75 -49.43 5.13
N LYS C 37 16.70 -49.58 4.22
CA LYS C 37 17.27 -48.43 3.52
C LYS C 37 16.33 -47.93 2.42
N ILE C 38 16.17 -46.61 2.36
CA ILE C 38 15.36 -45.97 1.33
C ILE C 38 16.17 -44.86 0.66
N VAL C 39 16.13 -44.84 -0.67
CA VAL C 39 16.92 -43.89 -1.45
C VAL C 39 16.75 -42.44 -0.98
N GLY C 40 15.53 -41.94 -1.00
CA GLY C 40 15.27 -40.55 -0.62
C GLY C 40 15.01 -40.36 0.86
N GLY C 41 15.31 -41.41 1.64
CA GLY C 41 15.05 -41.38 3.06
C GLY C 41 13.59 -41.73 3.34
N PRO C 42 13.16 -41.55 4.60
CA PRO C 42 11.78 -41.84 5.02
C PRO C 42 10.74 -41.06 4.20
N ASP C 43 11.12 -39.89 3.69
CA ASP C 43 10.23 -39.06 2.89
C ASP C 43 9.64 -39.81 1.69
N ASP C 44 10.30 -40.88 1.26
CA ASP C 44 9.82 -41.67 0.13
C ASP C 44 8.63 -42.55 0.50
N ILE C 45 8.42 -42.78 1.79
CA ILE C 45 7.26 -43.54 2.23
C ILE C 45 6.00 -42.72 2.01
N LEU C 46 6.00 -41.51 2.54
CA LEU C 46 4.85 -40.62 2.48
C LEU C 46 4.52 -40.30 1.04
N ASP C 47 5.54 -39.99 0.26
CA ASP C 47 5.35 -39.71 -1.16
C ASP C 47 4.78 -40.91 -1.88
N ALA C 48 5.37 -42.07 -1.64
CA ALA C 48 4.89 -43.30 -2.26
C ALA C 48 3.44 -43.56 -1.89
N MET C 49 3.06 -43.18 -0.68
CA MET C 49 1.70 -43.35 -0.21
C MET C 49 0.69 -42.52 -1.00
N ARG C 50 0.97 -41.23 -1.11
CA ARG C 50 0.08 -40.31 -1.79
C ARG C 50 -0.05 -40.77 -3.21
N ASP C 51 1.03 -41.25 -3.77
CA ASP C 51 1.00 -41.83 -5.10
C ASP C 51 -0.13 -42.79 -5.24
N VAL C 52 -0.27 -43.58 -4.18
CA VAL C 52 -1.14 -44.73 -4.18
C VAL C 52 -2.58 -44.30 -3.93
N ILE C 53 -2.83 -43.65 -2.80
CA ILE C 53 -4.18 -43.21 -2.49
C ILE C 53 -4.59 -42.03 -3.36
N GLY C 54 -3.63 -41.25 -3.84
CA GLY C 54 -3.94 -40.17 -4.76
C GLY C 54 -4.39 -38.91 -4.06
N PRO C 55 -4.86 -37.93 -4.85
CA PRO C 55 -5.18 -36.61 -4.31
C PRO C 55 -6.21 -36.52 -3.20
N ALA C 56 -7.27 -37.32 -3.24
CA ALA C 56 -8.33 -37.18 -2.24
C ALA C 56 -8.09 -38.10 -1.05
N GLY C 57 -6.88 -38.65 -0.98
CA GLY C 57 -6.51 -39.49 0.14
C GLY C 57 -5.70 -38.72 1.17
N THR C 58 -5.66 -39.23 2.40
CA THR C 58 -4.90 -38.58 3.46
C THR C 58 -4.05 -39.58 4.24
N VAL C 59 -2.90 -39.12 4.70
CA VAL C 59 -2.07 -39.91 5.59
C VAL C 59 -2.00 -39.20 6.93
N LEU C 60 -2.11 -39.97 8.01
CA LEU C 60 -2.13 -39.36 9.33
C LEU C 60 -1.00 -39.87 10.20
N GLY C 61 -0.63 -39.02 11.15
CA GLY C 61 0.42 -39.33 12.10
C GLY C 61 -0.02 -38.78 13.44
N TYR C 62 0.27 -39.52 14.49
CA TYR C 62 -0.14 -39.16 15.84
C TYR C 62 0.95 -38.35 16.52
N ALA C 63 0.81 -37.02 16.49
CA ALA C 63 1.89 -36.11 16.90
C ALA C 63 2.06 -36.00 18.41
N ASP C 64 0.95 -35.90 19.13
CA ASP C 64 0.97 -35.69 20.58
C ASP C 64 1.63 -34.35 20.90
N TRP C 65 2.35 -34.29 22.00
CA TRP C 65 3.08 -33.09 22.42
C TRP C 65 4.25 -33.37 23.34
N GLN C 66 5.11 -32.41 23.61
CA GLN C 66 6.37 -32.76 24.28
C GLN C 66 6.48 -32.30 25.72
N LEU C 67 5.39 -32.00 26.38
CA LEU C 67 5.43 -31.44 27.71
C LEU C 67 6.21 -32.20 28.74
N GLU C 68 6.08 -33.51 28.77
CA GLU C 68 6.83 -34.28 29.75
C GLU C 68 6.33 -34.20 31.17
N ASP C 69 5.09 -33.82 31.38
CA ASP C 69 4.56 -33.81 32.72
C ASP C 69 5.21 -32.74 33.45
N GLU C 70 5.73 -31.83 32.67
CA GLU C 70 6.35 -30.61 33.21
C GLU C 70 5.73 -29.76 34.30
N ILE C 71 4.43 -29.52 34.26
CA ILE C 71 3.84 -28.68 35.29
C ILE C 71 3.98 -29.43 36.58
N ARG C 72 3.79 -30.75 36.49
CA ARG C 72 3.96 -31.67 37.62
C ARG C 72 5.41 -31.78 38.06
N ASP C 73 6.33 -31.89 37.09
CA ASP C 73 7.75 -31.96 37.37
C ASP C 73 8.33 -30.83 38.25
N ASP C 74 7.73 -29.65 38.14
CA ASP C 74 8.01 -28.51 38.97
C ASP C 74 6.90 -27.46 38.78
N PRO C 75 6.16 -27.10 39.85
CA PRO C 75 5.49 -25.80 39.78
C PRO C 75 6.63 -24.82 39.95
N ALA C 76 6.48 -23.50 39.90
CA ALA C 76 7.64 -22.59 39.92
C ALA C 76 8.34 -22.48 38.55
N MET C 77 8.24 -23.51 37.71
CA MET C 77 8.63 -23.36 36.31
C MET C 77 7.42 -22.95 35.49
N ARG C 78 6.44 -22.31 36.11
CA ARG C 78 5.14 -22.15 35.47
C ARG C 78 5.11 -21.15 34.33
N GLU C 79 5.73 -19.99 34.52
CA GLU C 79 5.72 -18.93 33.52
C GLU C 79 6.71 -19.17 32.41
N HIS C 80 7.49 -20.24 32.52
CA HIS C 80 8.51 -20.53 31.54
C HIS C 80 8.10 -21.69 30.63
N ILE C 81 6.94 -22.28 30.92
CA ILE C 81 6.42 -23.36 30.09
C ILE C 81 5.65 -22.79 28.90
N PRO C 82 6.14 -23.05 27.68
CA PRO C 82 5.44 -22.59 26.48
C PRO C 82 4.11 -23.31 26.33
N ALA C 83 3.07 -22.58 25.95
CA ALA C 83 1.77 -23.21 25.73
C ALA C 83 1.80 -24.04 24.46
N PHE C 84 0.85 -24.95 24.35
CA PHE C 84 0.70 -25.78 23.16
C PHE C 84 0.25 -24.97 21.93
N ASP C 85 1.06 -25.00 20.88
CA ASP C 85 0.75 -24.32 19.61
C ASP C 85 0.76 -25.36 18.49
N PRO C 86 -0.43 -25.69 17.96
CA PRO C 86 -0.55 -26.83 17.04
C PRO C 86 0.18 -26.68 15.70
N LEU C 87 0.48 -25.45 15.28
CA LEU C 87 1.15 -25.27 13.99
C LEU C 87 2.62 -25.05 14.24
N ARG C 88 2.98 -25.09 15.51
CA ARG C 88 4.33 -24.86 16.01
C ARG C 88 4.95 -25.89 16.93
N SER C 89 4.19 -26.41 17.86
CA SER C 89 4.74 -27.37 18.84
C SER C 89 5.31 -28.63 18.17
N ARG C 90 6.47 -29.11 18.60
CA ARG C 90 6.99 -30.32 17.98
C ARG C 90 6.30 -31.56 18.55
N SER C 91 6.23 -32.60 17.74
CA SER C 91 5.55 -33.84 18.14
C SER C 91 6.33 -34.56 19.24
N ILE C 92 5.66 -35.46 19.94
CA ILE C 92 6.30 -36.22 21.00
C ILE C 92 7.37 -37.15 20.44
N ARG C 93 8.46 -37.32 21.17
CA ARG C 93 9.58 -38.09 20.65
C ARG C 93 9.34 -39.58 20.77
N ASP C 94 8.48 -39.95 21.71
CA ASP C 94 8.20 -41.35 22.03
C ASP C 94 7.41 -42.06 20.93
N ASN C 95 6.97 -41.32 19.92
CA ASN C 95 6.15 -41.89 18.85
C ASN C 95 6.91 -42.08 17.54
N GLY C 96 8.14 -41.56 17.48
CA GLY C 96 8.96 -41.73 16.30
C GLY C 96 9.05 -40.47 15.45
N PHE C 97 9.84 -40.58 14.39
CA PHE C 97 10.07 -39.48 13.45
C PHE C 97 8.84 -39.28 12.56
N TRP C 98 8.08 -40.36 12.38
CA TRP C 98 6.99 -40.41 11.41
C TRP C 98 5.95 -39.26 11.50
N PRO C 99 5.36 -39.01 12.69
CA PRO C 99 4.40 -37.90 12.69
C PRO C 99 5.09 -36.55 12.58
N GLU C 100 6.35 -36.48 13.00
CA GLU C 100 7.10 -35.24 12.86
C GLU C 100 7.42 -35.03 11.38
N LEU C 101 7.62 -36.14 10.68
CA LEU C 101 7.86 -36.13 9.24
C LEU C 101 6.69 -35.50 8.50
N ILE C 102 5.50 -35.77 9.01
CA ILE C 102 4.27 -35.30 8.41
C ILE C 102 3.98 -33.84 8.76
N ARG C 103 3.96 -33.57 10.06
CA ARG C 103 3.75 -32.23 10.58
C ARG C 103 4.71 -31.18 9.98
N THR C 104 5.87 -31.63 9.52
CA THR C 104 6.88 -30.72 8.96
C THR C 104 6.92 -30.74 7.43
N THR C 105 6.02 -31.50 6.83
CA THR C 105 5.84 -31.48 5.37
C THR C 105 4.93 -30.33 4.99
N PRO C 106 5.35 -29.49 4.02
CA PRO C 106 4.55 -28.32 3.62
C PRO C 106 3.16 -28.69 3.13
N GLY C 107 2.14 -28.05 3.70
CA GLY C 107 0.76 -28.31 3.33
C GLY C 107 0.08 -29.22 4.32
N ALA C 108 0.75 -29.52 5.43
CA ALA C 108 0.20 -30.41 6.44
C ALA C 108 -0.41 -29.62 7.60
N LEU C 109 -1.31 -30.28 8.32
CA LEU C 109 -2.06 -29.65 9.40
C LEU C 109 -2.04 -30.49 10.66
N ARG C 110 -2.20 -29.83 11.80
CA ARG C 110 -2.19 -30.54 13.06
C ARG C 110 -3.39 -30.14 13.93
N SER C 111 -3.91 -31.12 14.65
CA SER C 111 -5.14 -30.94 15.41
C SER C 111 -4.92 -30.18 16.73
N ALA C 112 -6.03 -29.77 17.35
CA ALA C 112 -6.02 -28.77 18.41
C ALA C 112 -5.86 -29.31 19.84
N SER C 113 -6.26 -30.57 20.05
CA SER C 113 -6.14 -31.19 21.37
C SER C 113 -4.72 -31.73 21.59
N PRO C 114 -4.05 -31.31 22.67
CA PRO C 114 -2.60 -31.53 22.75
C PRO C 114 -2.09 -32.98 22.87
N GLY C 115 -2.61 -33.78 23.78
CA GLY C 115 -2.05 -35.11 24.00
C GLY C 115 -2.57 -36.15 23.03
N ALA C 116 -3.63 -35.77 22.32
CA ALA C 116 -4.29 -36.63 21.34
C ALA C 116 -4.08 -36.05 19.95
N SER C 117 -3.32 -34.96 19.94
CA SER C 117 -2.94 -34.24 18.74
C SER C 117 -2.54 -35.14 17.56
N MET C 118 -3.15 -34.89 16.40
CA MET C 118 -2.88 -35.66 15.19
C MET C 118 -2.42 -34.77 14.04
N ALA C 119 -1.50 -35.27 13.24
CA ALA C 119 -1.08 -34.57 12.04
C ALA C 119 -1.65 -35.26 10.81
N ALA C 120 -2.06 -34.49 9.82
CA ALA C 120 -2.61 -35.04 8.59
C ALA C 120 -2.16 -34.24 7.37
N ILE C 121 -1.89 -34.95 6.28
CA ILE C 121 -1.60 -34.30 5.01
C ILE C 121 -2.35 -35.01 3.90
N GLY C 122 -2.94 -34.24 2.99
CA GLY C 122 -3.72 -34.83 1.90
C GLY C 122 -5.08 -34.20 1.73
N GLY C 123 -5.89 -34.85 0.89
CA GLY C 123 -7.16 -34.30 0.43
C GLY C 123 -8.14 -33.79 1.45
N GLU C 124 -8.26 -34.49 2.57
CA GLU C 124 -9.18 -34.09 3.64
C GLU C 124 -8.46 -33.94 4.96
N ALA C 125 -7.22 -33.46 4.90
CA ALA C 125 -6.42 -33.21 6.09
C ALA C 125 -7.04 -32.11 6.93
N GLU C 126 -7.51 -31.04 6.28
CA GLU C 126 -8.15 -29.92 6.96
C GLU C 126 -9.25 -30.44 7.84
N TRP C 127 -10.04 -31.34 7.27
CA TRP C 127 -11.26 -31.78 7.91
C TRP C 127 -11.01 -32.75 9.06
N PHE C 128 -9.91 -33.50 8.98
CA PHE C 128 -9.51 -34.36 10.09
C PHE C 128 -9.00 -33.54 11.27
N THR C 129 -8.14 -32.57 10.99
CA THR C 129 -7.51 -31.78 12.03
C THR C 129 -8.47 -30.78 12.65
N ALA C 130 -9.54 -30.47 11.92
CA ALA C 130 -10.51 -29.47 12.36
C ALA C 130 -11.35 -29.97 13.52
N ASP C 131 -11.74 -29.05 14.39
CA ASP C 131 -12.71 -29.29 15.45
C ASP C 131 -12.40 -30.54 16.28
N HIS C 132 -11.16 -30.62 16.74
CA HIS C 132 -10.76 -31.68 17.65
C HIS C 132 -11.03 -31.24 19.08
N ALA C 133 -11.82 -32.03 19.79
CA ALA C 133 -12.28 -31.70 21.14
C ALA C 133 -11.17 -31.83 22.17
N LEU C 134 -11.01 -30.80 22.99
CA LEU C 134 -9.99 -30.80 24.03
C LEU C 134 -10.30 -31.88 25.07
N ASP C 135 -11.50 -31.81 25.65
CA ASP C 135 -11.93 -32.81 26.61
C ASP C 135 -12.41 -34.07 25.88
N TYR C 136 -11.82 -35.20 26.25
CA TYR C 136 -12.05 -36.49 25.58
C TYR C 136 -11.67 -36.42 24.11
N GLY C 137 -10.37 -36.20 23.87
CA GLY C 137 -9.84 -36.07 22.53
C GLY C 137 -9.59 -37.40 21.84
N TYR C 138 -10.13 -38.47 22.41
CA TYR C 138 -10.07 -39.78 21.80
C TYR C 138 -11.47 -40.30 21.49
N GLY C 139 -12.45 -39.42 21.64
CA GLY C 139 -13.84 -39.78 21.39
C GLY C 139 -14.30 -39.51 19.97
N PRO C 140 -15.60 -39.30 19.79
CA PRO C 140 -16.25 -39.06 18.49
C PRO C 140 -15.65 -37.86 17.77
N ARG C 141 -15.61 -36.70 18.43
CA ARG C 141 -15.08 -35.50 17.80
C ARG C 141 -13.56 -35.45 17.91
N SER C 142 -12.93 -36.47 17.36
CA SER C 142 -11.48 -36.57 17.28
C SER C 142 -11.14 -37.08 15.88
N PRO C 143 -9.87 -36.96 15.46
CA PRO C 143 -9.52 -37.48 14.14
C PRO C 143 -9.74 -38.99 14.04
N LEU C 144 -9.68 -39.68 15.18
CA LEU C 144 -9.94 -41.10 15.25
C LEU C 144 -11.43 -41.40 15.03
N GLY C 145 -12.27 -40.51 15.54
CA GLY C 145 -13.70 -40.64 15.36
C GLY C 145 -14.09 -40.36 13.92
N LYS C 146 -13.53 -39.30 13.35
CA LYS C 146 -13.80 -38.96 11.96
C LYS C 146 -13.23 -40.03 11.03
N LEU C 147 -12.21 -40.74 11.49
CA LEU C 147 -11.61 -41.80 10.70
C LEU C 147 -12.59 -42.93 10.44
N VAL C 148 -13.49 -43.15 11.40
CA VAL C 148 -14.45 -44.24 11.30
C VAL C 148 -15.58 -43.93 10.30
N GLU C 149 -16.18 -42.74 10.39
CA GLU C 149 -17.27 -42.38 9.49
C GLU C 149 -16.77 -42.22 8.06
N ALA C 150 -15.45 -42.18 7.89
CA ALA C 150 -14.86 -42.02 6.58
C ALA C 150 -14.18 -43.31 6.13
N LYS C 151 -14.54 -44.41 6.78
CA LYS C 151 -14.00 -45.75 6.50
C LYS C 151 -12.51 -45.74 6.26
N GLY C 152 -11.79 -45.02 7.13
CA GLY C 152 -10.36 -44.92 7.00
C GLY C 152 -9.72 -46.23 7.41
N LYS C 153 -8.40 -46.26 7.45
CA LYS C 153 -7.70 -47.47 7.85
C LYS C 153 -6.53 -47.14 8.76
N VAL C 154 -5.99 -48.18 9.41
CA VAL C 154 -4.82 -48.03 10.25
C VAL C 154 -3.69 -48.91 9.74
N LEU C 155 -2.57 -48.29 9.39
CA LEU C 155 -1.42 -49.04 8.90
C LEU C 155 -0.29 -49.08 9.93
N MET C 156 0.00 -50.28 10.42
CA MET C 156 1.17 -50.51 11.25
C MET C 156 2.40 -50.67 10.36
N LEU C 157 3.08 -49.56 10.07
CA LEU C 157 4.19 -49.60 9.11
C LEU C 157 5.27 -50.58 9.55
N GLY C 158 5.72 -50.44 10.79
CA GLY C 158 6.66 -51.38 11.36
C GLY C 158 6.41 -51.47 12.85
N ALA C 159 5.53 -50.59 13.32
CA ALA C 159 5.18 -50.46 14.73
C ALA C 159 4.63 -51.75 15.32
N PRO C 160 4.74 -51.91 16.65
CA PRO C 160 4.06 -53.00 17.35
C PRO C 160 2.55 -52.78 17.44
N LEU C 161 1.79 -53.88 17.50
CA LEU C 161 0.31 -53.84 17.46
C LEU C 161 -0.27 -53.27 18.74
N ASP C 162 0.58 -53.31 19.76
CA ASP C 162 0.48 -52.56 21.01
C ASP C 162 0.09 -51.07 20.83
N THR C 163 0.52 -50.47 19.72
CA THR C 163 0.49 -49.02 19.59
C THR C 163 -0.72 -48.47 18.84
N MET C 164 -1.70 -49.34 18.55
CA MET C 164 -2.88 -48.91 17.82
C MET C 164 -3.68 -47.91 18.64
N THR C 165 -3.41 -46.63 18.42
CA THR C 165 -4.05 -45.57 19.18
C THR C 165 -5.56 -45.56 18.94
N LEU C 166 -5.97 -46.06 17.77
CA LEU C 166 -7.39 -46.06 17.41
C LEU C 166 -8.24 -46.86 18.40
N LEU C 167 -7.64 -47.82 19.08
CA LEU C 167 -8.40 -48.66 20.01
C LEU C 167 -8.79 -47.91 21.28
N HIS C 168 -8.21 -46.72 21.48
CA HIS C 168 -8.61 -45.90 22.61
C HIS C 168 -9.96 -45.28 22.34
N HIS C 169 -10.23 -45.00 21.07
CA HIS C 169 -11.56 -44.57 20.66
C HIS C 169 -12.56 -45.64 21.05
N ALA C 170 -12.16 -46.89 20.83
CA ALA C 170 -12.99 -48.03 21.20
C ALA C 170 -13.31 -48.01 22.70
N GLU C 171 -12.33 -47.65 23.52
CA GLU C 171 -12.54 -47.58 24.96
C GLU C 171 -13.45 -46.40 25.35
N HIS C 172 -13.26 -45.27 24.67
CA HIS C 172 -14.13 -44.13 24.89
C HIS C 172 -15.58 -44.51 24.55
N LEU C 173 -15.74 -45.32 23.52
CA LEU C 173 -17.06 -45.82 23.14
C LEU C 173 -17.61 -46.79 24.17
N ALA C 174 -16.81 -47.82 24.47
CA ALA C 174 -17.28 -49.05 25.13
C ALA C 174 -17.99 -48.90 26.48
N ASP C 175 -18.87 -49.86 26.76
CA ASP C 175 -19.67 -49.82 27.97
C ASP C 175 -19.11 -50.50 29.23
N PHE C 176 -18.02 -51.25 29.15
CA PHE C 176 -17.56 -51.86 30.40
C PHE C 176 -17.47 -50.80 31.52
N PRO C 177 -17.68 -51.24 32.77
CA PRO C 177 -17.73 -50.24 33.85
C PRO C 177 -16.36 -49.97 34.45
N ASN C 178 -16.27 -48.88 35.21
CA ASN C 178 -15.05 -48.49 35.95
C ASN C 178 -13.92 -47.94 35.08
N LYS C 179 -14.29 -47.15 34.08
CA LYS C 179 -13.34 -46.29 33.37
C LYS C 179 -12.48 -45.53 34.36
N ARG C 180 -11.16 -45.52 34.19
CA ARG C 180 -10.34 -44.61 34.99
C ARG C 180 -10.37 -43.25 34.32
N ILE C 181 -10.46 -42.17 35.09
CA ILE C 181 -10.52 -40.83 34.51
C ILE C 181 -9.30 -39.96 34.82
N LEU C 182 -8.60 -39.56 33.77
CA LEU C 182 -7.43 -38.70 33.88
C LEU C 182 -7.86 -37.23 33.98
N ARG C 183 -7.14 -36.45 34.79
CA ARG C 183 -7.42 -35.03 34.95
C ARG C 183 -6.15 -34.23 35.18
N TYR C 184 -5.97 -33.17 34.39
CA TYR C 184 -4.75 -32.37 34.47
C TYR C 184 -4.94 -30.98 33.88
N GLU C 185 -3.88 -30.18 33.99
CA GLU C 185 -3.88 -28.77 33.65
C GLU C 185 -2.79 -28.53 32.61
N ALA C 186 -3.05 -27.74 31.59
CA ALA C 186 -2.03 -27.48 30.58
C ALA C 186 -2.15 -26.11 29.96
N PRO C 187 -1.04 -25.60 29.40
CA PRO C 187 -1.15 -24.30 28.74
C PRO C 187 -1.49 -24.46 27.26
N ILE C 188 -2.55 -23.78 26.83
CA ILE C 188 -2.91 -23.71 25.43
C ILE C 188 -2.88 -22.25 24.99
N LEU C 189 -3.19 -22.00 23.72
CA LEU C 189 -3.23 -20.63 23.23
C LEU C 189 -4.66 -20.21 22.89
N VAL C 190 -5.08 -19.10 23.49
CA VAL C 190 -6.40 -18.53 23.25
C VAL C 190 -6.25 -17.09 22.80
N ASP C 191 -6.73 -16.80 21.59
CA ASP C 191 -6.56 -15.48 20.98
C ASP C 191 -5.09 -15.11 21.00
N GLY C 192 -4.24 -16.07 20.62
CA GLY C 192 -2.81 -15.86 20.51
C GLY C 192 -2.07 -15.79 21.84
N GLU C 193 -2.79 -16.03 22.94
CA GLU C 193 -2.20 -15.84 24.26
C GLU C 193 -2.29 -17.07 25.17
N LYS C 194 -1.16 -17.39 25.81
CA LYS C 194 -1.04 -18.53 26.69
C LYS C 194 -2.02 -18.51 27.86
N VAL C 195 -2.82 -19.58 27.97
CA VAL C 195 -3.81 -19.71 29.04
C VAL C 195 -3.86 -21.15 29.57
N TRP C 196 -3.76 -21.29 30.88
CA TRP C 196 -3.81 -22.61 31.51
C TRP C 196 -5.24 -23.14 31.62
N ARG C 197 -5.47 -24.33 31.05
CA ARG C 197 -6.80 -24.94 31.06
C ARG C 197 -6.79 -26.30 31.76
N TRP C 198 -7.93 -26.69 32.29
CA TRP C 198 -8.10 -28.02 32.89
C TRP C 198 -8.74 -29.02 31.92
N PHE C 199 -8.05 -30.14 31.70
CA PHE C 199 -8.54 -31.16 30.78
C PHE C 199 -9.08 -32.38 31.54
N GLU C 200 -10.04 -33.06 30.93
CA GLU C 200 -10.56 -34.33 31.45
C GLU C 200 -10.69 -35.30 30.30
N GLU C 201 -10.32 -36.56 30.53
CA GLU C 201 -10.46 -37.58 29.50
C GLU C 201 -10.47 -38.97 30.10
N PHE C 202 -10.97 -39.93 29.34
CA PHE C 202 -10.79 -41.32 29.70
C PHE C 202 -9.30 -41.59 29.67
N ASP C 203 -8.84 -42.32 30.67
CA ASP C 203 -7.43 -42.59 30.84
C ASP C 203 -6.87 -43.51 29.74
N THR C 204 -5.66 -43.18 29.28
CA THR C 204 -4.91 -43.97 28.29
C THR C 204 -3.51 -44.21 28.86
N SER C 205 -3.26 -43.51 29.96
CA SER C 205 -2.08 -43.56 30.84
C SER C 205 -1.64 -44.95 31.28
N ASP C 206 -2.64 -45.82 31.38
CA ASP C 206 -2.55 -47.20 31.84
C ASP C 206 -3.78 -47.90 31.27
N PRO C 207 -3.76 -49.23 31.17
CA PRO C 207 -4.95 -49.92 30.65
C PRO C 207 -6.04 -50.07 31.72
N PRO C 208 -7.19 -50.68 31.34
CA PRO C 208 -8.19 -50.98 32.38
C PRO C 208 -7.74 -52.05 33.36
N ASP C 209 -8.41 -52.10 34.50
CA ASP C 209 -8.11 -53.04 35.57
C ASP C 209 -8.31 -54.50 35.18
N GLY C 210 -7.34 -55.33 35.53
CA GLY C 210 -7.42 -56.76 35.27
C GLY C 210 -7.01 -57.15 33.86
N LEU C 211 -6.46 -56.19 33.12
CA LEU C 211 -5.98 -56.48 31.78
C LEU C 211 -4.51 -56.14 31.65
N ALA C 212 -3.81 -56.88 30.79
CA ALA C 212 -2.39 -56.67 30.60
C ALA C 212 -2.14 -55.40 29.79
N ASP C 213 -0.92 -54.88 29.88
CA ASP C 213 -0.50 -53.76 29.04
C ASP C 213 -0.55 -54.14 27.56
N ASP C 214 -0.20 -55.37 27.25
CA ASP C 214 -0.12 -55.77 25.84
C ASP C 214 -1.40 -56.35 25.26
N TYR C 215 -2.52 -56.17 25.95
CA TYR C 215 -3.73 -56.82 25.43
C TYR C 215 -4.19 -56.33 24.04
N PHE C 216 -4.00 -55.05 23.73
CA PHE C 216 -4.33 -54.51 22.40
C PHE C 216 -3.96 -55.44 21.24
N ALA C 217 -2.70 -55.87 21.21
CA ALA C 217 -2.16 -56.70 20.14
C ALA C 217 -2.90 -58.03 20.02
N GLY C 218 -3.56 -58.44 21.09
CA GLY C 218 -4.41 -59.61 21.07
C GLY C 218 -5.65 -59.34 20.24
N ILE C 219 -6.40 -58.32 20.64
CA ILE C 219 -7.58 -57.87 19.90
C ILE C 219 -7.27 -57.67 18.42
N VAL C 220 -6.13 -57.06 18.12
CA VAL C 220 -5.71 -56.86 16.74
C VAL C 220 -5.45 -58.20 16.04
N GLU C 221 -4.82 -59.13 16.74
CA GLU C 221 -4.51 -60.41 16.14
C GLU C 221 -5.76 -61.26 15.93
N GLU C 222 -6.62 -61.31 16.93
CA GLU C 222 -7.89 -62.05 16.81
C GLU C 222 -8.76 -61.47 15.71
N PHE C 223 -8.74 -60.14 15.59
CA PHE C 223 -9.51 -59.45 14.55
C PHE C 223 -8.94 -59.88 13.20
N LEU C 224 -7.61 -59.95 13.11
CA LEU C 224 -6.94 -60.37 11.89
C LEU C 224 -7.36 -61.79 11.52
N ALA C 225 -7.53 -62.62 12.55
CA ALA C 225 -7.78 -64.05 12.37
C ALA C 225 -9.21 -64.36 11.91
N THR C 226 -10.07 -63.35 11.89
CA THR C 226 -11.41 -63.53 11.34
C THR C 226 -11.33 -63.36 9.82
N GLY C 227 -10.12 -63.12 9.33
CA GLY C 227 -9.86 -63.00 7.91
C GLY C 227 -10.11 -61.63 7.34
N ARG C 228 -10.10 -60.61 8.20
CA ARG C 228 -10.50 -59.28 7.76
C ARG C 228 -9.37 -58.26 7.68
N GLY C 229 -8.21 -58.59 8.23
CA GLY C 229 -7.05 -57.72 8.06
C GLY C 229 -6.16 -58.36 7.02
N LYS C 230 -5.20 -57.62 6.51
CA LYS C 230 -4.22 -58.25 5.64
C LYS C 230 -2.82 -57.96 6.14
N ARG C 231 -1.86 -58.77 5.67
CA ARG C 231 -0.48 -58.66 6.11
C ARG C 231 0.48 -58.63 4.94
N GLY C 232 1.65 -58.05 5.18
CA GLY C 232 2.67 -57.97 4.17
C GLY C 232 3.78 -57.04 4.63
N LYS C 233 4.87 -57.07 3.88
CA LYS C 233 6.05 -56.28 4.19
C LYS C 233 6.00 -54.94 3.44
N ILE C 234 6.28 -53.84 4.14
CA ILE C 234 6.58 -52.60 3.46
C ILE C 234 8.06 -52.35 3.63
N GLY C 235 8.84 -52.55 2.57
CA GLY C 235 10.28 -52.62 2.70
C GLY C 235 10.55 -53.89 3.49
N GLU C 236 11.39 -53.79 4.50
CA GLU C 236 11.66 -54.92 5.39
C GLU C 236 10.84 -54.82 6.68
N ALA C 237 9.97 -53.82 6.72
CA ALA C 237 9.11 -53.63 7.88
C ALA C 237 7.99 -54.65 7.85
N SER C 238 7.78 -55.34 8.98
CA SER C 238 6.70 -56.31 9.09
C SER C 238 5.36 -55.61 9.35
N SER C 239 4.70 -55.23 8.25
CA SER C 239 3.53 -54.35 8.34
C SER C 239 2.20 -55.10 8.43
N VAL C 240 1.12 -54.33 8.65
CA VAL C 240 -0.23 -54.87 8.65
C VAL C 240 -1.27 -53.75 8.50
N LEU C 241 -2.20 -53.94 7.57
CA LEU C 241 -3.22 -52.93 7.28
C LEU C 241 -4.60 -53.40 7.72
N VAL C 242 -5.25 -52.60 8.57
CA VAL C 242 -6.60 -52.91 9.01
C VAL C 242 -7.55 -51.77 8.72
N PRO C 243 -8.85 -52.09 8.63
CA PRO C 243 -9.93 -51.10 8.49
C PRO C 243 -10.42 -50.54 9.83
N ALA C 244 -10.54 -49.22 9.91
CA ALA C 244 -10.85 -48.52 11.16
C ALA C 244 -12.30 -48.71 11.58
N ASP C 245 -13.18 -48.65 10.59
CA ASP C 245 -14.62 -48.96 10.69
C ASP C 245 -14.92 -50.09 11.66
N GLU C 246 -14.12 -51.13 11.60
CA GLU C 246 -14.43 -52.35 12.29
C GLU C 246 -13.70 -52.81 13.47
N ILE C 247 -12.41 -52.55 13.46
CA ILE C 247 -11.69 -53.04 14.59
C ILE C 247 -12.25 -52.24 15.76
N VAL C 248 -12.64 -50.99 15.51
CA VAL C 248 -13.42 -50.21 16.46
C VAL C 248 -14.66 -50.99 16.89
N ALA C 249 -15.45 -51.47 15.92
CA ALA C 249 -16.63 -52.26 16.23
C ALA C 249 -16.26 -53.60 16.90
N PHE C 250 -15.20 -54.22 16.39
CA PHE C 250 -14.70 -55.47 16.96
C PHE C 250 -14.28 -55.29 18.40
N ALA C 251 -13.51 -54.23 18.67
CA ALA C 251 -12.96 -54.00 20.00
C ALA C 251 -14.05 -53.80 21.04
N VAL C 252 -15.08 -53.01 20.70
CA VAL C 252 -16.13 -52.68 21.66
C VAL C 252 -16.86 -53.92 22.19
N ASP C 253 -17.22 -54.85 21.30
CA ASP C 253 -17.89 -56.09 21.72
C ASP C 253 -17.03 -56.88 22.70
N TRP C 254 -15.77 -57.01 22.32
CA TRP C 254 -14.77 -57.68 23.13
C TRP C 254 -14.78 -57.14 24.55
N LEU C 255 -14.79 -55.82 24.68
CA LEU C 255 -14.74 -55.17 25.98
C LEU C 255 -16.02 -55.31 26.79
N GLU C 256 -17.17 -55.08 26.16
CA GLU C 256 -18.46 -55.19 26.84
C GLU C 256 -18.67 -56.61 27.36
N ARG C 257 -18.31 -57.59 26.52
CA ARG C 257 -18.35 -59.01 26.86
C ARG C 257 -17.37 -59.36 27.96
N TRP C 258 -16.14 -58.91 27.81
CA TRP C 258 -15.14 -59.01 28.87
C TRP C 258 -15.66 -58.28 30.09
N GLY C 259 -16.27 -57.12 29.86
CA GLY C 259 -16.80 -56.28 30.93
C GLY C 259 -17.74 -57.04 31.84
N ARG C 260 -18.54 -57.92 31.24
CA ARG C 260 -19.47 -58.79 31.95
C ARG C 260 -18.87 -59.39 33.22
N THR C 261 -17.77 -60.09 33.01
CA THR C 261 -17.18 -60.96 34.02
C THR C 261 -16.22 -60.25 34.97
N ALA C 262 -15.74 -59.07 34.55
CA ALA C 262 -14.72 -58.35 35.30
C ALA C 262 -15.27 -57.80 36.61
N ARG C 263 -14.38 -57.68 37.61
CA ARG C 263 -14.73 -57.14 38.93
C ARG C 263 -15.62 -55.91 38.84
N SER D 3 21.48 -29.83 34.69
CA SER D 3 21.75 -29.67 36.12
C SER D 3 21.10 -28.40 36.64
N ARG D 4 21.35 -27.29 35.94
CA ARG D 4 20.57 -26.08 36.14
C ARG D 4 19.65 -26.01 34.93
N VAL D 5 18.46 -25.44 35.06
CA VAL D 5 17.54 -25.44 33.93
C VAL D 5 17.45 -24.06 33.27
N SER D 6 17.62 -24.05 31.95
CA SER D 6 17.58 -22.82 31.17
C SER D 6 16.17 -22.49 30.71
N THR D 7 15.85 -21.20 30.62
CA THR D 7 14.54 -20.79 30.09
C THR D 7 14.69 -19.89 28.87
N ARG D 8 13.56 -19.62 28.22
CA ARG D 8 13.52 -18.63 27.15
C ARG D 8 14.11 -17.32 27.67
N SER D 9 13.70 -16.96 28.88
CA SER D 9 14.16 -15.75 29.56
C SER D 9 15.64 -15.81 29.88
N SER D 10 16.05 -16.94 30.46
CA SER D 10 17.45 -17.16 30.84
C SER D 10 18.42 -17.09 29.66
N LEU D 11 18.06 -17.71 28.55
CA LEU D 11 18.94 -17.76 27.38
C LEU D 11 19.14 -16.40 26.74
N ALA D 12 18.05 -15.61 26.66
CA ALA D 12 18.12 -14.26 26.11
C ALA D 12 19.10 -13.39 26.89
N GLU D 13 19.17 -13.64 28.19
CA GLU D 13 20.15 -13.03 29.08
C GLU D 13 21.57 -13.42 28.70
N ASP D 14 21.79 -14.73 28.66
CA ASP D 14 23.05 -15.34 28.26
C ASP D 14 23.51 -14.81 26.92
N LEU D 15 22.55 -14.57 26.04
CA LEU D 15 22.83 -14.13 24.67
C LEU D 15 23.23 -12.65 24.62
N ARG D 16 22.48 -11.79 25.29
CA ARG D 16 22.82 -10.37 25.29
C ARG D 16 24.18 -10.17 25.94
N ALA D 17 24.52 -11.06 26.87
CA ALA D 17 25.77 -10.98 27.62
C ALA D 17 26.98 -11.33 26.76
N ILE D 18 26.77 -12.12 25.71
CA ILE D 18 27.87 -12.50 24.83
C ILE D 18 28.03 -11.47 23.71
N GLY D 19 27.01 -10.65 23.50
CA GLY D 19 27.10 -9.55 22.56
C GLY D 19 25.96 -9.42 21.57
N LEU D 20 25.10 -10.44 21.50
CA LEU D 20 23.99 -10.43 20.56
C LEU D 20 22.99 -9.31 20.88
N ALA D 21 22.64 -8.52 19.86
CA ALA D 21 21.91 -7.27 20.06
C ALA D 21 20.80 -7.07 19.04
N ASP D 22 20.09 -5.94 19.16
CA ASP D 22 18.97 -5.63 18.28
C ASP D 22 19.43 -5.39 16.85
N GLY D 23 18.73 -6.04 15.92
CA GLY D 23 18.96 -5.83 14.50
C GLY D 23 19.97 -6.77 13.90
N ASP D 24 20.56 -7.62 14.73
CA ASP D 24 21.65 -8.49 14.30
C ASP D 24 21.19 -9.65 13.43
N ALA D 25 21.99 -9.94 12.40
CA ALA D 25 21.87 -11.19 11.68
C ALA D 25 22.94 -12.13 12.22
N VAL D 26 22.55 -13.33 12.61
CA VAL D 26 23.51 -14.23 13.25
C VAL D 26 23.41 -15.68 12.75
N LEU D 27 24.54 -16.17 12.22
CA LEU D 27 24.64 -17.54 11.72
C LEU D 27 25.08 -18.47 12.84
N VAL D 28 24.29 -19.50 13.10
CA VAL D 28 24.55 -20.32 14.29
C VAL D 28 24.91 -21.77 14.00
N HIS D 29 26.09 -22.16 14.48
CA HIS D 29 26.51 -23.55 14.51
C HIS D 29 26.42 -24.05 15.95
N ALA D 30 25.75 -25.18 16.16
CA ALA D 30 25.39 -25.57 17.52
C ALA D 30 25.58 -27.05 17.84
N ALA D 31 26.03 -27.30 19.06
CA ALA D 31 26.00 -28.64 19.65
C ALA D 31 24.99 -28.65 20.78
N LEU D 32 23.72 -28.82 20.41
CA LEU D 32 22.58 -28.55 21.31
C LEU D 32 22.65 -29.30 22.65
N ARG D 33 23.25 -30.49 22.65
CA ARG D 33 23.36 -31.28 23.88
C ARG D 33 24.09 -30.55 25.00
N LYS D 34 25.08 -29.76 24.63
CA LYS D 34 25.92 -29.09 25.62
C LYS D 34 25.21 -27.94 26.32
N VAL D 35 24.12 -27.47 25.74
CA VAL D 35 23.35 -26.38 26.30
C VAL D 35 22.78 -26.76 27.67
N GLY D 36 22.54 -28.05 27.87
CA GLY D 36 21.96 -28.54 29.11
C GLY D 36 20.46 -28.70 28.96
N LYS D 37 19.75 -28.69 30.08
CA LYS D 37 18.30 -28.81 30.04
C LYS D 37 17.63 -27.48 29.75
N ILE D 38 16.62 -27.53 28.91
CA ILE D 38 15.83 -26.37 28.57
C ILE D 38 14.36 -26.73 28.78
N VAL D 39 13.63 -25.89 29.52
CA VAL D 39 12.25 -26.19 29.89
C VAL D 39 11.39 -26.54 28.67
N GLY D 40 11.46 -25.72 27.64
CA GLY D 40 10.63 -25.92 26.46
C GLY D 40 11.35 -26.55 25.29
N GLY D 41 12.50 -27.16 25.54
CA GLY D 41 13.30 -27.75 24.48
C GLY D 41 14.14 -26.70 23.77
N PRO D 42 14.85 -27.10 22.70
CA PRO D 42 15.76 -26.16 22.02
C PRO D 42 15.01 -25.09 21.25
N ASP D 43 13.72 -25.28 21.05
CA ASP D 43 12.90 -24.25 20.42
C ASP D 43 12.90 -22.99 21.29
N ASP D 44 13.21 -23.16 22.58
CA ASP D 44 13.37 -22.03 23.49
C ASP D 44 14.63 -21.23 23.16
N ILE D 45 15.59 -21.88 22.50
CA ILE D 45 16.80 -21.17 22.10
C ILE D 45 16.53 -20.24 20.93
N LEU D 46 15.84 -20.74 19.90
CA LEU D 46 15.51 -19.91 18.74
C LEU D 46 14.62 -18.75 19.16
N ASP D 47 13.63 -19.05 20.01
CA ASP D 47 12.71 -18.03 20.48
C ASP D 47 13.42 -17.00 21.36
N ALA D 48 14.51 -17.41 22.00
CA ALA D 48 15.27 -16.47 22.82
C ALA D 48 16.04 -15.47 21.96
N MET D 49 16.66 -15.96 20.88
CA MET D 49 17.39 -15.07 19.98
C MET D 49 16.45 -14.18 19.21
N ARG D 50 15.31 -14.73 18.81
CA ARG D 50 14.31 -13.95 18.09
C ARG D 50 13.83 -12.78 18.95
N ASP D 51 13.73 -13.00 20.26
CA ASP D 51 13.41 -11.93 21.20
C ASP D 51 14.48 -10.84 21.19
N VAL D 52 15.71 -11.25 21.43
CA VAL D 52 16.86 -10.35 21.54
C VAL D 52 17.12 -9.49 20.30
N ILE D 53 17.22 -10.14 19.15
CA ILE D 53 17.51 -9.42 17.91
C ILE D 53 16.26 -8.75 17.37
N GLY D 54 15.11 -9.24 17.83
CA GLY D 54 13.83 -8.64 17.46
C GLY D 54 13.49 -8.86 16.00
N PRO D 55 12.38 -8.26 15.56
CA PRO D 55 11.79 -8.35 14.22
C PRO D 55 12.77 -8.16 13.05
N ALA D 56 13.65 -7.16 13.09
CA ALA D 56 14.52 -6.89 11.96
C ALA D 56 15.75 -7.82 11.91
N GLY D 57 15.94 -8.58 12.98
CA GLY D 57 17.06 -9.51 13.05
C GLY D 57 16.76 -10.86 12.45
N THR D 58 17.82 -11.56 12.02
CA THR D 58 17.66 -12.81 11.30
C THR D 58 18.56 -13.90 11.88
N VAL D 59 18.01 -15.10 12.09
CA VAL D 59 18.78 -16.24 12.56
C VAL D 59 19.04 -17.24 11.42
N LEU D 60 20.29 -17.66 11.26
CA LEU D 60 20.63 -18.55 10.16
C LEU D 60 21.22 -19.90 10.60
N GLY D 61 20.96 -20.92 9.81
CA GLY D 61 21.47 -22.25 10.06
C GLY D 61 21.90 -22.92 8.77
N TYR D 62 22.98 -23.70 8.85
CA TYR D 62 23.54 -24.33 7.67
C TYR D 62 22.94 -25.72 7.46
N ALA D 63 21.99 -25.80 6.56
CA ALA D 63 21.19 -26.99 6.38
C ALA D 63 21.91 -28.04 5.56
N ASP D 64 22.51 -27.59 4.45
CA ASP D 64 23.15 -28.52 3.54
C ASP D 64 22.01 -29.41 3.08
N TRP D 65 22.31 -30.57 2.51
CA TRP D 65 21.26 -31.40 1.98
C TRP D 65 21.62 -32.84 2.32
N GLN D 66 20.75 -33.78 2.04
CA GLN D 66 20.85 -35.10 2.64
C GLN D 66 21.15 -36.25 1.69
N LEU D 67 21.55 -35.97 0.45
CA LEU D 67 21.46 -37.06 -0.52
C LEU D 67 22.56 -37.20 -1.53
N GLU D 68 23.57 -36.37 -1.49
CA GLU D 68 24.57 -36.37 -2.53
C GLU D 68 25.37 -37.58 -2.74
N ASP D 69 25.89 -38.13 -1.66
CA ASP D 69 26.72 -39.30 -1.80
C ASP D 69 26.01 -40.32 -2.74
N GLU D 70 24.71 -40.57 -2.58
CA GLU D 70 24.06 -41.60 -3.39
C GLU D 70 23.98 -41.43 -4.90
N ILE D 71 24.58 -40.37 -5.39
CA ILE D 71 24.43 -40.12 -6.78
C ILE D 71 25.44 -40.88 -7.59
N ARG D 72 26.60 -41.00 -6.99
CA ARG D 72 27.76 -41.65 -7.55
C ARG D 72 28.06 -42.92 -6.79
N ASP D 73 27.57 -42.96 -5.55
CA ASP D 73 27.77 -44.12 -4.70
C ASP D 73 26.99 -45.30 -5.25
N ASP D 74 25.80 -45.02 -5.79
CA ASP D 74 24.96 -46.07 -6.38
C ASP D 74 24.30 -45.58 -7.66
N PRO D 75 25.08 -45.38 -8.74
CA PRO D 75 24.36 -45.02 -9.96
C PRO D 75 23.48 -46.20 -10.37
N ALA D 76 22.59 -45.99 -11.35
CA ALA D 76 21.53 -46.95 -11.69
C ALA D 76 20.47 -46.95 -10.58
N MET D 77 20.61 -45.96 -9.69
CA MET D 77 19.57 -45.59 -8.74
C MET D 77 19.12 -44.19 -9.12
N ARG D 78 19.73 -43.66 -10.15
CA ARG D 78 19.59 -42.29 -10.55
C ARG D 78 18.18 -41.81 -10.72
N GLU D 79 17.35 -42.66 -11.24
CA GLU D 79 15.93 -42.39 -11.47
C GLU D 79 15.13 -42.31 -10.17
N HIS D 80 15.76 -42.74 -9.09
CA HIS D 80 15.07 -42.89 -7.81
C HIS D 80 15.49 -41.85 -6.80
N ILE D 81 16.29 -40.88 -7.23
CA ILE D 81 16.77 -39.84 -6.36
C ILE D 81 15.87 -38.61 -6.46
N PRO D 82 15.23 -38.23 -5.35
CA PRO D 82 14.39 -37.03 -5.38
C PRO D 82 15.23 -35.77 -5.56
N ALA D 83 14.75 -34.84 -6.37
CA ALA D 83 15.48 -33.60 -6.63
C ALA D 83 15.62 -32.76 -5.37
N PHE D 84 16.62 -31.89 -5.33
CA PHE D 84 16.73 -30.95 -4.22
C PHE D 84 15.59 -29.95 -4.30
N ASP D 85 14.77 -29.92 -3.25
CA ASP D 85 13.69 -28.96 -3.13
C ASP D 85 13.90 -28.13 -1.87
N PRO D 86 14.13 -26.81 -2.05
CA PRO D 86 14.39 -25.94 -0.89
C PRO D 86 13.25 -25.96 0.12
N LEU D 87 12.06 -26.24 -0.38
CA LEU D 87 10.87 -26.25 0.48
C LEU D 87 10.79 -27.50 1.37
N ARG D 88 11.25 -28.66 0.89
CA ARG D 88 11.04 -29.92 1.63
C ARG D 88 12.24 -30.86 1.82
N SER D 89 13.39 -30.56 1.22
CA SER D 89 14.54 -31.43 1.41
C SER D 89 15.14 -31.23 2.78
N ARG D 90 15.26 -32.32 3.53
CA ARG D 90 15.73 -32.24 4.92
C ARG D 90 17.20 -31.87 5.02
N SER D 91 17.54 -31.11 6.06
CA SER D 91 18.92 -30.76 6.37
C SER D 91 19.74 -32.02 6.47
N ILE D 92 21.02 -31.93 6.12
CA ILE D 92 21.92 -33.03 6.39
C ILE D 92 21.92 -33.25 7.90
N ARG D 93 22.17 -34.47 8.32
CA ARG D 93 22.03 -34.79 9.74
C ARG D 93 23.36 -34.69 10.48
N ASP D 94 24.44 -34.49 9.71
CA ASP D 94 25.77 -34.32 10.29
C ASP D 94 25.98 -32.91 10.84
N ASN D 95 25.06 -32.00 10.51
CA ASN D 95 25.11 -30.64 11.03
C ASN D 95 24.24 -30.49 12.27
N GLY D 96 23.64 -31.59 12.70
CA GLY D 96 22.82 -31.61 13.88
C GLY D 96 21.36 -31.27 13.63
N PHE D 97 20.60 -31.17 14.72
CA PHE D 97 19.18 -30.85 14.68
C PHE D 97 19.00 -29.35 14.48
N TRP D 98 19.97 -28.57 14.95
CA TRP D 98 19.87 -27.11 14.91
C TRP D 98 19.47 -26.54 13.54
N PRO D 99 20.14 -26.98 12.45
CA PRO D 99 19.71 -26.42 11.16
C PRO D 99 18.26 -26.73 10.85
N GLU D 100 17.86 -27.99 11.04
CA GLU D 100 16.51 -28.39 10.71
C GLU D 100 15.51 -27.94 11.79
N LEU D 101 16.03 -27.49 12.93
CA LEU D 101 15.17 -26.80 13.88
C LEU D 101 14.63 -25.54 13.21
N ILE D 102 15.54 -24.65 12.81
CA ILE D 102 15.19 -23.44 12.08
C ILE D 102 14.32 -23.74 10.86
N ARG D 103 14.79 -24.67 10.05
CA ARG D 103 14.19 -24.96 8.76
C ARG D 103 12.73 -25.35 8.85
N THR D 104 12.34 -26.00 9.94
CA THR D 104 10.97 -26.48 10.09
C THR D 104 10.13 -25.61 11.03
N THR D 105 10.72 -24.51 11.48
CA THR D 105 9.98 -23.42 12.12
C THR D 105 9.28 -22.63 11.03
N PRO D 106 7.94 -22.46 11.15
CA PRO D 106 7.19 -21.78 10.10
C PRO D 106 7.66 -20.35 9.86
N GLY D 107 7.87 -20.00 8.59
CA GLY D 107 8.35 -18.68 8.23
C GLY D 107 9.84 -18.70 7.91
N ALA D 108 10.45 -19.87 8.06
CA ALA D 108 11.86 -20.02 7.73
C ALA D 108 12.03 -20.28 6.24
N LEU D 109 12.97 -19.57 5.64
CA LEU D 109 13.26 -19.72 4.22
C LEU D 109 14.55 -20.53 4.01
N ARG D 110 14.63 -21.22 2.88
CA ARG D 110 15.82 -22.02 2.55
C ARG D 110 16.39 -21.62 1.19
N SER D 111 17.72 -21.55 1.08
CA SER D 111 18.34 -21.06 -0.15
C SER D 111 18.45 -22.16 -1.22
N ALA D 112 18.84 -21.76 -2.42
CA ALA D 112 18.66 -22.59 -3.60
C ALA D 112 19.82 -23.54 -3.94
N SER D 113 21.03 -23.23 -3.48
CA SER D 113 22.22 -24.00 -3.85
C SER D 113 22.48 -25.17 -2.89
N PRO D 114 22.15 -26.39 -3.34
CA PRO D 114 21.96 -27.59 -2.49
C PRO D 114 23.04 -27.83 -1.42
N GLY D 115 24.27 -28.08 -1.83
CA GLY D 115 25.34 -28.38 -0.89
C GLY D 115 25.74 -27.26 0.03
N ALA D 116 25.33 -26.03 -0.29
CA ALA D 116 25.70 -24.87 0.49
C ALA D 116 24.48 -24.14 1.02
N SER D 117 23.33 -24.80 1.03
CA SER D 117 22.08 -24.14 1.38
C SER D 117 22.02 -23.77 2.86
N MET D 118 21.42 -22.62 3.14
CA MET D 118 21.23 -22.15 4.51
C MET D 118 19.75 -22.04 4.82
N ALA D 119 19.40 -22.15 6.08
CA ALA D 119 18.05 -21.83 6.50
C ALA D 119 18.09 -20.52 7.28
N ALA D 120 17.11 -19.65 7.03
CA ALA D 120 17.06 -18.35 7.68
C ALA D 120 15.65 -18.07 8.17
N ILE D 121 15.53 -17.38 9.29
CA ILE D 121 14.24 -16.92 9.77
C ILE D 121 14.36 -15.55 10.42
N GLY D 122 13.45 -14.65 10.09
CA GLY D 122 13.46 -13.31 10.65
C GLY D 122 13.36 -12.20 9.61
N GLY D 123 13.72 -10.98 10.04
CA GLY D 123 13.57 -9.78 9.25
C GLY D 123 14.02 -9.82 7.80
N GLU D 124 15.29 -10.16 7.57
CA GLU D 124 15.84 -10.20 6.23
C GLU D 124 16.07 -11.62 5.76
N ALA D 125 15.17 -12.53 6.14
CA ALA D 125 15.30 -13.94 5.76
C ALA D 125 15.17 -14.12 4.26
N GLU D 126 14.32 -13.32 3.61
CA GLU D 126 14.15 -13.47 2.17
C GLU D 126 15.37 -12.92 1.42
N TRP D 127 15.97 -11.86 1.92
CA TRP D 127 17.15 -11.31 1.25
C TRP D 127 18.37 -12.20 1.42
N PHE D 128 18.43 -12.91 2.54
CA PHE D 128 19.58 -13.78 2.81
C PHE D 128 19.56 -15.04 1.94
N THR D 129 18.37 -15.49 1.60
CA THR D 129 18.22 -16.77 0.90
C THR D 129 17.96 -16.55 -0.59
N ALA D 130 17.83 -15.29 -1.00
CA ALA D 130 17.55 -14.96 -2.39
C ALA D 130 18.83 -14.99 -3.22
N ASP D 131 18.68 -15.40 -4.47
CA ASP D 131 19.77 -15.42 -5.44
C ASP D 131 21.05 -16.10 -4.94
N HIS D 132 20.90 -17.19 -4.20
CA HIS D 132 22.07 -18.02 -3.86
C HIS D 132 22.53 -18.70 -5.14
N ALA D 133 23.72 -18.33 -5.60
CA ALA D 133 24.26 -18.86 -6.85
C ALA D 133 24.41 -20.37 -6.76
N LEU D 134 24.10 -21.07 -7.85
CA LEU D 134 24.21 -22.52 -7.86
C LEU D 134 25.67 -22.96 -7.88
N ASP D 135 26.44 -22.40 -8.81
CA ASP D 135 27.87 -22.62 -8.82
C ASP D 135 28.54 -21.68 -7.81
N TYR D 136 29.58 -22.20 -7.16
CA TYR D 136 30.38 -21.42 -6.22
C TYR D 136 29.55 -20.76 -5.12
N GLY D 137 28.70 -21.56 -4.47
CA GLY D 137 27.79 -21.07 -3.46
C GLY D 137 28.43 -20.66 -2.15
N TYR D 138 29.75 -20.47 -2.15
CA TYR D 138 30.45 -20.01 -0.96
C TYR D 138 31.12 -18.66 -1.22
N GLY D 139 30.66 -17.97 -2.25
CA GLY D 139 31.19 -16.67 -2.60
C GLY D 139 30.27 -15.54 -2.18
N PRO D 140 30.50 -14.33 -2.70
CA PRO D 140 29.65 -13.17 -2.39
C PRO D 140 28.17 -13.38 -2.71
N ARG D 141 27.86 -14.07 -3.81
CA ARG D 141 26.47 -14.41 -4.13
C ARG D 141 26.01 -15.63 -3.33
N SER D 142 25.79 -15.42 -2.03
CA SER D 142 25.46 -16.49 -1.11
C SER D 142 25.01 -15.84 0.20
N PRO D 143 24.35 -16.61 1.08
CA PRO D 143 24.02 -16.01 2.37
C PRO D 143 25.26 -15.61 3.15
N LEU D 144 26.36 -16.35 2.95
CA LEU D 144 27.64 -16.02 3.56
C LEU D 144 28.17 -14.66 3.13
N GLY D 145 28.11 -14.39 1.83
CA GLY D 145 28.46 -13.08 1.31
C GLY D 145 27.58 -12.04 1.96
N LYS D 146 26.27 -12.34 2.00
CA LYS D 146 25.29 -11.46 2.62
C LYS D 146 25.59 -11.25 4.11
N LEU D 147 25.97 -12.33 4.80
CA LEU D 147 26.30 -12.23 6.21
C LEU D 147 27.38 -11.19 6.45
N VAL D 148 28.37 -11.17 5.56
CA VAL D 148 29.45 -10.19 5.66
C VAL D 148 28.98 -8.78 5.30
N GLU D 149 28.28 -8.64 4.17
CA GLU D 149 27.75 -7.34 3.74
C GLU D 149 26.85 -6.70 4.80
N ALA D 150 26.11 -7.53 5.53
CA ALA D 150 25.22 -7.07 6.58
C ALA D 150 25.99 -6.86 7.89
N LYS D 151 27.31 -7.01 7.79
CA LYS D 151 28.21 -7.02 8.94
C LYS D 151 27.60 -7.75 10.13
N GLY D 152 27.13 -8.96 9.86
CA GLY D 152 26.51 -9.79 10.88
C GLY D 152 27.51 -10.56 11.72
N LYS D 153 27.03 -11.62 12.35
CA LYS D 153 27.81 -12.34 13.34
C LYS D 153 27.70 -13.85 13.16
N VAL D 154 28.64 -14.57 13.76
CA VAL D 154 28.61 -16.02 13.80
C VAL D 154 28.66 -16.48 15.24
N LEU D 155 27.68 -17.27 15.67
CA LEU D 155 27.68 -17.82 17.01
C LEU D 155 28.00 -19.31 17.00
N MET D 156 29.06 -19.69 17.71
CA MET D 156 29.38 -21.11 17.86
C MET D 156 28.78 -21.62 19.17
N LEU D 157 27.58 -22.18 19.09
CA LEU D 157 26.83 -22.59 20.27
C LEU D 157 27.28 -23.95 20.80
N GLY D 158 28.41 -23.96 21.50
CA GLY D 158 28.93 -25.18 22.08
C GLY D 158 29.51 -26.13 21.04
N ALA D 159 29.64 -25.65 19.82
CA ALA D 159 30.11 -26.47 18.72
C ALA D 159 31.61 -26.33 18.53
N PRO D 160 32.25 -27.38 17.99
CA PRO D 160 33.67 -27.37 17.58
C PRO D 160 33.97 -26.20 16.65
N LEU D 161 35.14 -25.59 16.79
CA LEU D 161 35.41 -24.31 16.12
C LEU D 161 35.74 -24.47 14.64
N ASP D 162 36.01 -25.70 14.23
CA ASP D 162 36.35 -25.99 12.83
C ASP D 162 35.10 -26.27 12.01
N THR D 163 33.95 -25.97 12.59
CA THR D 163 32.68 -26.15 11.89
C THR D 163 32.15 -24.80 11.44
N MET D 164 33.00 -23.79 11.54
CA MET D 164 32.62 -22.46 11.07
C MET D 164 32.62 -22.41 9.55
N THR D 165 31.43 -22.60 8.98
CA THR D 165 31.25 -22.66 7.54
C THR D 165 31.69 -21.37 6.84
N LEU D 166 31.53 -20.24 7.52
CA LEU D 166 31.89 -18.93 6.96
C LEU D 166 33.36 -18.84 6.52
N LEU D 167 34.22 -19.66 7.12
CA LEU D 167 35.63 -19.61 6.74
C LEU D 167 35.86 -20.26 5.37
N HIS D 168 34.84 -20.96 4.86
CA HIS D 168 34.88 -21.45 3.49
C HIS D 168 34.65 -20.29 2.53
N HIS D 169 33.88 -19.29 2.97
CA HIS D 169 33.71 -18.06 2.22
C HIS D 169 35.01 -17.28 2.22
N ALA D 170 35.83 -17.49 3.25
CA ALA D 170 37.17 -16.90 3.30
C ALA D 170 38.07 -17.55 2.25
N GLU D 171 37.99 -18.88 2.16
CA GLU D 171 38.73 -19.64 1.15
C GLU D 171 38.40 -19.17 -0.26
N HIS D 172 37.12 -19.01 -0.56
CA HIS D 172 36.69 -18.58 -1.89
C HIS D 172 37.26 -17.21 -2.23
N LEU D 173 37.27 -16.31 -1.25
CA LEU D 173 37.72 -14.94 -1.46
C LEU D 173 39.24 -14.82 -1.60
N ALA D 174 39.98 -15.81 -1.10
CA ALA D 174 41.40 -15.64 -0.84
C ALA D 174 42.30 -15.90 -2.05
N ASP D 175 43.24 -14.98 -2.28
CA ASP D 175 44.24 -15.14 -3.35
C ASP D 175 45.39 -15.99 -2.87
N PHE D 176 45.18 -17.30 -2.85
CA PHE D 176 46.26 -18.26 -2.71
C PHE D 176 46.16 -19.17 -3.93
N PRO D 177 47.29 -19.76 -4.36
CA PRO D 177 47.29 -20.55 -5.59
C PRO D 177 46.83 -21.98 -5.40
N ASN D 178 46.65 -22.69 -6.51
CA ASN D 178 46.30 -24.12 -6.52
C ASN D 178 45.01 -24.47 -5.79
N LYS D 179 44.02 -23.60 -5.86
CA LYS D 179 42.71 -23.91 -5.30
C LYS D 179 42.08 -25.08 -6.05
N ARG D 180 41.58 -26.06 -5.32
CA ARG D 180 40.95 -27.22 -5.92
C ARG D 180 39.52 -26.93 -6.34
N ILE D 181 39.16 -27.37 -7.55
CA ILE D 181 37.82 -27.12 -8.05
C ILE D 181 37.03 -28.42 -8.13
N LEU D 182 35.95 -28.47 -7.38
CA LEU D 182 35.08 -29.64 -7.30
C LEU D 182 33.95 -29.52 -8.32
N ARG D 183 33.67 -30.60 -9.05
CA ARG D 183 32.52 -30.62 -9.94
C ARG D 183 31.70 -31.87 -9.68
N TYR D 184 30.44 -31.68 -9.31
CA TYR D 184 29.56 -32.81 -9.02
C TYR D 184 28.22 -32.70 -9.76
N GLU D 185 27.39 -33.72 -9.61
CA GLU D 185 26.11 -33.76 -10.30
C GLU D 185 24.96 -34.00 -9.33
N ALA D 186 23.85 -33.30 -9.56
CA ALA D 186 22.73 -33.32 -8.63
C ALA D 186 21.44 -32.90 -9.33
N PRO D 187 20.31 -33.51 -8.92
CA PRO D 187 18.97 -33.17 -9.41
C PRO D 187 18.36 -31.95 -8.72
N ILE D 188 18.06 -30.91 -9.50
CA ILE D 188 17.36 -29.75 -8.96
C ILE D 188 16.00 -29.62 -9.65
N LEU D 189 15.09 -28.86 -9.02
CA LEU D 189 13.79 -28.62 -9.62
C LEU D 189 13.83 -27.41 -10.55
N VAL D 190 13.42 -27.61 -11.79
CA VAL D 190 13.38 -26.52 -12.74
C VAL D 190 11.99 -26.36 -13.36
N ASP D 191 11.40 -25.21 -13.09
CA ASP D 191 10.06 -24.84 -13.55
C ASP D 191 9.04 -25.94 -13.28
N GLY D 192 9.18 -26.57 -12.11
CA GLY D 192 8.21 -27.55 -11.67
C GLY D 192 8.72 -28.98 -11.66
N GLU D 193 9.77 -29.27 -12.43
CA GLU D 193 10.19 -30.65 -12.60
C GLU D 193 11.70 -30.90 -12.41
N LYS D 194 12.03 -32.18 -12.25
CA LYS D 194 13.37 -32.61 -11.88
C LYS D 194 14.36 -32.71 -13.05
N VAL D 195 15.47 -32.00 -12.95
CA VAL D 195 16.53 -32.09 -13.95
C VAL D 195 17.87 -32.32 -13.26
N TRP D 196 18.79 -32.97 -13.97
CA TRP D 196 20.14 -33.16 -13.46
C TRP D 196 21.02 -32.03 -13.95
N ARG D 197 21.81 -31.47 -13.04
CA ARG D 197 22.59 -30.28 -13.30
C ARG D 197 24.04 -30.54 -12.91
N TRP D 198 24.97 -29.92 -13.62
CA TRP D 198 26.37 -30.01 -13.23
C TRP D 198 26.78 -28.81 -12.41
N PHE D 199 27.34 -29.09 -11.24
CA PHE D 199 27.75 -28.04 -10.31
C PHE D 199 29.26 -27.91 -10.26
N GLU D 200 29.73 -26.72 -9.90
CA GLU D 200 31.16 -26.47 -9.77
C GLU D 200 31.43 -25.50 -8.63
N GLU D 201 32.30 -25.89 -7.70
CA GLU D 201 32.68 -25.05 -6.56
C GLU D 201 34.17 -25.15 -6.32
N PHE D 202 34.71 -24.23 -5.54
CA PHE D 202 35.97 -24.49 -4.86
C PHE D 202 35.67 -25.59 -3.87
N ASP D 203 36.61 -26.51 -3.73
CA ASP D 203 36.44 -27.64 -2.83
C ASP D 203 36.28 -27.22 -1.38
N THR D 204 35.06 -27.40 -0.86
CA THR D 204 34.83 -27.51 0.57
C THR D 204 35.01 -28.99 0.86
N SER D 205 35.12 -29.39 2.12
CA SER D 205 35.25 -30.80 2.55
C SER D 205 36.68 -31.36 2.47
N ASP D 206 37.55 -30.71 1.70
CA ASP D 206 38.98 -30.94 1.81
C ASP D 206 39.68 -29.59 1.88
N PRO D 207 40.57 -29.43 2.85
CA PRO D 207 41.31 -28.17 2.99
C PRO D 207 42.22 -28.00 1.79
N PRO D 208 42.69 -26.76 1.52
CA PRO D 208 43.67 -26.68 0.43
C PRO D 208 44.87 -27.56 0.76
N ASP D 209 45.46 -28.20 -0.24
CA ASP D 209 46.55 -29.15 0.01
C ASP D 209 47.70 -28.52 0.74
N GLY D 210 48.11 -29.14 1.85
CA GLY D 210 49.20 -28.64 2.66
C GLY D 210 48.77 -28.32 4.08
N LEU D 211 47.49 -27.98 4.24
CA LEU D 211 46.98 -27.64 5.57
C LEU D 211 46.14 -28.77 6.16
N ALA D 212 46.18 -28.89 7.48
CA ALA D 212 45.52 -29.98 8.18
C ALA D 212 44.00 -29.84 8.10
N ASP D 213 43.30 -30.96 8.29
CA ASP D 213 41.84 -31.00 8.12
C ASP D 213 41.12 -30.04 9.08
N ASP D 214 41.72 -29.76 10.23
CA ASP D 214 41.09 -28.92 11.23
C ASP D 214 41.73 -27.54 11.35
N TYR D 215 42.18 -26.98 10.24
CA TYR D 215 42.99 -25.77 10.31
C TYR D 215 42.12 -24.53 10.58
N PHE D 216 40.82 -24.66 10.39
CA PHE D 216 39.88 -23.59 10.71
C PHE D 216 39.93 -23.22 12.19
N ALA D 217 40.05 -24.24 13.03
CA ALA D 217 40.04 -24.07 14.48
C ALA D 217 41.15 -23.14 14.95
N GLY D 218 42.35 -23.37 14.43
CA GLY D 218 43.50 -22.56 14.79
C GLY D 218 43.38 -21.13 14.32
N ILE D 219 42.75 -20.93 13.17
CA ILE D 219 42.52 -19.58 12.67
C ILE D 219 41.55 -18.86 13.60
N VAL D 220 40.53 -19.57 14.05
CA VAL D 220 39.55 -19.01 14.97
C VAL D 220 40.20 -18.64 16.31
N GLU D 221 41.12 -19.49 16.76
CA GLU D 221 41.84 -19.23 18.01
C GLU D 221 42.76 -18.02 17.89
N GLU D 222 43.43 -17.88 16.76
CA GLU D 222 44.28 -16.73 16.52
C GLU D 222 43.47 -15.46 16.51
N PHE D 223 42.31 -15.51 15.85
CA PHE D 223 41.41 -14.35 15.79
C PHE D 223 41.00 -13.97 17.20
N LEU D 224 40.68 -14.96 18.02
CA LEU D 224 40.22 -14.71 19.37
C LEU D 224 41.30 -14.09 20.24
N ALA D 225 42.55 -14.43 19.96
CA ALA D 225 43.68 -13.93 20.75
C ALA D 225 43.93 -12.45 20.49
N THR D 226 43.44 -11.95 19.36
CA THR D 226 43.60 -10.54 19.03
C THR D 226 42.72 -9.65 19.90
N GLY D 227 41.75 -10.25 20.58
CA GLY D 227 40.87 -9.50 21.45
C GLY D 227 39.49 -9.29 20.84
N ARG D 228 39.44 -9.29 19.52
CA ARG D 228 38.16 -9.25 18.82
C ARG D 228 37.42 -10.55 19.11
N GLY D 229 36.09 -10.48 19.11
CA GLY D 229 35.29 -11.64 19.49
C GLY D 229 35.16 -11.72 21.00
N LYS D 230 34.25 -12.59 21.46
CA LYS D 230 33.95 -12.71 22.88
C LYS D 230 33.51 -14.12 23.24
N ARG D 231 34.02 -14.63 24.36
CA ARG D 231 33.62 -15.97 24.83
C ARG D 231 32.62 -15.87 25.96
N GLY D 232 31.63 -16.76 25.94
CA GLY D 232 30.62 -16.78 26.97
C GLY D 232 29.89 -18.11 27.03
N LYS D 233 29.07 -18.26 28.06
CA LYS D 233 28.29 -19.47 28.25
C LYS D 233 26.83 -19.23 27.90
N ILE D 234 26.25 -20.20 27.21
CA ILE D 234 24.86 -20.12 26.82
C ILE D 234 24.16 -21.36 27.30
N GLY D 235 23.32 -21.22 28.33
CA GLY D 235 22.88 -22.36 29.09
C GLY D 235 24.14 -22.88 29.75
N GLU D 236 24.59 -24.06 29.34
CA GLU D 236 25.84 -24.60 29.85
C GLU D 236 26.79 -24.96 28.71
N ALA D 237 26.51 -24.44 27.52
CA ALA D 237 27.39 -24.64 26.38
C ALA D 237 28.37 -23.47 26.25
N SER D 238 29.66 -23.78 26.22
CA SER D 238 30.67 -22.78 25.97
C SER D 238 30.54 -22.28 24.54
N SER D 239 30.36 -20.98 24.37
CA SER D 239 30.11 -20.44 23.05
C SER D 239 31.01 -19.27 22.71
N VAL D 240 31.10 -18.96 21.43
CA VAL D 240 31.84 -17.78 20.99
C VAL D 240 31.03 -16.96 19.99
N LEU D 241 31.17 -15.64 20.08
CA LEU D 241 30.56 -14.77 19.09
C LEU D 241 31.66 -14.03 18.35
N VAL D 242 31.63 -14.11 17.03
CA VAL D 242 32.55 -13.34 16.20
C VAL D 242 31.77 -12.49 15.19
N PRO D 243 32.27 -11.28 14.91
CA PRO D 243 31.77 -10.47 13.79
C PRO D 243 32.14 -11.15 12.46
N ALA D 244 31.16 -11.32 11.57
CA ALA D 244 31.39 -12.03 10.33
C ALA D 244 32.48 -11.37 9.48
N ASP D 245 32.34 -10.07 9.27
CA ASP D 245 33.26 -9.31 8.42
C ASP D 245 34.71 -9.34 8.89
N GLU D 246 34.90 -9.17 10.18
CA GLU D 246 36.23 -9.02 10.75
C GLU D 246 37.00 -10.32 10.71
N ILE D 247 36.30 -11.43 10.91
CA ILE D 247 36.99 -12.71 10.93
C ILE D 247 37.25 -13.20 9.51
N VAL D 248 36.39 -12.81 8.58
CA VAL D 248 36.60 -13.18 7.19
C VAL D 248 37.84 -12.45 6.67
N ALA D 249 37.94 -11.16 6.98
CA ALA D 249 39.10 -10.38 6.59
C ALA D 249 40.38 -10.97 7.20
N PHE D 250 40.27 -11.47 8.42
CA PHE D 250 41.40 -12.06 9.13
C PHE D 250 41.89 -13.35 8.48
N ALA D 251 40.94 -14.24 8.18
CA ALA D 251 41.27 -15.52 7.57
C ALA D 251 41.77 -15.34 6.14
N VAL D 252 41.22 -14.34 5.45
CA VAL D 252 41.68 -14.00 4.11
C VAL D 252 43.15 -13.58 4.15
N ASP D 253 43.49 -12.68 5.06
CA ASP D 253 44.87 -12.22 5.20
C ASP D 253 45.77 -13.38 5.63
N TRP D 254 45.22 -14.30 6.41
CA TRP D 254 45.92 -15.50 6.86
C TRP D 254 46.27 -16.42 5.69
N LEU D 255 45.29 -16.63 4.82
CA LEU D 255 45.43 -17.57 3.71
C LEU D 255 46.30 -17.03 2.58
N GLU D 256 46.25 -15.72 2.36
CA GLU D 256 47.03 -15.13 1.29
C GLU D 256 48.52 -15.11 1.65
N ARG D 257 48.80 -14.85 2.93
CA ARG D 257 50.18 -14.91 3.41
C ARG D 257 50.73 -16.33 3.31
N TRP D 258 49.96 -17.31 3.78
CA TRP D 258 50.37 -18.71 3.71
C TRP D 258 50.52 -19.15 2.25
N GLY D 259 49.67 -18.60 1.39
CA GLY D 259 49.75 -18.87 -0.02
C GLY D 259 51.09 -18.48 -0.62
N ARG D 260 51.78 -17.53 0.03
CA ARG D 260 53.02 -16.97 -0.50
C ARG D 260 54.30 -17.58 0.08
N THR D 261 54.14 -18.59 0.91
CA THR D 261 55.29 -19.23 1.53
C THR D 261 55.60 -20.55 0.84
N ALA D 262 56.28 -21.41 1.59
CA ALA D 262 56.77 -22.75 1.20
C ALA D 262 58.17 -22.65 0.63
N SER E 3 -6.75 37.56 -39.14
CA SER E 3 -5.48 36.90 -38.81
C SER E 3 -5.71 35.47 -38.36
N ARG E 4 -6.37 35.37 -37.22
CA ARG E 4 -6.51 34.15 -36.43
C ARG E 4 -5.20 33.39 -36.28
N VAL E 5 -5.31 32.07 -36.11
CA VAL E 5 -4.20 31.32 -35.53
C VAL E 5 -3.53 30.34 -36.47
N SER E 6 -2.24 30.14 -36.24
CA SER E 6 -1.46 29.16 -36.99
C SER E 6 -1.46 27.83 -36.26
N THR E 7 -1.18 26.78 -37.01
CA THR E 7 -1.24 25.43 -36.49
C THR E 7 -0.03 24.69 -37.01
N ARG E 8 0.32 23.58 -36.34
CA ARG E 8 1.31 22.66 -36.86
C ARG E 8 1.04 22.42 -38.34
N SER E 9 -0.23 22.22 -38.67
CA SER E 9 -0.64 21.90 -40.02
C SER E 9 -0.66 23.11 -40.94
N SER E 10 -1.20 24.24 -40.47
CA SER E 10 -1.25 25.45 -41.29
C SER E 10 0.16 25.97 -41.55
N LEU E 11 0.96 26.09 -40.49
CA LEU E 11 2.35 26.50 -40.63
C LEU E 11 3.11 25.58 -41.58
N ALA E 12 2.80 24.30 -41.53
CA ALA E 12 3.55 23.30 -42.28
C ALA E 12 3.49 23.58 -43.78
N GLU E 13 2.32 23.96 -44.28
CA GLU E 13 2.21 24.26 -45.69
C GLU E 13 2.85 25.61 -45.99
N ASP E 14 2.82 26.53 -45.03
CA ASP E 14 3.51 27.81 -45.17
C ASP E 14 5.00 27.58 -45.41
N LEU E 15 5.59 26.65 -44.67
CA LEU E 15 6.99 26.30 -44.83
C LEU E 15 7.24 25.67 -46.20
N ARG E 16 6.35 24.78 -46.61
CA ARG E 16 6.47 24.14 -47.92
C ARG E 16 6.20 25.13 -49.04
N ALA E 17 5.28 26.07 -48.79
CA ALA E 17 4.88 27.05 -49.80
C ALA E 17 6.02 28.00 -50.17
N ILE E 18 6.99 28.15 -49.28
CA ILE E 18 8.06 29.11 -49.50
C ILE E 18 9.34 28.42 -49.98
N GLY E 19 9.39 27.09 -49.90
CA GLY E 19 10.54 26.36 -50.39
C GLY E 19 10.85 25.04 -49.71
N LEU E 20 10.95 25.07 -48.39
CA LEU E 20 11.40 23.94 -47.57
C LEU E 20 10.93 22.57 -48.08
N ALA E 21 11.89 21.68 -48.33
CA ALA E 21 11.59 20.35 -48.84
C ALA E 21 12.27 19.24 -48.02
N ASP E 22 11.90 18.00 -48.30
CA ASP E 22 12.43 16.85 -47.56
C ASP E 22 13.95 16.76 -47.67
N GLY E 23 14.62 16.64 -46.53
CA GLY E 23 16.06 16.49 -46.50
C GLY E 23 16.82 17.81 -46.41
N ASP E 24 16.07 18.90 -46.29
CA ASP E 24 16.68 20.23 -46.22
C ASP E 24 17.38 20.48 -44.89
N ALA E 25 18.59 21.03 -44.96
CA ALA E 25 19.21 21.63 -43.79
C ALA E 25 18.91 23.12 -43.84
N VAL E 26 18.35 23.67 -42.77
CA VAL E 26 17.96 25.08 -42.79
C VAL E 26 18.32 25.80 -41.50
N LEU E 27 19.02 26.91 -41.63
CA LEU E 27 19.32 27.77 -40.48
C LEU E 27 18.26 28.86 -40.36
N VAL E 28 17.65 28.97 -39.19
CA VAL E 28 16.55 29.91 -38.98
C VAL E 28 16.87 31.03 -37.98
N HIS E 29 16.74 32.26 -38.45
CA HIS E 29 16.73 33.43 -37.59
C HIS E 29 15.28 33.91 -37.43
N ALA E 30 14.81 34.04 -36.19
CA ALA E 30 13.39 34.25 -35.98
C ALA E 30 13.02 35.43 -35.08
N ALA E 31 11.87 36.00 -35.38
CA ALA E 31 11.13 36.90 -34.49
C ALA E 31 9.76 36.30 -34.26
N LEU E 32 9.63 35.45 -33.25
CA LEU E 32 8.44 34.62 -33.10
C LEU E 32 7.16 35.44 -32.88
N ARG E 33 7.29 36.65 -32.35
CA ARG E 33 6.10 37.45 -32.03
C ARG E 33 5.33 37.91 -33.27
N LYS E 34 5.95 37.78 -34.44
CA LYS E 34 5.30 38.23 -35.67
C LYS E 34 4.48 37.15 -36.33
N VAL E 35 4.78 35.89 -36.02
CA VAL E 35 4.01 34.78 -36.57
C VAL E 35 2.58 34.88 -36.06
N GLY E 36 2.39 35.56 -34.94
CA GLY E 36 1.08 35.73 -34.35
C GLY E 36 0.68 34.52 -33.52
N LYS E 37 -0.62 34.32 -33.36
CA LYS E 37 -1.13 33.24 -32.53
C LYS E 37 -0.88 31.86 -33.14
N ILE E 38 -0.33 30.96 -32.32
CA ILE E 38 -0.17 29.57 -32.70
C ILE E 38 -0.69 28.68 -31.58
N VAL E 39 -1.45 27.65 -31.93
CA VAL E 39 -2.11 26.81 -30.94
C VAL E 39 -1.13 26.12 -29.98
N GLY E 40 -0.24 25.28 -30.50
CA GLY E 40 0.64 24.51 -29.63
C GLY E 40 1.91 25.21 -29.19
N GLY E 41 1.89 26.53 -29.14
CA GLY E 41 3.06 27.31 -28.78
C GLY E 41 3.95 27.51 -29.98
N PRO E 42 5.14 28.10 -29.80
CA PRO E 42 6.06 28.23 -30.93
C PRO E 42 6.68 26.88 -31.29
N ASP E 43 6.54 25.90 -30.40
CA ASP E 43 7.02 24.54 -30.68
C ASP E 43 6.37 23.98 -31.95
N ASP E 44 5.14 24.43 -32.22
CA ASP E 44 4.43 24.05 -33.45
C ASP E 44 5.23 24.37 -34.71
N ILE E 45 6.05 25.43 -34.64
CA ILE E 45 6.89 25.81 -35.77
C ILE E 45 7.99 24.79 -36.00
N LEU E 46 8.76 24.53 -34.94
CA LEU E 46 9.82 23.54 -35.00
C LEU E 46 9.28 22.20 -35.46
N ASP E 47 8.12 21.82 -34.93
CA ASP E 47 7.54 20.53 -35.26
C ASP E 47 6.98 20.50 -36.69
N ALA E 48 6.46 21.63 -37.15
CA ALA E 48 5.98 21.72 -38.53
C ALA E 48 7.14 21.66 -39.51
N MET E 49 8.28 22.19 -39.09
CA MET E 49 9.42 22.23 -39.99
C MET E 49 9.90 20.85 -40.31
N ARG E 50 9.97 20.00 -39.29
CA ARG E 50 10.37 18.60 -39.36
C ARG E 50 9.29 17.83 -40.11
N ASP E 51 8.04 18.09 -39.77
CA ASP E 51 6.88 17.57 -40.50
C ASP E 51 7.14 17.55 -42.02
N VAL E 52 7.82 18.61 -42.46
CA VAL E 52 8.27 18.76 -43.83
C VAL E 52 9.59 18.06 -44.15
N ILE E 53 10.73 18.55 -43.66
CA ILE E 53 12.01 18.05 -44.16
C ILE E 53 12.27 16.58 -43.80
N GLY E 54 11.54 16.01 -42.83
CA GLY E 54 11.64 14.59 -42.50
C GLY E 54 12.93 14.23 -41.82
N PRO E 55 13.11 13.01 -41.29
CA PRO E 55 14.21 12.62 -40.39
C PRO E 55 15.60 13.01 -40.87
N ALA E 56 15.81 13.02 -42.19
CA ALA E 56 17.11 13.36 -42.79
C ALA E 56 17.59 14.83 -42.67
N GLY E 57 16.69 15.78 -42.88
CA GLY E 57 17.02 17.20 -42.83
C GLY E 57 17.33 17.73 -41.46
N THR E 58 18.18 18.75 -41.36
CA THR E 58 18.49 19.27 -40.04
C THR E 58 17.86 20.65 -39.78
N VAL E 59 17.62 21.06 -38.52
CA VAL E 59 17.14 22.43 -38.26
C VAL E 59 18.04 23.16 -37.26
N LEU E 60 18.59 24.29 -37.69
CA LEU E 60 19.54 25.04 -36.86
C LEU E 60 19.02 26.39 -36.39
N GLY E 61 19.52 26.81 -35.24
CA GLY E 61 19.37 28.17 -34.75
C GLY E 61 20.72 28.61 -34.21
N TYR E 62 20.90 29.91 -33.99
CA TYR E 62 22.21 30.44 -33.61
C TYR E 62 22.26 30.91 -32.16
N ALA E 63 22.93 30.15 -31.30
CA ALA E 63 22.79 30.30 -29.86
C ALA E 63 23.74 31.32 -29.21
N ASP E 64 25.03 31.28 -29.55
CA ASP E 64 26.00 32.19 -28.92
C ASP E 64 25.99 31.91 -27.41
N TRP E 65 26.47 32.83 -26.58
CA TRP E 65 26.25 32.68 -25.14
C TRP E 65 26.25 34.01 -24.41
N GLN E 66 25.99 33.98 -23.12
CA GLN E 66 25.79 35.26 -22.52
C GLN E 66 26.79 35.74 -21.54
N LEU E 67 28.05 35.38 -21.72
CA LEU E 67 29.10 35.90 -20.87
C LEU E 67 29.25 37.41 -20.86
N GLU E 68 28.90 38.23 -22.01
CA GLU E 68 28.74 39.61 -21.91
C GLU E 68 29.92 40.60 -21.85
N ASP E 69 31.15 40.19 -22.14
CA ASP E 69 32.30 41.08 -22.13
C ASP E 69 32.58 41.39 -20.68
N GLU E 70 31.96 40.57 -19.85
CA GLU E 70 32.07 40.71 -18.39
C GLU E 70 33.54 40.66 -18.11
N ILE E 71 34.22 39.73 -18.80
CA ILE E 71 35.55 39.28 -18.45
C ILE E 71 36.30 40.55 -18.21
N ARG E 72 36.08 41.46 -19.14
CA ARG E 72 36.66 42.79 -19.08
C ARG E 72 35.77 43.71 -18.23
N ASP E 73 34.49 43.43 -18.17
CA ASP E 73 33.58 44.23 -17.36
C ASP E 73 34.25 44.36 -16.02
N ASP E 74 34.76 43.24 -15.54
CA ASP E 74 35.47 43.15 -14.33
C ASP E 74 36.39 41.95 -14.09
N PRO E 75 37.69 42.15 -14.35
CA PRO E 75 38.68 41.28 -13.68
C PRO E 75 38.42 41.34 -12.26
N ALA E 76 38.54 40.24 -11.55
CA ALA E 76 38.09 40.09 -10.17
C ALA E 76 36.64 39.60 -10.16
N MET E 77 36.13 39.29 -11.36
CA MET E 77 34.92 38.48 -11.54
C MET E 77 35.34 37.19 -12.21
N ARG E 78 36.59 37.16 -12.64
CA ARG E 78 37.08 36.07 -13.46
C ARG E 78 36.93 34.71 -12.85
N GLU E 79 37.04 34.66 -11.54
CA GLU E 79 36.95 33.36 -10.87
C GLU E 79 35.53 32.90 -10.62
N HIS E 80 34.57 33.77 -10.91
CA HIS E 80 33.19 33.48 -10.57
C HIS E 80 32.37 33.19 -11.82
N ILE E 81 32.97 33.48 -12.96
CA ILE E 81 32.37 33.21 -14.26
C ILE E 81 32.36 31.73 -14.58
N PRO E 82 31.18 31.17 -14.86
CA PRO E 82 31.21 29.79 -15.33
C PRO E 82 31.80 29.73 -16.74
N ALA E 83 32.51 28.65 -17.04
CA ALA E 83 33.04 28.43 -18.36
C ALA E 83 31.90 28.12 -19.33
N PHE E 84 32.24 27.95 -20.59
CA PHE E 84 31.27 27.59 -21.60
C PHE E 84 31.08 26.07 -21.66
N ASP E 85 29.85 25.62 -21.39
CA ASP E 85 29.49 24.21 -21.53
C ASP E 85 28.36 24.11 -22.55
N PRO E 86 28.63 23.49 -23.69
CA PRO E 86 27.66 23.42 -24.80
C PRO E 86 26.43 22.60 -24.45
N LEU E 87 26.49 21.86 -23.35
CA LEU E 87 25.35 21.08 -22.90
C LEU E 87 24.57 21.80 -21.79
N ARG E 88 25.16 22.84 -21.21
CA ARG E 88 24.53 23.55 -20.10
C ARG E 88 24.30 25.05 -20.34
N SER E 89 25.26 25.73 -20.96
CA SER E 89 25.17 27.18 -21.22
C SER E 89 23.90 27.58 -21.99
N ARG E 90 23.13 28.52 -21.46
CA ARG E 90 21.91 28.95 -22.13
C ARG E 90 22.23 29.83 -23.33
N SER E 91 21.26 29.99 -24.21
CA SER E 91 21.44 30.81 -25.41
C SER E 91 21.31 32.29 -25.08
N ILE E 92 22.06 33.10 -25.82
CA ILE E 92 22.08 34.54 -25.63
C ILE E 92 20.69 35.13 -25.79
N ARG E 93 20.33 36.04 -24.89
CA ARG E 93 18.96 36.57 -24.86
C ARG E 93 18.65 37.38 -26.11
N ASP E 94 19.71 37.87 -26.76
CA ASP E 94 19.56 38.85 -27.83
C ASP E 94 19.19 38.26 -29.18
N ASN E 95 19.39 36.96 -29.37
CA ASN E 95 19.07 36.33 -30.64
C ASN E 95 17.64 35.79 -30.70
N GLY E 96 16.95 35.82 -29.56
CA GLY E 96 15.58 35.36 -29.51
C GLY E 96 15.39 34.00 -28.85
N PHE E 97 14.13 33.66 -28.62
CA PHE E 97 13.74 32.39 -28.00
C PHE E 97 14.08 31.20 -28.89
N TRP E 98 14.21 31.46 -30.18
CA TRP E 98 14.37 30.40 -31.18
C TRP E 98 15.54 29.43 -30.91
N PRO E 99 16.78 29.96 -30.71
CA PRO E 99 17.86 28.99 -30.42
C PRO E 99 17.64 28.22 -29.13
N GLU E 100 17.13 28.88 -28.10
CA GLU E 100 16.87 28.24 -26.82
C GLU E 100 15.74 27.22 -26.96
N LEU E 101 14.78 27.53 -27.82
CA LEU E 101 13.67 26.63 -28.12
C LEU E 101 14.18 25.30 -28.67
N ILE E 102 15.18 25.37 -29.55
CA ILE E 102 15.81 24.19 -30.14
C ILE E 102 16.69 23.46 -29.15
N ARG E 103 17.71 24.18 -28.66
CA ARG E 103 18.66 23.70 -27.67
C ARG E 103 18.00 22.91 -26.54
N THR E 104 16.78 23.30 -26.17
CA THR E 104 16.08 22.67 -25.06
C THR E 104 15.03 21.65 -25.52
N THR E 105 15.01 21.35 -26.82
CA THR E 105 14.19 20.25 -27.34
C THR E 105 15.01 18.97 -27.27
N PRO E 106 14.54 17.96 -26.52
CA PRO E 106 15.34 16.74 -26.34
C PRO E 106 15.78 16.12 -27.65
N GLY E 107 17.04 15.71 -27.71
CA GLY E 107 17.63 15.15 -28.91
C GLY E 107 18.35 16.18 -29.76
N ALA E 108 18.42 17.41 -29.25
CA ALA E 108 19.10 18.48 -29.98
C ALA E 108 20.55 18.63 -29.52
N LEU E 109 21.40 19.11 -30.42
CA LEU E 109 22.83 19.23 -30.15
C LEU E 109 23.32 20.67 -30.30
N ARG E 110 24.41 20.98 -29.59
CA ARG E 110 24.98 22.31 -29.64
C ARG E 110 26.48 22.22 -29.87
N SER E 111 27.04 23.17 -30.62
CA SER E 111 28.44 23.10 -31.02
C SER E 111 29.36 23.80 -30.02
N ALA E 112 30.66 23.71 -30.27
CA ALA E 112 31.67 23.91 -29.23
C ALA E 112 32.31 25.29 -29.18
N SER E 113 32.16 26.09 -30.22
CA SER E 113 32.76 27.42 -30.24
C SER E 113 31.83 28.47 -29.66
N PRO E 114 32.13 28.94 -28.43
CA PRO E 114 31.26 29.75 -27.58
C PRO E 114 30.54 30.89 -28.30
N GLY E 115 31.30 31.85 -28.79
CA GLY E 115 30.72 33.03 -29.43
C GLY E 115 30.03 32.76 -30.76
N ALA E 116 30.12 31.54 -31.26
CA ALA E 116 29.52 31.22 -32.54
C ALA E 116 28.76 29.90 -32.50
N SER E 117 28.49 29.41 -31.29
CA SER E 117 27.83 28.12 -31.11
C SER E 117 26.49 28.06 -31.82
N MET E 118 26.03 26.85 -32.11
CA MET E 118 24.84 26.66 -32.92
C MET E 118 24.04 25.46 -32.43
N ALA E 119 22.73 25.61 -32.34
CA ALA E 119 21.88 24.51 -31.92
C ALA E 119 21.32 23.81 -33.15
N ALA E 120 21.17 22.49 -33.09
CA ALA E 120 20.63 21.75 -34.22
C ALA E 120 19.88 20.49 -33.76
N ILE E 121 18.84 20.14 -34.49
CA ILE E 121 18.05 18.95 -34.19
C ILE E 121 17.69 18.25 -35.50
N GLY E 122 17.87 16.93 -35.53
CA GLY E 122 17.50 16.17 -36.72
C GLY E 122 18.58 15.27 -37.32
N GLY E 123 18.49 15.10 -38.64
CA GLY E 123 19.18 14.06 -39.37
C GLY E 123 20.67 14.15 -39.38
N GLU E 124 21.20 15.36 -39.53
CA GLU E 124 22.63 15.56 -39.45
C GLU E 124 22.90 16.50 -38.30
N ALA E 125 22.24 16.26 -37.17
CA ALA E 125 22.38 17.12 -36.00
C ALA E 125 23.82 17.09 -35.48
N GLU E 126 24.38 15.88 -35.34
CA GLU E 126 25.75 15.71 -34.86
C GLU E 126 26.73 16.41 -35.76
N TRP E 127 26.62 16.11 -37.05
CA TRP E 127 27.60 16.53 -38.04
C TRP E 127 27.85 18.04 -38.07
N PHE E 128 26.79 18.84 -38.10
CA PHE E 128 26.92 20.30 -38.06
C PHE E 128 27.61 20.77 -36.77
N THR E 129 27.20 20.21 -35.64
CA THR E 129 27.74 20.60 -34.34
C THR E 129 29.10 19.95 -34.07
N ALA E 130 29.46 18.96 -34.89
CA ALA E 130 30.69 18.22 -34.67
C ALA E 130 31.90 19.00 -35.14
N ASP E 131 32.91 19.05 -34.28
CA ASP E 131 34.20 19.66 -34.57
C ASP E 131 34.06 21.08 -35.12
N HIS E 132 33.58 21.96 -34.24
CA HIS E 132 33.46 23.37 -34.49
C HIS E 132 34.75 24.05 -33.99
N ALA E 133 35.49 24.66 -34.91
CA ALA E 133 36.79 25.26 -34.57
C ALA E 133 36.64 26.40 -33.56
N LEU E 134 37.32 26.26 -32.42
CA LEU E 134 37.27 27.29 -31.39
C LEU E 134 37.75 28.62 -31.96
N ASP E 135 38.91 28.60 -32.61
CA ASP E 135 39.41 29.78 -33.32
C ASP E 135 38.82 29.88 -34.72
N TYR E 136 38.33 31.07 -35.06
CA TYR E 136 37.61 31.31 -36.31
C TYR E 136 36.38 30.43 -36.44
N GLY E 137 35.44 30.61 -35.52
CA GLY E 137 34.22 29.82 -35.50
C GLY E 137 33.23 30.20 -36.59
N TYR E 138 33.63 31.16 -37.43
CA TYR E 138 32.77 31.62 -38.52
C TYR E 138 33.36 31.24 -39.88
N GLY E 139 34.27 30.27 -39.89
CA GLY E 139 34.91 29.85 -41.12
C GLY E 139 34.50 28.47 -41.63
N PRO E 140 35.41 27.78 -42.32
CA PRO E 140 35.22 26.46 -42.92
C PRO E 140 34.82 25.38 -41.91
N ARG E 141 35.65 25.18 -40.89
CA ARG E 141 35.35 24.21 -39.84
C ARG E 141 34.28 24.78 -38.90
N SER E 142 33.06 24.87 -39.39
CA SER E 142 31.97 25.46 -38.62
C SER E 142 30.61 24.99 -39.15
N PRO E 143 29.54 25.14 -38.35
CA PRO E 143 28.17 24.84 -38.80
C PRO E 143 27.83 25.50 -40.13
N LEU E 144 28.35 26.71 -40.33
CA LEU E 144 28.00 27.54 -41.49
C LEU E 144 28.75 27.16 -42.76
N GLY E 145 29.97 26.67 -42.60
CA GLY E 145 30.71 26.14 -43.74
C GLY E 145 30.08 24.83 -44.15
N LYS E 146 29.60 24.08 -43.17
CA LYS E 146 28.96 22.80 -43.42
C LYS E 146 27.55 23.01 -44.01
N LEU E 147 26.94 24.15 -43.73
CA LEU E 147 25.65 24.46 -44.33
C LEU E 147 25.81 24.77 -45.81
N VAL E 148 27.02 25.17 -46.19
CA VAL E 148 27.33 25.42 -47.59
C VAL E 148 27.66 24.11 -48.29
N GLU E 149 28.69 23.42 -47.81
CA GLU E 149 29.11 22.11 -48.33
C GLU E 149 27.92 21.16 -48.56
N ALA E 150 26.94 21.22 -47.66
CA ALA E 150 25.76 20.35 -47.74
C ALA E 150 24.58 21.06 -48.40
N LYS E 151 24.83 22.30 -48.82
CA LYS E 151 23.87 23.15 -49.53
C LYS E 151 22.52 23.28 -48.84
N GLY E 152 22.54 23.71 -47.59
CA GLY E 152 21.32 23.90 -46.86
C GLY E 152 20.59 25.17 -47.26
N LYS E 153 19.98 25.87 -46.33
CA LYS E 153 19.30 27.11 -46.61
C LYS E 153 19.30 27.96 -45.39
N VAL E 154 18.85 29.18 -45.55
CA VAL E 154 18.75 30.14 -44.46
C VAL E 154 17.36 30.76 -44.53
N LEU E 155 16.61 30.64 -43.45
CA LEU E 155 15.26 31.19 -43.40
C LEU E 155 15.15 32.30 -42.37
N MET E 156 15.01 33.52 -42.86
CA MET E 156 14.68 34.65 -42.00
C MET E 156 13.22 34.59 -41.65
N LEU E 157 12.87 33.93 -40.57
CA LEU E 157 11.47 33.81 -40.18
C LEU E 157 11.03 35.04 -39.38
N GLY E 158 10.53 36.05 -40.09
CA GLY E 158 10.07 37.26 -39.45
C GLY E 158 11.19 38.17 -38.98
N ALA E 159 12.42 37.64 -38.98
CA ALA E 159 13.58 38.36 -38.49
C ALA E 159 14.11 39.35 -39.52
N PRO E 160 14.64 40.49 -39.06
CA PRO E 160 15.24 41.52 -39.92
C PRO E 160 16.44 40.97 -40.70
N LEU E 161 16.63 41.48 -41.93
CA LEU E 161 17.56 40.87 -42.88
C LEU E 161 19.03 41.08 -42.56
N ASP E 162 19.32 41.92 -41.58
CA ASP E 162 20.69 42.21 -41.21
C ASP E 162 21.20 41.24 -40.13
N THR E 163 20.36 40.31 -39.72
CA THR E 163 20.73 39.35 -38.70
C THR E 163 21.21 38.05 -39.33
N MET E 164 21.38 38.07 -40.65
CA MET E 164 21.81 36.87 -41.37
C MET E 164 23.24 36.51 -41.00
N THR E 165 23.38 35.71 -39.94
CA THR E 165 24.69 35.34 -39.41
C THR E 165 25.59 34.70 -40.46
N LEU E 166 24.99 34.03 -41.43
CA LEU E 166 25.75 33.30 -42.45
C LEU E 166 26.73 34.18 -43.21
N LEU E 167 26.35 35.42 -43.47
CA LEU E 167 27.23 36.29 -44.27
C LEU E 167 28.52 36.66 -43.55
N HIS E 168 28.57 36.46 -42.23
CA HIS E 168 29.82 36.64 -41.50
C HIS E 168 30.85 35.61 -41.99
N HIS E 169 30.36 34.48 -42.48
CA HIS E 169 31.21 33.47 -43.07
C HIS E 169 31.73 33.95 -44.42
N ALA E 170 30.85 34.63 -45.15
CA ALA E 170 31.23 35.25 -46.41
C ALA E 170 32.38 36.23 -46.22
N GLU E 171 32.35 36.96 -45.11
CA GLU E 171 33.45 37.87 -44.76
C GLU E 171 34.74 37.10 -44.51
N HIS E 172 34.63 35.93 -43.89
CA HIS E 172 35.79 35.08 -43.64
C HIS E 172 36.47 34.69 -44.96
N LEU E 173 35.67 34.53 -46.00
CA LEU E 173 36.18 34.16 -47.31
C LEU E 173 36.49 35.35 -48.19
N ALA E 174 35.89 36.49 -47.90
CA ALA E 174 36.08 37.66 -48.75
C ALA E 174 37.53 38.10 -48.72
N ASP E 175 38.10 38.25 -49.91
CA ASP E 175 39.46 38.73 -50.05
C ASP E 175 39.46 40.23 -50.30
N PHE E 176 39.63 40.99 -49.24
CA PHE E 176 39.76 42.44 -49.35
C PHE E 176 40.74 42.93 -48.27
N PRO E 177 41.33 44.09 -48.42
CA PRO E 177 42.31 44.57 -47.45
C PRO E 177 41.77 45.03 -46.14
N ASN E 178 42.64 45.19 -45.15
CA ASN E 178 42.30 45.69 -43.80
C ASN E 178 41.25 45.02 -42.90
N LYS E 179 41.27 43.69 -42.79
CA LYS E 179 40.32 43.00 -41.94
C LYS E 179 40.71 43.25 -40.47
N ARG E 180 39.72 43.37 -39.59
CA ARG E 180 39.83 43.68 -38.17
C ARG E 180 39.90 42.40 -37.34
N ILE E 181 41.12 41.97 -37.03
CA ILE E 181 41.33 40.79 -36.20
C ILE E 181 40.96 41.10 -34.74
N LEU E 182 40.24 40.18 -34.11
CA LEU E 182 39.67 40.40 -32.79
C LEU E 182 40.07 39.30 -31.81
N ARG E 183 40.73 39.68 -30.71
CA ARG E 183 41.20 38.69 -29.74
C ARG E 183 40.59 38.89 -28.34
N TYR E 184 40.21 37.77 -27.72
CA TYR E 184 39.65 37.82 -26.37
C TYR E 184 39.96 36.55 -25.59
N GLU E 185 39.82 36.62 -24.28
CA GLU E 185 40.07 35.47 -23.41
C GLU E 185 38.75 34.98 -22.83
N ALA E 186 38.54 33.68 -22.81
CA ALA E 186 37.26 33.13 -22.36
C ALA E 186 37.41 31.77 -21.69
N PRO E 187 36.65 31.55 -20.61
CA PRO E 187 36.71 30.27 -19.90
C PRO E 187 35.98 29.18 -20.67
N ILE E 188 36.65 28.06 -20.89
CA ILE E 188 36.00 26.88 -21.46
C ILE E 188 36.29 25.66 -20.60
N LEU E 189 35.59 24.58 -20.90
CA LEU E 189 35.79 23.32 -20.19
C LEU E 189 36.67 22.39 -21.02
N VAL E 190 37.83 22.01 -20.49
CA VAL E 190 38.61 20.96 -21.10
C VAL E 190 38.71 19.79 -20.13
N ASP E 191 38.19 18.65 -20.56
CA ASP E 191 38.06 17.47 -19.72
C ASP E 191 37.37 17.79 -18.39
N GLY E 192 36.25 18.49 -18.48
CA GLY E 192 35.39 18.74 -17.34
C GLY E 192 35.91 19.75 -16.33
N GLU E 193 36.94 20.50 -16.72
CA GLU E 193 37.48 21.54 -15.84
C GLU E 193 37.72 22.84 -16.58
N LYS E 194 37.38 23.93 -15.92
CA LYS E 194 37.42 25.25 -16.53
C LYS E 194 38.85 25.76 -16.70
N VAL E 195 39.16 26.15 -17.94
CA VAL E 195 40.42 26.83 -18.24
C VAL E 195 40.12 28.08 -19.03
N TRP E 196 40.94 29.10 -18.84
CA TRP E 196 40.80 30.34 -19.59
C TRP E 196 41.61 30.26 -20.86
N ARG E 197 40.95 30.48 -22.00
CA ARG E 197 41.63 30.31 -23.28
C ARG E 197 41.54 31.54 -24.17
N TRP E 198 42.63 31.82 -24.87
CA TRP E 198 42.70 32.94 -25.80
C TRP E 198 42.12 32.60 -27.16
N PHE E 199 40.97 33.19 -27.46
CA PHE E 199 40.30 33.00 -28.72
C PHE E 199 40.75 34.06 -29.70
N GLU E 200 40.23 33.98 -30.93
CA GLU E 200 40.36 35.07 -31.89
C GLU E 200 39.64 34.79 -33.21
N GLU E 201 38.90 35.80 -33.66
CA GLU E 201 37.99 35.76 -34.80
C GLU E 201 38.36 36.86 -35.80
N PHE E 202 37.71 36.87 -36.97
CA PHE E 202 37.52 38.11 -37.71
C PHE E 202 36.32 38.79 -37.06
N ASP E 203 36.40 40.09 -36.81
CA ASP E 203 35.35 40.80 -36.08
C ASP E 203 33.99 40.63 -36.77
N THR E 204 33.00 40.20 -35.98
CA THR E 204 31.65 39.97 -36.48
C THR E 204 30.68 40.95 -35.85
N SER E 205 31.16 41.74 -34.91
CA SER E 205 30.29 42.59 -34.10
C SER E 205 29.88 43.88 -34.81
N ASP E 206 30.80 44.46 -35.59
CA ASP E 206 30.42 45.61 -36.38
C ASP E 206 31.19 45.48 -37.75
N PRO E 207 30.75 46.21 -38.77
CA PRO E 207 31.24 46.10 -40.14
C PRO E 207 32.62 46.49 -40.53
N PRO E 208 32.97 46.05 -41.80
CA PRO E 208 34.32 46.40 -42.21
C PRO E 208 34.38 47.87 -42.33
N ASP E 209 35.58 48.40 -42.28
CA ASP E 209 35.74 49.84 -42.31
C ASP E 209 35.05 50.39 -43.57
N GLY E 210 34.28 51.46 -43.40
CA GLY E 210 33.58 52.11 -44.50
C GLY E 210 32.17 51.74 -44.97
N LEU E 211 31.50 50.82 -44.27
CA LEU E 211 30.13 50.42 -44.66
C LEU E 211 29.19 50.57 -43.48
N ALA E 212 27.89 50.78 -43.69
CA ALA E 212 26.98 50.95 -42.57
C ALA E 212 26.80 49.59 -41.98
N ASP E 213 26.42 49.53 -40.73
CA ASP E 213 26.21 48.25 -40.13
C ASP E 213 25.05 47.60 -40.85
N ASP E 214 24.10 48.43 -41.22
CA ASP E 214 22.86 47.98 -41.83
C ASP E 214 23.05 47.18 -43.15
N TYR E 215 24.29 47.00 -43.60
CA TYR E 215 24.49 46.62 -45.00
C TYR E 215 24.21 45.16 -45.43
N PHE E 216 24.07 44.20 -44.51
CA PHE E 216 23.73 42.84 -44.96
C PHE E 216 22.38 42.83 -45.64
N ALA E 217 21.49 43.70 -45.18
CA ALA E 217 20.22 43.95 -45.83
C ALA E 217 20.46 44.36 -47.28
N GLY E 218 21.52 45.14 -47.50
CA GLY E 218 21.87 45.58 -48.83
C GLY E 218 22.20 44.44 -49.77
N ILE E 219 22.96 43.47 -49.29
CA ILE E 219 23.37 42.35 -50.12
C ILE E 219 22.24 41.34 -50.25
N VAL E 220 21.52 41.08 -49.15
CA VAL E 220 20.39 40.16 -49.22
C VAL E 220 19.39 40.67 -50.25
N GLU E 221 18.95 41.91 -50.12
CA GLU E 221 17.93 42.46 -51.02
C GLU E 221 18.34 42.46 -52.49
N GLU E 222 19.56 42.89 -52.80
CA GLU E 222 20.02 42.87 -54.18
C GLU E 222 20.21 41.46 -54.64
N PHE E 223 20.33 40.55 -53.70
CA PHE E 223 20.40 39.18 -54.10
C PHE E 223 18.99 38.67 -54.47
N LEU E 224 17.93 39.25 -53.91
CA LEU E 224 16.60 38.73 -54.24
C LEU E 224 16.27 39.12 -55.66
N ALA E 225 16.91 40.21 -56.09
CA ALA E 225 16.67 40.84 -57.37
C ALA E 225 17.13 39.99 -58.53
N THR E 226 17.97 39.01 -58.26
CA THR E 226 18.39 38.12 -59.32
C THR E 226 17.34 37.01 -59.50
N GLY E 227 16.39 36.95 -58.60
CA GLY E 227 15.33 35.96 -58.65
C GLY E 227 15.58 34.63 -57.98
N ARG E 228 16.73 34.48 -57.33
CA ARG E 228 17.14 33.24 -56.62
C ARG E 228 16.43 32.74 -55.34
N GLY E 229 16.13 33.64 -54.40
CA GLY E 229 15.50 33.27 -53.14
C GLY E 229 14.03 33.50 -53.22
N LYS E 230 13.27 33.13 -52.22
CA LYS E 230 11.86 33.43 -52.34
C LYS E 230 11.36 34.08 -51.07
N ARG E 231 10.36 34.94 -51.24
CA ARG E 231 9.80 35.69 -50.14
C ARG E 231 8.34 35.27 -49.95
N GLY E 232 7.93 35.14 -48.70
CA GLY E 232 6.58 34.69 -48.40
C GLY E 232 6.32 34.71 -46.91
N LYS E 233 5.10 34.32 -46.51
CA LYS E 233 4.71 34.44 -45.11
C LYS E 233 4.59 33.10 -44.40
N ILE E 234 5.27 33.01 -43.26
CA ILE E 234 5.08 31.90 -42.34
C ILE E 234 4.11 32.38 -41.26
N GLY E 235 2.93 31.76 -41.21
CA GLY E 235 1.88 32.26 -40.34
C GLY E 235 1.56 33.69 -40.76
N GLU E 236 1.56 34.63 -39.80
CA GLU E 236 1.38 36.04 -40.15
C GLU E 236 2.76 36.73 -40.13
N ALA E 237 3.82 35.97 -40.33
CA ALA E 237 5.13 36.60 -40.35
C ALA E 237 5.73 36.58 -41.74
N SER E 238 6.23 37.73 -42.19
CA SER E 238 6.94 37.78 -43.47
C SER E 238 8.31 37.13 -43.32
N SER E 239 8.65 36.27 -44.27
CA SER E 239 9.91 35.54 -44.18
C SER E 239 10.64 35.49 -45.53
N VAL E 240 11.90 35.08 -45.50
CA VAL E 240 12.72 34.96 -46.70
C VAL E 240 13.58 33.70 -46.66
N LEU E 241 13.41 32.82 -47.64
CA LEU E 241 14.22 31.61 -47.70
C LEU E 241 15.27 31.69 -48.81
N VAL E 242 16.54 31.70 -48.41
CA VAL E 242 17.64 31.70 -49.36
C VAL E 242 18.48 30.43 -49.24
N PRO E 243 19.03 29.98 -50.37
CA PRO E 243 20.09 28.96 -50.44
C PRO E 243 21.46 29.48 -49.99
N ALA E 244 22.13 28.71 -49.14
CA ALA E 244 23.39 29.15 -48.52
C ALA E 244 24.57 29.22 -49.48
N ASP E 245 24.78 28.17 -50.27
CA ASP E 245 25.94 28.09 -51.17
C ASP E 245 26.01 29.29 -52.10
N GLU E 246 24.87 29.62 -52.67
CA GLU E 246 24.76 30.73 -53.56
C GLU E 246 24.90 32.09 -52.98
N ILE E 247 24.32 32.28 -51.82
CA ILE E 247 24.26 33.62 -51.27
C ILE E 247 25.57 33.91 -50.55
N VAL E 248 26.27 32.86 -50.16
CA VAL E 248 27.63 32.99 -49.68
C VAL E 248 28.51 33.34 -50.88
N ALA E 249 28.19 32.75 -52.03
CA ALA E 249 28.94 33.00 -53.25
C ALA E 249 28.64 34.40 -53.79
N PHE E 250 27.43 34.88 -53.54
CA PHE E 250 27.03 36.21 -53.97
C PHE E 250 27.68 37.29 -53.12
N ALA E 251 27.55 37.15 -51.80
CA ALA E 251 28.13 38.12 -50.88
C ALA E 251 29.64 38.16 -51.01
N VAL E 252 30.26 37.01 -51.26
CA VAL E 252 31.72 36.94 -51.31
C VAL E 252 32.31 37.74 -52.47
N ASP E 253 31.76 37.67 -53.68
CA ASP E 253 32.37 38.42 -54.77
C ASP E 253 31.87 39.86 -54.79
N TRP E 254 30.91 40.16 -53.92
CA TRP E 254 30.46 41.52 -53.72
C TRP E 254 31.51 42.29 -52.91
N LEU E 255 31.87 41.72 -51.76
CA LEU E 255 32.92 42.26 -50.92
C LEU E 255 34.27 42.33 -51.63
N GLU E 256 34.63 41.25 -52.32
CA GLU E 256 35.91 41.19 -53.01
C GLU E 256 36.01 42.25 -54.10
N ARG E 257 34.87 42.63 -54.67
CA ARG E 257 34.89 43.66 -55.72
C ARG E 257 34.36 45.00 -55.18
N TRP E 258 33.91 45.03 -53.92
CA TRP E 258 33.72 46.31 -53.24
C TRP E 258 35.10 46.79 -52.77
N GLY E 259 36.00 45.83 -52.60
CA GLY E 259 37.26 46.07 -51.92
C GLY E 259 38.42 46.52 -52.80
N ARG E 260 38.22 46.65 -54.10
CA ARG E 260 39.34 47.18 -54.87
C ARG E 260 39.31 48.70 -54.81
N THR E 261 38.13 49.32 -54.81
CA THR E 261 38.10 50.77 -54.75
C THR E 261 38.13 51.31 -53.31
N ALA E 262 37.83 50.47 -52.33
CA ALA E 262 37.79 50.92 -50.94
C ALA E 262 39.16 50.94 -50.27
N ARG E 263 39.33 51.88 -49.33
CA ARG E 263 40.41 51.88 -48.32
C ARG E 263 40.34 53.15 -47.47
N ARG F 4 24.79 44.74 -4.70
CA ARG F 4 26.09 44.26 -5.18
C ARG F 4 25.89 43.11 -6.15
N VAL F 5 26.70 42.06 -6.05
CA VAL F 5 26.59 40.93 -6.98
C VAL F 5 26.60 39.63 -6.21
N SER F 6 25.86 38.64 -6.68
CA SER F 6 25.93 37.35 -6.04
C SER F 6 26.80 36.41 -6.87
N THR F 7 27.38 35.43 -6.20
CA THR F 7 28.17 34.42 -6.87
C THR F 7 27.60 33.04 -6.50
N ARG F 8 28.04 32.00 -7.20
CA ARG F 8 27.66 30.64 -6.84
C ARG F 8 28.01 30.42 -5.38
N SER F 9 29.04 31.13 -4.95
CA SER F 9 29.60 31.04 -3.61
C SER F 9 28.90 31.95 -2.60
N SER F 10 28.58 33.19 -2.97
CA SER F 10 27.87 34.04 -2.02
C SER F 10 26.44 33.54 -1.83
N LEU F 11 25.84 33.04 -2.91
CA LEU F 11 24.48 32.52 -2.86
C LEU F 11 24.35 31.28 -1.97
N ALA F 12 25.31 30.36 -2.08
CA ALA F 12 25.34 29.17 -1.25
C ALA F 12 25.36 29.55 0.23
N GLU F 13 26.08 30.63 0.54
CA GLU F 13 26.18 31.13 1.91
C GLU F 13 24.83 31.65 2.39
N ASP F 14 24.15 32.42 1.55
CA ASP F 14 22.84 32.96 1.88
C ASP F 14 21.81 31.85 2.10
N LEU F 15 21.91 30.80 1.29
CA LEU F 15 20.99 29.66 1.38
C LEU F 15 21.18 28.86 2.67
N ARG F 16 22.43 28.75 3.11
CA ARG F 16 22.73 27.99 4.32
C ARG F 16 22.28 28.75 5.56
N ALA F 17 22.22 30.08 5.47
CA ALA F 17 21.83 30.91 6.60
C ALA F 17 20.31 30.91 6.80
N ILE F 18 19.58 30.65 5.72
CA ILE F 18 18.13 30.54 5.79
C ILE F 18 17.77 29.11 6.23
N GLY F 19 18.68 28.16 5.95
CA GLY F 19 18.56 26.83 6.53
C GLY F 19 18.66 25.60 5.64
N LEU F 20 19.10 25.76 4.39
CA LEU F 20 19.34 24.60 3.52
C LEU F 20 20.49 23.75 4.07
N ALA F 21 20.26 22.45 4.19
CA ALA F 21 21.30 21.54 4.65
C ALA F 21 21.56 20.46 3.61
N ASP F 22 22.34 19.45 3.99
CA ASP F 22 22.70 18.38 3.08
C ASP F 22 21.63 17.29 3.01
N GLY F 23 21.26 16.92 1.79
CA GLY F 23 20.30 15.84 1.57
C GLY F 23 18.87 16.33 1.49
N ASP F 24 18.69 17.64 1.63
CA ASP F 24 17.36 18.23 1.66
C ASP F 24 16.71 18.25 0.29
N ALA F 25 15.43 17.91 0.25
CA ALA F 25 14.62 18.16 -0.93
C ALA F 25 13.86 19.46 -0.72
N VAL F 26 13.99 20.39 -1.64
CA VAL F 26 13.35 21.69 -1.48
C VAL F 26 12.58 22.13 -2.72
N LEU F 27 11.32 22.51 -2.53
CA LEU F 27 10.49 23.04 -3.60
C LEU F 27 10.63 24.55 -3.59
N VAL F 28 10.92 25.14 -4.75
CA VAL F 28 11.25 26.56 -4.83
C VAL F 28 10.31 27.37 -5.73
N HIS F 29 9.64 28.36 -5.14
CA HIS F 29 8.88 29.34 -5.89
C HIS F 29 9.66 30.65 -5.90
N ALA F 30 9.88 31.22 -7.08
CA ALA F 30 10.80 32.35 -7.18
C ALA F 30 10.30 33.53 -8.03
N ALA F 31 10.70 34.71 -7.62
CA ALA F 31 10.65 35.90 -8.46
C ALA F 31 12.08 36.33 -8.73
N LEU F 32 12.72 35.63 -9.66
CA LEU F 32 14.17 35.71 -9.87
C LEU F 32 14.75 37.12 -9.99
N ARG F 33 13.94 38.06 -10.49
CA ARG F 33 14.41 39.42 -10.67
C ARG F 33 14.82 40.12 -9.36
N LYS F 34 14.21 39.70 -8.25
CA LYS F 34 14.49 40.32 -6.96
C LYS F 34 15.85 39.93 -6.43
N VAL F 35 16.34 38.77 -6.84
CA VAL F 35 17.63 38.27 -6.39
C VAL F 35 18.74 39.25 -6.80
N GLY F 36 18.47 40.02 -7.85
CA GLY F 36 19.39 41.07 -8.25
C GLY F 36 20.42 40.56 -9.25
N LYS F 37 21.55 41.25 -9.32
CA LYS F 37 22.59 40.93 -10.29
C LYS F 37 23.40 39.71 -9.88
N ILE F 38 23.56 38.78 -10.82
CA ILE F 38 24.31 37.56 -10.60
C ILE F 38 25.38 37.46 -11.67
N VAL F 39 26.57 37.02 -11.27
CA VAL F 39 27.67 36.84 -12.20
C VAL F 39 27.29 35.89 -13.33
N GLY F 40 26.84 34.69 -12.98
CA GLY F 40 26.47 33.68 -13.97
C GLY F 40 24.99 33.54 -14.21
N GLY F 41 24.20 34.51 -13.75
CA GLY F 41 22.77 34.45 -13.92
C GLY F 41 22.09 33.44 -13.01
N PRO F 42 20.78 33.26 -13.17
CA PRO F 42 19.97 32.44 -12.25
C PRO F 42 20.43 30.99 -12.13
N ASP F 43 21.18 30.50 -13.11
CA ASP F 43 21.68 29.11 -13.06
C ASP F 43 22.69 28.91 -11.94
N ASP F 44 23.24 30.01 -11.41
CA ASP F 44 24.13 29.92 -10.25
C ASP F 44 23.35 29.61 -8.99
N ILE F 45 22.11 30.09 -8.95
CA ILE F 45 21.22 29.81 -7.84
C ILE F 45 21.04 28.30 -7.74
N LEU F 46 20.61 27.67 -8.83
CA LEU F 46 20.40 26.22 -8.83
C LEU F 46 21.70 25.49 -8.49
N ASP F 47 22.81 26.01 -9.00
CA ASP F 47 24.11 25.37 -8.77
C ASP F 47 24.57 25.56 -7.32
N ALA F 48 24.22 26.70 -6.73
CA ALA F 48 24.51 26.91 -5.31
C ALA F 48 23.70 25.94 -4.46
N MET F 49 22.42 25.80 -4.78
CA MET F 49 21.53 24.90 -4.05
C MET F 49 22.06 23.49 -4.12
N ARG F 50 22.42 23.05 -5.33
CA ARG F 50 22.91 21.69 -5.53
C ARG F 50 24.24 21.51 -4.80
N ASP F 51 24.99 22.60 -4.65
CA ASP F 51 26.21 22.58 -3.85
C ASP F 51 25.89 22.34 -2.39
N VAL F 52 24.90 23.06 -1.89
CA VAL F 52 24.50 22.96 -0.49
C VAL F 52 23.84 21.63 -0.13
N ILE F 53 22.81 21.25 -0.89
CA ILE F 53 22.00 20.09 -0.52
C ILE F 53 22.72 18.77 -0.75
N GLY F 54 23.78 18.81 -1.55
CA GLY F 54 24.51 17.61 -1.87
C GLY F 54 23.86 16.88 -3.03
N PRO F 55 24.42 15.73 -3.41
CA PRO F 55 23.98 14.91 -4.54
C PRO F 55 22.77 14.03 -4.21
N ALA F 56 22.45 13.92 -2.93
CA ALA F 56 21.27 13.18 -2.51
C ALA F 56 20.08 14.12 -2.44
N GLY F 57 20.37 15.41 -2.43
CA GLY F 57 19.34 16.42 -2.36
C GLY F 57 18.67 16.66 -3.70
N THR F 58 17.45 17.15 -3.66
CA THR F 58 16.65 17.37 -4.85
C THR F 58 16.06 18.78 -4.86
N VAL F 59 16.05 19.44 -6.03
CA VAL F 59 15.44 20.76 -6.17
C VAL F 59 14.25 20.70 -7.11
N LEU F 60 13.11 21.24 -6.66
CA LEU F 60 11.87 21.14 -7.45
C LEU F 60 11.30 22.51 -7.84
N GLY F 61 10.38 22.51 -8.81
CA GLY F 61 9.77 23.73 -9.28
C GLY F 61 8.48 23.47 -10.05
N TYR F 62 7.44 24.26 -9.77
CA TYR F 62 6.11 24.05 -10.35
C TYR F 62 6.03 24.40 -11.85
N ALA F 63 6.08 23.37 -12.69
CA ALA F 63 6.07 23.55 -14.14
C ALA F 63 4.67 23.82 -14.69
N ASP F 64 3.71 23.01 -14.28
CA ASP F 64 2.38 23.00 -14.88
C ASP F 64 2.53 22.76 -16.37
N TRP F 65 1.62 23.28 -17.17
CA TRP F 65 1.81 23.25 -18.62
C TRP F 65 1.09 24.44 -19.26
N GLN F 66 0.96 24.47 -20.57
CA GLN F 66 0.62 25.75 -21.18
C GLN F 66 -0.72 25.89 -21.88
N LEU F 67 -1.42 24.80 -22.14
CA LEU F 67 -2.51 24.89 -23.12
C LEU F 67 -3.94 24.64 -22.65
N GLU F 68 -4.28 24.72 -21.38
CA GLU F 68 -5.63 24.24 -21.04
C GLU F 68 -6.85 25.04 -21.52
N ASP F 69 -6.78 26.33 -21.41
CA ASP F 69 -7.94 27.10 -21.73
C ASP F 69 -8.26 27.05 -23.22
N GLU F 70 -7.27 26.60 -23.96
CA GLU F 70 -7.30 26.43 -25.40
C GLU F 70 -8.33 25.43 -25.82
N ILE F 71 -8.43 24.43 -24.98
CA ILE F 71 -9.25 23.26 -25.20
C ILE F 71 -10.70 23.64 -25.32
N ARG F 72 -11.09 24.65 -24.54
CA ARG F 72 -12.47 25.12 -24.57
C ARG F 72 -12.59 26.56 -25.09
N ASP F 73 -11.46 27.25 -25.27
CA ASP F 73 -11.49 28.62 -25.80
C ASP F 73 -12.09 28.64 -27.20
N ASP F 74 -11.51 27.86 -28.11
CA ASP F 74 -12.17 27.51 -29.35
C ASP F 74 -12.21 25.99 -29.41
N PRO F 75 -13.23 25.39 -28.78
CA PRO F 75 -13.31 23.95 -28.56
C PRO F 75 -13.68 23.22 -29.83
N ALA F 76 -12.94 23.49 -30.89
CA ALA F 76 -13.17 22.88 -32.17
C ALA F 76 -11.81 22.56 -32.77
N MET F 77 -10.79 23.01 -32.06
CA MET F 77 -9.41 22.79 -32.46
C MET F 77 -8.79 21.61 -31.74
N ARG F 78 -9.59 20.65 -31.31
CA ARG F 78 -9.02 19.57 -30.50
C ARG F 78 -7.96 18.81 -31.29
N GLU F 79 -8.13 18.81 -32.61
CA GLU F 79 -7.18 18.20 -33.54
C GLU F 79 -5.85 18.94 -33.68
N HIS F 80 -5.63 19.98 -32.89
CA HIS F 80 -4.46 20.83 -33.08
C HIS F 80 -3.71 21.08 -31.78
N ILE F 81 -4.34 20.73 -30.67
CA ILE F 81 -3.69 20.77 -29.37
C ILE F 81 -2.80 19.54 -29.23
N PRO F 82 -1.47 19.76 -29.13
CA PRO F 82 -0.59 18.62 -28.87
C PRO F 82 -0.88 18.02 -27.51
N ALA F 83 -0.69 16.71 -27.38
CA ALA F 83 -0.84 16.07 -26.07
C ALA F 83 0.19 16.64 -25.11
N PHE F 84 -0.15 16.65 -23.83
CA PHE F 84 0.82 16.95 -22.79
C PHE F 84 1.93 15.91 -22.87
N ASP F 85 3.18 16.40 -22.90
CA ASP F 85 4.33 15.54 -22.99
C ASP F 85 5.29 15.88 -21.85
N PRO F 86 5.36 15.01 -20.82
CA PRO F 86 6.20 15.24 -19.64
C PRO F 86 7.61 15.67 -20.02
N LEU F 87 8.15 15.04 -21.05
CA LEU F 87 9.53 15.27 -21.47
C LEU F 87 9.69 16.53 -22.32
N ARG F 88 8.60 17.02 -22.91
CA ARG F 88 8.71 18.09 -23.92
C ARG F 88 7.80 19.30 -23.75
N SER F 89 6.71 19.18 -23.00
CA SER F 89 5.77 20.30 -22.85
C SER F 89 6.38 21.37 -21.95
N ARG F 90 6.31 22.62 -22.37
CA ARG F 90 6.98 23.70 -21.64
C ARG F 90 6.14 24.24 -20.47
N SER F 91 6.84 24.76 -19.46
CA SER F 91 6.22 25.29 -18.27
C SER F 91 5.29 26.45 -18.57
N ILE F 92 4.18 26.51 -17.85
CA ILE F 92 3.32 27.68 -17.86
C ILE F 92 4.18 28.88 -17.48
N ARG F 93 4.01 29.99 -18.17
CA ARG F 93 4.94 31.11 -17.99
C ARG F 93 4.48 32.04 -16.87
N ASP F 94 3.33 31.74 -16.29
CA ASP F 94 2.79 32.53 -15.19
C ASP F 94 3.54 32.20 -13.90
N ASN F 95 4.24 31.07 -13.91
CA ASN F 95 5.00 30.62 -12.75
C ASN F 95 6.43 31.15 -12.77
N GLY F 96 6.76 31.86 -13.84
CA GLY F 96 8.07 32.47 -13.97
C GLY F 96 9.08 31.55 -14.63
N PHE F 97 10.32 32.03 -14.72
CA PHE F 97 11.37 31.32 -15.43
C PHE F 97 11.95 30.18 -14.60
N TRP F 98 11.94 30.32 -13.28
CA TRP F 98 12.56 29.33 -12.39
C TRP F 98 12.20 27.86 -12.71
N PRO F 99 10.90 27.54 -12.89
CA PRO F 99 10.64 26.12 -13.17
C PRO F 99 11.15 25.67 -14.54
N GLU F 100 11.07 26.55 -15.54
CA GLU F 100 11.55 26.24 -16.87
C GLU F 100 13.08 26.19 -16.88
N LEU F 101 13.69 26.83 -15.89
CA LEU F 101 15.14 26.71 -15.71
C LEU F 101 15.46 25.29 -15.29
N ILE F 102 14.82 24.85 -14.22
CA ILE F 102 14.98 23.50 -13.71
C ILE F 102 14.68 22.48 -14.81
N ARG F 103 13.52 22.61 -15.44
CA ARG F 103 13.07 21.62 -16.41
C ARG F 103 14.07 21.42 -17.54
N THR F 104 14.72 22.50 -17.97
CA THR F 104 15.61 22.42 -19.12
C THR F 104 17.09 22.19 -18.78
N THR F 105 17.39 22.00 -17.50
CA THR F 105 18.71 21.57 -17.08
C THR F 105 18.82 20.04 -17.25
N PRO F 106 19.92 19.55 -17.85
CA PRO F 106 20.14 18.12 -18.07
C PRO F 106 20.05 17.30 -16.79
N GLY F 107 19.21 16.27 -16.79
CA GLY F 107 19.06 15.43 -15.62
C GLY F 107 17.81 15.79 -14.83
N ALA F 108 17.07 16.77 -15.32
CA ALA F 108 15.80 17.13 -14.73
C ALA F 108 14.71 16.20 -15.25
N LEU F 109 13.80 15.84 -14.36
CA LEU F 109 12.67 14.99 -14.73
C LEU F 109 11.36 15.73 -14.47
N ARG F 110 10.30 15.32 -15.18
CA ARG F 110 9.00 15.95 -14.96
C ARG F 110 7.85 14.94 -14.85
N SER F 111 6.95 15.20 -13.91
CA SER F 111 5.86 14.27 -13.57
C SER F 111 4.71 14.27 -14.58
N ALA F 112 3.76 13.36 -14.38
CA ALA F 112 2.77 13.02 -15.40
C ALA F 112 1.44 13.79 -15.33
N SER F 113 1.05 14.26 -14.16
CA SER F 113 -0.21 15.02 -14.03
C SER F 113 -0.04 16.45 -14.53
N PRO F 114 -0.58 16.75 -15.73
CA PRO F 114 -0.29 17.99 -16.47
C PRO F 114 -0.44 19.25 -15.63
N GLY F 115 -1.63 19.48 -15.09
CA GLY F 115 -1.90 20.66 -14.30
C GLY F 115 -1.32 20.65 -12.89
N ALA F 116 -0.69 19.55 -12.51
CA ALA F 116 -0.04 19.50 -11.21
C ALA F 116 1.45 19.24 -11.37
N SER F 117 1.89 19.11 -12.63
CA SER F 117 3.23 18.61 -12.91
C SER F 117 4.31 19.49 -12.32
N MET F 118 5.40 18.86 -11.90
CA MET F 118 6.53 19.57 -11.31
C MET F 118 7.84 18.99 -11.83
N ALA F 119 8.87 19.82 -11.90
CA ALA F 119 10.18 19.36 -12.35
C ALA F 119 11.15 19.24 -11.16
N ALA F 120 11.93 18.16 -11.14
CA ALA F 120 12.89 17.94 -10.07
C ALA F 120 14.26 17.62 -10.65
N ILE F 121 15.31 17.90 -9.88
CA ILE F 121 16.67 17.57 -10.28
C ILE F 121 17.52 17.24 -9.05
N GLY F 122 18.25 16.13 -9.14
CA GLY F 122 19.05 15.66 -8.01
C GLY F 122 18.73 14.25 -7.56
N GLY F 123 19.33 13.85 -6.44
CA GLY F 123 19.26 12.49 -5.90
C GLY F 123 17.99 11.69 -6.05
N GLU F 124 16.86 12.23 -5.61
CA GLU F 124 15.60 11.49 -5.64
C GLU F 124 14.62 12.04 -6.68
N ALA F 125 15.15 12.52 -7.80
CA ALA F 125 14.29 13.13 -8.81
C ALA F 125 13.33 12.14 -9.49
N GLU F 126 13.76 10.88 -9.66
CA GLU F 126 12.87 9.88 -10.26
C GLU F 126 11.73 9.56 -9.29
N TRP F 127 12.05 9.45 -8.01
CA TRP F 127 11.05 9.08 -7.02
C TRP F 127 9.99 10.17 -6.84
N PHE F 128 10.42 11.43 -6.90
CA PHE F 128 9.48 12.54 -6.75
C PHE F 128 8.48 12.62 -7.92
N THR F 129 8.95 12.26 -9.10
CA THR F 129 8.16 12.45 -10.32
C THR F 129 7.38 11.20 -10.71
N ALA F 130 7.84 10.04 -10.24
CA ALA F 130 7.19 8.78 -10.58
C ALA F 130 5.77 8.72 -10.02
N ASP F 131 4.87 8.10 -10.79
CA ASP F 131 3.52 7.77 -10.33
C ASP F 131 2.72 8.98 -9.87
N HIS F 132 2.89 10.11 -10.53
CA HIS F 132 2.03 11.26 -10.28
C HIS F 132 0.62 10.91 -10.72
N ALA F 133 -0.27 10.66 -9.76
CA ALA F 133 -1.64 10.25 -10.08
C ALA F 133 -2.36 11.28 -10.94
N LEU F 134 -2.94 10.84 -12.06
CA LEU F 134 -3.59 11.74 -13.01
C LEU F 134 -4.76 12.52 -12.39
N ASP F 135 -5.71 11.80 -11.80
CA ASP F 135 -6.78 12.46 -11.05
C ASP F 135 -6.23 12.84 -9.69
N TYR F 136 -6.75 13.92 -9.13
CA TYR F 136 -6.34 14.41 -7.81
C TYR F 136 -4.82 14.52 -7.68
N GLY F 137 -4.22 15.26 -8.61
CA GLY F 137 -2.78 15.38 -8.67
C GLY F 137 -2.15 16.18 -7.54
N TYR F 138 -2.96 16.64 -6.59
CA TYR F 138 -2.42 17.41 -5.47
C TYR F 138 -2.54 16.61 -4.18
N GLY F 139 -2.86 15.33 -4.30
CA GLY F 139 -3.01 14.45 -3.15
C GLY F 139 -1.68 13.86 -2.73
N PRO F 140 -1.72 12.85 -1.85
CA PRO F 140 -0.50 12.14 -1.44
C PRO F 140 0.22 11.47 -2.61
N ARG F 141 -0.52 11.06 -3.65
CA ARG F 141 0.10 10.46 -4.83
C ARG F 141 0.65 11.52 -5.77
N SER F 142 1.61 12.30 -5.27
CA SER F 142 2.12 13.45 -6.00
C SER F 142 3.49 13.84 -5.45
N PRO F 143 4.24 14.68 -6.19
CA PRO F 143 5.54 15.15 -5.67
C PRO F 143 5.36 15.98 -4.41
N LEU F 144 4.17 16.54 -4.23
CA LEU F 144 3.84 17.34 -3.06
C LEU F 144 3.73 16.48 -1.80
N GLY F 145 2.90 15.45 -1.86
CA GLY F 145 2.71 14.55 -0.73
C GLY F 145 4.00 13.85 -0.38
N LYS F 146 4.80 13.58 -1.42
CA LYS F 146 6.11 12.96 -1.26
C LYS F 146 7.09 13.91 -0.57
N LEU F 147 6.96 15.21 -0.85
CA LEU F 147 7.77 16.23 -0.19
C LEU F 147 7.48 16.28 1.31
N VAL F 148 6.20 16.10 1.67
CA VAL F 148 5.82 15.95 3.07
C VAL F 148 6.47 14.70 3.69
N GLU F 149 6.22 13.56 3.06
CA GLU F 149 6.72 12.27 3.51
C GLU F 149 8.25 12.24 3.63
N ALA F 150 8.92 13.00 2.77
CA ALA F 150 10.38 13.03 2.78
C ALA F 150 10.91 14.06 3.77
N LYS F 151 9.99 14.73 4.46
CA LYS F 151 10.34 15.80 5.39
C LYS F 151 11.16 16.88 4.67
N GLY F 152 10.66 17.33 3.53
CA GLY F 152 11.34 18.35 2.74
C GLY F 152 11.03 19.76 3.20
N LYS F 153 11.37 20.72 2.35
CA LYS F 153 11.19 22.13 2.67
C LYS F 153 10.66 22.91 1.47
N VAL F 154 10.06 24.05 1.74
CA VAL F 154 9.58 24.95 0.70
C VAL F 154 10.25 26.31 0.87
N LEU F 155 10.84 26.81 -0.20
CA LEU F 155 11.56 28.09 -0.16
C LEU F 155 10.91 29.13 -1.06
N MET F 156 10.58 30.28 -0.50
CA MET F 156 10.04 31.40 -1.26
C MET F 156 11.15 32.36 -1.67
N LEU F 157 11.74 32.14 -2.84
CA LEU F 157 12.85 32.95 -3.27
C LEU F 157 12.38 34.31 -3.81
N GLY F 158 12.00 35.20 -2.90
CA GLY F 158 11.51 36.51 -3.30
C GLY F 158 10.13 36.46 -3.90
N ALA F 159 9.43 35.35 -3.66
CA ALA F 159 8.11 35.14 -4.23
C ALA F 159 7.02 35.63 -3.28
N PRO F 160 5.94 36.19 -3.85
CA PRO F 160 4.71 36.44 -3.09
C PRO F 160 4.24 35.15 -2.43
N LEU F 161 3.75 35.25 -1.20
CA LEU F 161 3.54 34.07 -0.36
C LEU F 161 2.35 33.20 -0.75
N ASP F 162 1.43 33.75 -1.56
CA ASP F 162 0.26 32.99 -1.96
C ASP F 162 0.51 32.14 -3.21
N THR F 163 1.79 31.93 -3.55
CA THR F 163 2.14 31.03 -4.64
C THR F 163 2.75 29.76 -4.09
N MET F 164 2.60 29.56 -2.79
CA MET F 164 3.06 28.34 -2.14
C MET F 164 2.10 27.20 -2.51
N THR F 165 2.38 26.55 -3.63
CA THR F 165 1.51 25.51 -4.17
C THR F 165 1.31 24.33 -3.21
N LEU F 166 2.25 24.11 -2.30
CA LEU F 166 2.13 23.04 -1.32
C LEU F 166 0.86 23.15 -0.47
N LEU F 167 0.30 24.35 -0.38
CA LEU F 167 -0.88 24.55 0.45
C LEU F 167 -2.14 24.03 -0.24
N HIS F 168 -2.03 23.76 -1.54
CA HIS F 168 -3.12 23.07 -2.25
C HIS F 168 -3.17 21.61 -1.85
N HIS F 169 -2.01 21.06 -1.51
CA HIS F 169 -1.93 19.71 -0.95
C HIS F 169 -2.60 19.68 0.42
N ALA F 170 -2.56 20.82 1.13
CA ALA F 170 -3.23 20.95 2.41
C ALA F 170 -4.75 20.94 2.24
N GLU F 171 -5.22 21.67 1.23
CA GLU F 171 -6.64 21.68 0.88
C GLU F 171 -7.18 20.28 0.59
N HIS F 172 -6.38 19.45 -0.09
CA HIS F 172 -6.84 18.12 -0.50
C HIS F 172 -7.13 17.21 0.69
N LEU F 173 -6.23 17.23 1.66
CA LEU F 173 -6.28 16.41 2.86
C LEU F 173 -7.04 17.07 3.99
N ALA F 174 -7.92 18.01 3.67
CA ALA F 174 -8.32 18.92 4.74
C ALA F 174 -9.59 18.56 5.49
N ASP F 175 -10.57 17.90 4.89
CA ASP F 175 -11.83 17.59 5.62
C ASP F 175 -12.51 18.87 6.16
N PHE F 176 -12.97 19.70 5.24
CA PHE F 176 -13.88 20.80 5.56
C PHE F 176 -15.04 20.70 4.57
N PRO F 177 -16.21 21.23 4.93
CA PRO F 177 -17.38 20.98 4.08
C PRO F 177 -17.34 21.70 2.73
N ASN F 178 -17.97 21.06 1.75
CA ASN F 178 -18.26 21.62 0.43
C ASN F 178 -17.03 21.99 -0.39
N LYS F 179 -16.00 21.15 -0.31
CA LYS F 179 -14.88 21.23 -1.23
C LYS F 179 -15.40 21.14 -2.65
N ARG F 180 -14.95 22.03 -3.53
CA ARG F 180 -15.39 21.99 -4.92
C ARG F 180 -14.65 20.90 -5.71
N ILE F 181 -15.38 20.24 -6.60
CA ILE F 181 -14.79 19.23 -7.48
C ILE F 181 -14.70 19.75 -8.91
N LEU F 182 -13.51 19.68 -9.49
CA LEU F 182 -13.28 20.23 -10.82
C LEU F 182 -13.06 19.13 -11.84
N ARG F 183 -13.88 19.12 -12.89
CA ARG F 183 -13.69 18.18 -13.99
C ARG F 183 -13.34 18.90 -15.29
N TYR F 184 -12.41 18.32 -16.04
CA TYR F 184 -11.98 18.89 -17.31
C TYR F 184 -11.34 17.83 -18.18
N GLU F 185 -11.26 18.10 -19.48
CA GLU F 185 -10.62 17.17 -20.40
C GLU F 185 -9.31 17.72 -20.95
N ALA F 186 -8.41 16.81 -21.29
CA ALA F 186 -7.06 17.17 -21.71
C ALA F 186 -6.41 16.03 -22.48
N PRO F 187 -5.56 16.37 -23.46
CA PRO F 187 -4.85 15.37 -24.27
C PRO F 187 -3.56 14.88 -23.61
N ILE F 188 -3.48 13.58 -23.34
CA ILE F 188 -2.27 12.98 -22.82
C ILE F 188 -1.70 12.00 -23.83
N LEU F 189 -0.51 11.47 -23.54
CA LEU F 189 0.06 10.40 -24.35
C LEU F 189 -0.11 9.06 -23.67
N VAL F 190 -0.77 8.19 -24.41
CA VAL F 190 -1.00 6.80 -24.04
C VAL F 190 -0.41 5.99 -25.17
N ASP F 191 0.55 5.11 -24.86
CA ASP F 191 1.19 4.31 -25.89
C ASP F 191 1.79 5.13 -27.03
N GLY F 192 2.44 6.24 -26.69
CA GLY F 192 3.13 7.03 -27.68
C GLY F 192 2.20 7.82 -28.58
N GLU F 193 0.89 7.76 -28.29
CA GLU F 193 -0.05 8.51 -29.10
C GLU F 193 -1.13 9.21 -28.27
N LYS F 194 -1.75 10.19 -28.90
CA LYS F 194 -2.66 11.11 -28.24
C LYS F 194 -4.01 10.51 -27.89
N VAL F 195 -4.35 10.59 -26.61
CA VAL F 195 -5.65 10.21 -26.12
C VAL F 195 -6.24 11.39 -25.35
N TRP F 196 -7.53 11.62 -25.53
CA TRP F 196 -8.23 12.63 -24.74
C TRP F 196 -8.76 12.03 -23.44
N ARG F 197 -8.43 12.66 -22.32
CA ARG F 197 -8.84 12.12 -21.02
C ARG F 197 -9.68 13.12 -20.25
N TRP F 198 -10.52 12.61 -19.37
CA TRP F 198 -11.24 13.45 -18.42
C TRP F 198 -10.56 13.45 -17.07
N PHE F 199 -10.25 14.64 -16.56
CA PHE F 199 -9.60 14.74 -15.27
C PHE F 199 -10.57 15.18 -14.19
N GLU F 200 -10.24 14.80 -12.96
CA GLU F 200 -10.99 15.23 -11.79
C GLU F 200 -9.99 15.49 -10.67
N GLU F 201 -10.26 16.52 -9.89
CA GLU F 201 -9.38 16.91 -8.80
C GLU F 201 -10.11 17.91 -7.94
N PHE F 202 -9.58 18.23 -6.77
CA PHE F 202 -10.11 19.37 -6.07
C PHE F 202 -9.61 20.57 -6.82
N ASP F 203 -10.47 21.58 -6.85
CA ASP F 203 -10.30 22.76 -7.66
C ASP F 203 -9.25 23.70 -7.03
N THR F 204 -8.12 23.87 -7.70
CA THR F 204 -7.05 24.71 -7.19
C THR F 204 -7.06 26.08 -7.85
N SER F 205 -8.04 26.28 -8.73
CA SER F 205 -8.18 27.54 -9.45
C SER F 205 -8.90 28.59 -8.60
N ASP F 206 -9.83 28.14 -7.75
CA ASP F 206 -10.49 29.04 -6.82
C ASP F 206 -10.25 28.57 -5.39
N PRO F 207 -10.16 29.53 -4.44
CA PRO F 207 -10.09 29.13 -3.04
C PRO F 207 -11.42 28.54 -2.62
N PRO F 208 -11.45 27.78 -1.50
CA PRO F 208 -12.71 27.26 -0.99
C PRO F 208 -13.74 28.38 -0.88
N ASP F 209 -15.00 28.08 -1.16
CA ASP F 209 -16.03 29.13 -1.14
C ASP F 209 -16.04 29.82 0.21
N GLY F 210 -15.69 31.11 0.20
CA GLY F 210 -15.75 31.92 1.40
C GLY F 210 -14.49 32.71 1.69
N LEU F 211 -13.39 32.35 1.04
CA LEU F 211 -12.10 32.95 1.39
C LEU F 211 -11.50 33.80 0.27
N ALA F 212 -10.57 34.67 0.66
CA ALA F 212 -9.90 35.56 -0.28
C ALA F 212 -8.98 34.77 -1.20
N ASP F 213 -8.70 35.31 -2.38
CA ASP F 213 -7.87 34.63 -3.38
C ASP F 213 -6.43 34.46 -2.92
N ASP F 214 -6.04 35.20 -1.89
CA ASP F 214 -4.66 35.13 -1.41
C ASP F 214 -4.56 34.61 0.01
N TYR F 215 -5.55 33.85 0.45
CA TYR F 215 -5.60 33.41 1.83
C TYR F 215 -4.42 32.50 2.19
N PHE F 216 -3.76 31.94 1.17
CA PHE F 216 -2.54 31.17 1.38
C PHE F 216 -1.48 32.01 2.10
N ALA F 217 -1.40 33.28 1.72
CA ALA F 217 -0.42 34.20 2.28
C ALA F 217 -0.66 34.47 3.76
N GLY F 218 -1.93 34.54 4.14
CA GLY F 218 -2.28 34.75 5.53
C GLY F 218 -1.88 33.54 6.35
N ILE F 219 -2.04 32.37 5.76
CA ILE F 219 -1.68 31.13 6.44
C ILE F 219 -0.16 31.08 6.65
N VAL F 220 0.60 31.40 5.62
CA VAL F 220 2.06 31.36 5.72
C VAL F 220 2.55 32.34 6.78
N GLU F 221 1.89 33.48 6.89
CA GLU F 221 2.29 34.49 7.86
C GLU F 221 1.89 34.09 9.26
N GLU F 222 0.70 33.51 9.39
CA GLU F 222 0.31 32.92 10.67
C GLU F 222 1.33 31.87 11.08
N PHE F 223 1.76 31.04 10.12
CA PHE F 223 2.73 29.99 10.42
C PHE F 223 4.05 30.57 10.94
N LEU F 224 4.51 31.64 10.30
CA LEU F 224 5.76 32.27 10.70
C LEU F 224 5.69 32.83 12.12
N ALA F 225 4.50 33.27 12.51
CA ALA F 225 4.27 33.84 13.83
C ALA F 225 4.41 32.82 14.96
N THR F 226 4.45 31.53 14.61
CA THR F 226 4.61 30.49 15.62
C THR F 226 6.09 30.26 15.94
N GLY F 227 6.96 30.82 15.10
CA GLY F 227 8.39 30.77 15.31
C GLY F 227 9.11 29.68 14.51
N ARG F 228 8.35 28.80 13.87
CA ARG F 228 8.92 27.62 13.25
C ARG F 228 9.47 27.83 11.85
N GLY F 229 9.13 28.96 11.24
CA GLY F 229 9.68 29.27 9.92
C GLY F 229 11.03 29.97 10.03
N LYS F 230 11.58 30.37 8.89
CA LYS F 230 12.86 31.09 8.87
C LYS F 230 12.91 32.07 7.71
N ARG F 231 13.18 33.33 8.02
CA ARG F 231 13.21 34.39 7.01
C ARG F 231 14.66 34.84 6.79
N GLY F 232 14.97 35.27 5.58
CA GLY F 232 16.32 35.67 5.24
C GLY F 232 16.40 36.26 3.85
N LYS F 233 17.59 36.70 3.44
CA LYS F 233 17.75 37.30 2.13
C LYS F 233 18.69 36.48 1.25
N ILE F 234 18.17 36.01 0.12
CA ILE F 234 18.98 35.32 -0.87
C ILE F 234 19.33 36.30 -1.99
N GLY F 235 20.62 36.63 -2.10
CA GLY F 235 21.02 37.74 -2.95
C GLY F 235 20.37 39.00 -2.42
N GLU F 236 19.58 39.67 -3.25
CA GLU F 236 18.83 40.85 -2.84
C GLU F 236 17.35 40.53 -2.64
N ALA F 237 17.02 39.26 -2.53
CA ALA F 237 15.61 38.85 -2.49
C ALA F 237 15.18 38.35 -1.12
N SER F 238 14.17 39.02 -0.55
CA SER F 238 13.59 38.60 0.71
C SER F 238 12.96 37.21 0.58
N SER F 239 13.41 36.29 1.41
CA SER F 239 12.94 34.91 1.29
C SER F 239 12.42 34.34 2.61
N VAL F 240 11.77 33.18 2.51
CA VAL F 240 11.25 32.45 3.64
C VAL F 240 11.53 30.98 3.42
N LEU F 241 12.10 30.31 4.43
CA LEU F 241 12.25 28.86 4.36
C LEU F 241 11.34 28.22 5.39
N VAL F 242 10.43 27.35 4.93
CA VAL F 242 9.54 26.62 5.84
C VAL F 242 9.63 25.12 5.60
N PRO F 243 9.47 24.31 6.67
CA PRO F 243 9.51 22.86 6.47
C PRO F 243 8.17 22.35 5.97
N ALA F 244 8.21 21.51 4.92
CA ALA F 244 7.00 21.12 4.21
C ALA F 244 5.99 20.35 5.07
N ASP F 245 6.46 19.44 5.92
CA ASP F 245 5.55 18.62 6.72
C ASP F 245 4.82 19.46 7.77
N GLU F 246 5.53 20.40 8.38
CA GLU F 246 4.95 21.24 9.43
C GLU F 246 3.95 22.27 8.90
N ILE F 247 4.21 22.84 7.72
CA ILE F 247 3.29 23.86 7.23
C ILE F 247 2.04 23.22 6.64
N VAL F 248 2.15 21.96 6.25
CA VAL F 248 0.97 21.25 5.76
C VAL F 248 0.09 20.91 6.96
N ALA F 249 0.73 20.45 8.03
CA ALA F 249 0.00 20.13 9.26
C ALA F 249 -0.78 21.32 9.78
N PHE F 250 -0.13 22.48 9.77
CA PHE F 250 -0.68 23.71 10.33
C PHE F 250 -1.81 24.27 9.47
N ALA F 251 -1.59 24.30 8.16
CA ALA F 251 -2.64 24.68 7.22
C ALA F 251 -3.79 23.66 7.25
N VAL F 252 -3.48 22.38 7.45
CA VAL F 252 -4.51 21.37 7.59
C VAL F 252 -5.38 21.64 8.81
N ASP F 253 -4.76 21.87 9.96
CA ASP F 253 -5.51 22.17 11.19
C ASP F 253 -6.33 23.44 11.01
N TRP F 254 -5.76 24.39 10.28
CA TRP F 254 -6.37 25.69 9.99
C TRP F 254 -7.68 25.59 9.20
N LEU F 255 -7.71 24.71 8.21
CA LEU F 255 -8.88 24.60 7.34
C LEU F 255 -9.99 23.77 7.99
N GLU F 256 -9.62 22.78 8.80
CA GLU F 256 -10.61 21.94 9.47
C GLU F 256 -11.38 22.74 10.50
N ARG F 257 -10.66 23.61 11.21
CA ARG F 257 -11.24 24.43 12.26
C ARG F 257 -12.20 25.47 11.68
N TRP F 258 -11.90 25.91 10.47
CA TRP F 258 -12.70 26.89 9.75
C TRP F 258 -13.94 26.26 9.12
N GLY F 259 -13.81 25.01 8.70
CA GLY F 259 -14.95 24.27 8.17
C GLY F 259 -15.92 23.90 9.27
N ARG F 260 -15.64 24.35 10.48
CA ARG F 260 -16.48 24.05 11.64
C ARG F 260 -17.07 25.30 12.31
N THR F 261 -17.03 26.43 11.63
CA THR F 261 -17.48 27.69 12.23
C THR F 261 -18.42 28.53 11.37
N ALA F 262 -19.66 28.69 11.82
CA ALA F 262 -20.53 29.70 11.22
C ALA F 262 -20.18 31.08 11.78
#